data_7CX1
#
_entry.id   7CX1
#
_cell.length_a   131.490
_cell.length_b   131.490
_cell.length_c   385.660
_cell.angle_alpha   90.000
_cell.angle_beta   90.000
_cell.angle_gamma   120.000
#
_symmetry.space_group_name_H-M   'P 61 2 2'
#
loop_
_entity.id
_entity.type
_entity.pdbx_description
1 polymer Decarboxylase
2 non-polymer 4-[(2R)-2-(methylamino)propyl]phenol
3 water water
#
_entity_poly.entity_id   1
_entity_poly.type   'polypeptide(L)'
_entity_poly.pdbx_seq_one_letter_code
;MKNEKLAKGEMNLNALFIGDKAENGQLYKDLLIDLVDEHLGWRQNYMPQDMPVISSQERTSKSYEKTVNHMKDVLNEISS
RMRTHSVPWHTAGRYWGHMNSETLMPSLLAYNFAMLWNGNNVAYESSPATSQMEEEVGHEFAHLMSYKNGWGHIVADGSL
ANLEGLWYARNIKSLPFAMKEVKPELVAGKSDWELLNMPTKEIMDLLESAEDEIDEIKAHSARSGKHLQAIGKWLVPQTK
HYSWLKAADIIGIGLDQVIPVPVDHNYRMDINELEKIVRGLAEEQIPVLGVVGVVGSTEEGAVDSIDKIIALRDELMKDG
IYYYVHVDAAYGGYGRAIFLDEDNNFIPYEDLQDVHEEYGVFKEKKEHISREVYDAYKAIELAESVTIDPH(LLP)MGYI
PYSAGGIVIQDIRMRDVISYFATYVFEKGADIPALLGAYILEGSKAGATAASVWAAHHVLPLNVAGYGKLIGASIEGSHH
FYNFLNDLTFKVGDKEIEVHTLTHPDFNMVDYVFKEKGNDDLVAMNKLNHDVYDYASYVKGNIYNNEFITSHTDFAIPDY
GNSPLKFVNSLGFSDEEWNRAGKVTVLRAAVMTPYMNDKEEFDVYAPKIQAALQEKLEQIYDVK
;
_entity_poly.pdbx_strand_id   A,B,C
#
loop_
_chem_comp.id
_chem_comp.type
_chem_comp.name
_chem_comp.formula
GKU non-polymer 4-[(2R)-2-(methylamino)propyl]phenol 'C10 H15 N O'
#
# COMPACT_ATOMS: atom_id res chain seq x y z
N LYS A 8 28.66 -16.29 36.15
CA LYS A 8 29.62 -16.71 37.16
C LYS A 8 31.06 -16.69 36.63
N GLY A 9 31.35 -15.79 35.68
CA GLY A 9 32.68 -15.67 35.10
C GLY A 9 32.98 -16.69 34.01
N GLU A 10 33.47 -17.88 34.42
CA GLU A 10 33.73 -19.01 33.51
C GLU A 10 34.07 -20.30 34.27
N MET A 11 33.18 -21.29 34.17
CA MET A 11 33.30 -22.58 34.82
C MET A 11 34.31 -23.52 34.16
N ASN A 12 34.75 -24.50 34.95
CA ASN A 12 35.85 -25.40 34.62
C ASN A 12 35.30 -26.79 34.29
N LEU A 13 35.28 -27.14 33.00
CA LEU A 13 34.70 -28.41 32.61
C LEU A 13 35.36 -29.56 33.33
N ASN A 14 36.64 -29.41 33.70
CA ASN A 14 37.37 -30.49 34.35
C ASN A 14 36.82 -30.85 35.74
N ALA A 15 36.03 -30.03 36.37
CA ALA A 15 35.40 -30.45 37.61
C ALA A 15 34.08 -31.20 37.40
N LEU A 16 33.65 -31.39 36.15
CA LEU A 16 32.32 -31.92 35.90
C LEU A 16 32.36 -33.35 35.36
N PHE A 17 33.52 -33.98 35.43
CA PHE A 17 33.71 -35.35 34.98
C PHE A 17 34.56 -36.12 35.99
N ILE A 18 34.20 -37.38 36.21
CA ILE A 18 35.01 -38.25 37.05
C ILE A 18 36.45 -38.25 36.55
N GLY A 19 36.62 -38.23 35.24
CA GLY A 19 37.93 -38.06 34.66
C GLY A 19 38.46 -39.21 33.84
N ASP A 20 39.28 -38.88 32.83
CA ASP A 20 39.91 -39.91 32.02
C ASP A 20 40.72 -40.87 32.87
N LYS A 21 41.21 -40.42 34.01
CA LYS A 21 41.94 -41.31 34.89
C LYS A 21 41.40 -41.25 36.29
N ALA A 22 40.09 -41.02 36.41
CA ALA A 22 39.40 -40.93 37.70
C ALA A 22 40.03 -39.84 38.59
N GLU A 23 40.59 -38.80 37.97
CA GLU A 23 41.20 -37.70 38.72
C GLU A 23 40.27 -37.11 39.76
N ASN A 24 38.97 -37.10 39.48
CA ASN A 24 37.96 -36.60 40.40
C ASN A 24 37.19 -37.72 41.07
N GLY A 25 37.78 -38.91 41.16
CA GLY A 25 37.08 -40.02 41.78
C GLY A 25 36.65 -39.71 43.19
N GLN A 26 37.53 -39.08 43.99
CA GLN A 26 37.19 -38.79 45.37
C GLN A 26 36.07 -37.80 45.44
N LEU A 27 36.15 -36.77 44.59
CA LEU A 27 35.10 -35.77 44.54
C LEU A 27 33.76 -36.43 44.24
N TYR A 28 33.73 -37.31 43.23
CA TYR A 28 32.51 -38.03 42.91
C TYR A 28 32.01 -38.84 44.10
N LYS A 29 32.88 -39.66 44.71
CA LYS A 29 32.40 -40.48 45.82
C LYS A 29 31.87 -39.62 46.96
N ASP A 30 32.59 -38.55 47.30
CA ASP A 30 32.15 -37.72 48.43
C ASP A 30 30.78 -37.12 48.17
N LEU A 31 30.58 -36.56 46.97
CA LEU A 31 29.28 -35.99 46.63
C LEU A 31 28.25 -37.09 46.53
N LEU A 32 28.63 -38.21 45.94
CA LEU A 32 27.74 -39.34 45.83
C LEU A 32 27.26 -39.78 47.19
N ILE A 33 28.20 -39.95 48.15
CA ILE A 33 27.84 -40.41 49.49
C ILE A 33 27.10 -39.30 50.25
N ASP A 34 27.49 -38.05 50.06
CA ASP A 34 26.70 -37.00 50.70
C ASP A 34 25.25 -37.11 50.27
N LEU A 35 25.01 -37.32 48.97
CA LEU A 35 23.66 -37.41 48.45
C LEU A 35 22.93 -38.61 49.04
N VAL A 36 23.54 -39.78 48.99
CA VAL A 36 22.92 -40.93 49.65
C VAL A 36 22.56 -40.60 51.10
N ASP A 37 23.46 -39.90 51.81
CA ASP A 37 23.19 -39.67 53.23
C ASP A 37 21.98 -38.79 53.39
N GLU A 38 21.82 -37.79 52.54
CA GLU A 38 20.64 -36.93 52.62
C GLU A 38 19.38 -37.73 52.33
N HIS A 39 19.45 -38.69 51.43
CA HIS A 39 18.29 -39.55 51.21
C HIS A 39 17.99 -40.40 52.43
N LEU A 40 19.03 -41.05 52.98
CA LEU A 40 18.81 -41.89 54.16
C LEU A 40 18.19 -41.05 55.28
N GLY A 41 18.72 -39.85 55.50
CA GLY A 41 18.18 -39.00 56.55
C GLY A 41 16.74 -38.64 56.29
N TRP A 42 16.41 -38.38 55.03
CA TRP A 42 15.01 -38.15 54.67
C TRP A 42 14.15 -39.36 55.02
N ARG A 43 14.59 -40.58 54.66
CA ARG A 43 13.78 -41.75 55.00
C ARG A 43 13.50 -41.82 56.50
N GLN A 44 14.54 -41.62 57.31
CA GLN A 44 14.42 -41.84 58.75
C GLN A 44 13.44 -40.89 59.39
N ASN A 45 13.32 -39.68 58.85
CA ASN A 45 12.51 -38.67 59.51
C ASN A 45 11.16 -38.50 58.86
N TYR A 46 10.81 -39.35 57.90
CA TYR A 46 9.41 -39.62 57.63
C TYR A 46 8.90 -40.51 58.77
N MET A 47 7.99 -39.97 59.59
CA MET A 47 7.45 -40.70 60.73
C MET A 47 8.57 -41.14 61.68
N PRO A 48 9.26 -40.19 62.29
CA PRO A 48 10.38 -40.54 63.18
C PRO A 48 9.97 -41.45 64.34
N GLN A 49 8.69 -41.47 64.70
CA GLN A 49 8.17 -42.35 65.75
C GLN A 49 8.22 -43.83 65.38
N ASP A 50 8.29 -44.17 64.10
CA ASP A 50 8.32 -45.58 63.73
C ASP A 50 9.67 -46.23 64.07
N MET A 51 9.61 -47.37 64.71
CA MET A 51 10.89 -48.03 64.93
C MET A 51 11.27 -48.83 63.71
N PRO A 52 12.58 -49.02 63.47
CA PRO A 52 13.02 -49.79 62.31
C PRO A 52 12.42 -51.19 62.31
N VAL A 53 11.95 -51.62 61.16
CA VAL A 53 11.37 -52.95 61.05
C VAL A 53 12.46 -54.02 61.07
N ILE A 54 13.61 -53.73 60.47
CA ILE A 54 14.72 -54.67 60.45
C ILE A 54 15.53 -54.47 61.73
N SER A 55 15.52 -55.49 62.59
CA SER A 55 16.12 -55.41 63.91
C SER A 55 17.64 -55.50 63.84
N SER A 56 18.30 -55.08 64.91
CA SER A 56 19.75 -55.25 64.98
C SER A 56 20.12 -56.73 64.88
N GLN A 57 19.39 -57.57 65.60
CA GLN A 57 19.67 -59.00 65.58
C GLN A 57 19.52 -59.55 64.16
N GLU A 58 18.50 -59.10 63.44
CA GLU A 58 18.33 -59.51 62.06
C GLU A 58 19.57 -59.20 61.24
N ARG A 59 20.08 -57.98 61.36
CA ARG A 59 21.17 -57.52 60.53
C ARG A 59 22.50 -58.22 60.82
N THR A 60 22.65 -58.89 61.97
CA THR A 60 23.85 -59.69 62.20
C THR A 60 23.57 -61.18 62.18
N SER A 61 22.35 -61.60 61.87
CA SER A 61 22.04 -63.01 61.78
C SER A 61 22.74 -63.64 60.58
N LYS A 62 22.75 -64.97 60.58
CA LYS A 62 23.42 -65.77 59.56
C LYS A 62 22.63 -65.73 58.24
N SER A 63 21.30 -65.74 58.34
CA SER A 63 20.49 -65.65 57.13
C SER A 63 20.82 -64.40 56.35
N TYR A 64 20.91 -63.28 57.07
CA TYR A 64 21.30 -62.00 56.49
C TYR A 64 22.67 -62.10 55.82
N GLU A 65 23.63 -62.69 56.51
CA GLU A 65 25.00 -62.78 55.99
C GLU A 65 25.08 -63.58 54.70
N LYS A 66 24.41 -64.72 54.64
CA LYS A 66 24.50 -65.53 53.44
C LYS A 66 23.83 -64.81 52.27
N THR A 67 22.75 -64.09 52.55
CA THR A 67 22.12 -63.32 51.49
C THR A 67 23.03 -62.17 51.05
N VAL A 68 23.64 -61.46 52.00
CA VAL A 68 24.58 -60.40 51.62
C VAL A 68 25.75 -60.98 50.85
N ASN A 69 26.22 -62.16 51.24
CA ASN A 69 27.31 -62.78 50.51
C ASN A 69 26.85 -63.20 49.12
N HIS A 70 25.65 -63.76 49.00
CA HIS A 70 25.18 -64.11 47.68
C HIS A 70 25.09 -62.85 46.82
N MET A 71 24.59 -61.75 47.39
CA MET A 71 24.55 -60.48 46.66
C MET A 71 25.93 -60.01 46.25
N LYS A 72 26.91 -60.12 47.16
CA LYS A 72 28.27 -59.74 46.79
C LYS A 72 28.76 -60.61 45.64
N ASP A 73 28.42 -61.90 45.68
CA ASP A 73 28.81 -62.80 44.61
C ASP A 73 28.28 -62.32 43.27
N VAL A 74 26.99 -61.96 43.23
CA VAL A 74 26.37 -61.51 42.00
C VAL A 74 27.07 -60.24 41.50
N LEU A 75 27.28 -59.27 42.38
CA LEU A 75 27.92 -58.02 41.98
C LEU A 75 29.35 -58.27 41.51
N ASN A 76 30.04 -59.23 42.12
CA ASN A 76 31.37 -59.55 41.64
C ASN A 76 31.34 -60.12 40.23
N GLU A 77 30.30 -60.89 39.90
CA GLU A 77 30.20 -61.34 38.53
C GLU A 77 29.81 -60.20 37.60
N ILE A 78 28.90 -59.34 38.04
CA ILE A 78 28.60 -58.18 37.21
C ILE A 78 29.87 -57.37 36.98
N SER A 79 30.65 -57.16 38.04
CA SER A 79 31.86 -56.36 37.94
C SER A 79 32.88 -57.02 37.03
N SER A 80 33.03 -58.33 37.13
CA SER A 80 33.99 -59.00 36.28
C SER A 80 33.62 -58.83 34.82
N ARG A 81 32.35 -59.02 34.50
CA ARG A 81 31.89 -58.91 33.11
C ARG A 81 32.02 -57.49 32.59
N MET A 82 31.61 -56.49 33.39
CA MET A 82 31.75 -55.09 32.99
C MET A 82 33.21 -54.72 32.75
N ARG A 83 34.10 -55.19 33.63
CA ARG A 83 35.51 -54.81 33.56
C ARG A 83 36.27 -55.60 32.51
N THR A 84 35.62 -56.58 31.89
CA THR A 84 36.28 -57.32 30.83
C THR A 84 35.95 -56.75 29.45
N HIS A 85 34.68 -56.38 29.23
CA HIS A 85 34.21 -56.09 27.89
C HIS A 85 33.74 -54.66 27.63
N SER A 86 33.57 -53.83 28.66
CA SER A 86 33.03 -52.51 28.39
C SER A 86 34.08 -51.65 27.68
N VAL A 87 33.58 -50.60 27.02
CA VAL A 87 34.42 -49.79 26.13
C VAL A 87 35.12 -48.67 26.89
N PRO A 88 36.44 -48.55 26.74
CA PRO A 88 37.19 -47.54 27.52
C PRO A 88 37.12 -46.12 26.95
N TRP A 89 35.94 -45.66 26.55
CA TRP A 89 35.83 -44.32 25.99
C TRP A 89 35.98 -43.20 27.00
N HIS A 90 36.19 -43.49 28.27
CA HIS A 90 36.48 -42.42 29.20
C HIS A 90 37.86 -41.82 28.95
N THR A 91 38.72 -42.53 28.24
CA THR A 91 40.08 -42.06 27.96
C THR A 91 40.05 -40.70 27.27
N ALA A 92 41.10 -39.90 27.51
CA ALA A 92 41.09 -38.51 27.05
C ALA A 92 41.22 -38.39 25.54
N GLY A 93 42.12 -39.16 24.91
CA GLY A 93 42.38 -39.05 23.48
C GLY A 93 42.77 -40.36 22.77
N ARG A 94 42.21 -41.47 23.20
CA ARG A 94 42.48 -42.72 22.52
C ARG A 94 41.22 -43.33 21.91
N TYR A 95 40.05 -42.87 22.32
CA TYR A 95 38.80 -43.40 21.83
C TYR A 95 38.27 -42.42 20.79
N TRP A 96 38.24 -42.88 19.53
CA TRP A 96 37.87 -42.04 18.40
C TRP A 96 36.83 -42.76 17.57
N GLY A 97 35.63 -42.91 18.13
CA GLY A 97 34.59 -43.72 17.50
C GLY A 97 33.17 -43.22 17.72
N HIS A 98 32.39 -44.01 18.43
CA HIS A 98 30.97 -43.77 18.64
C HIS A 98 30.74 -42.57 19.55
N MET A 99 29.46 -42.18 19.60
CA MET A 99 28.99 -40.98 20.29
C MET A 99 28.99 -41.21 21.80
N ASN A 100 30.20 -41.41 22.33
CA ASN A 100 30.34 -41.75 23.75
C ASN A 100 31.65 -41.20 24.28
N SER A 101 31.56 -40.48 25.39
CA SER A 101 32.71 -40.18 26.24
C SER A 101 32.33 -40.40 27.70
N GLU A 102 32.90 -39.61 28.59
CA GLU A 102 32.33 -39.52 29.91
C GLU A 102 30.96 -38.87 29.85
N THR A 103 30.21 -38.98 30.94
CA THR A 103 29.00 -38.21 31.15
C THR A 103 29.18 -37.26 32.31
N LEU A 104 28.33 -36.25 32.36
CA LEU A 104 28.44 -35.20 33.38
C LEU A 104 28.24 -35.76 34.79
N MET A 105 29.22 -35.51 35.65
CA MET A 105 29.14 -35.93 37.05
C MET A 105 27.87 -35.48 37.74
N PRO A 106 27.44 -34.23 37.62
CA PRO A 106 26.19 -33.84 38.27
C PRO A 106 25.00 -34.68 37.80
N SER A 107 24.99 -35.13 36.54
CA SER A 107 23.91 -36.03 36.10
C SER A 107 24.02 -37.38 36.76
N LEU A 108 25.20 -38.00 36.70
CA LEU A 108 25.46 -39.24 37.42
C LEU A 108 25.02 -39.11 38.87
N LEU A 109 25.43 -38.03 39.53
CA LEU A 109 25.14 -37.90 40.95
C LEU A 109 23.65 -37.76 41.16
N ALA A 110 23.01 -36.88 40.37
CA ALA A 110 21.59 -36.65 40.55
C ALA A 110 20.80 -37.91 40.23
N TYR A 111 21.24 -38.67 39.21
CA TYR A 111 20.50 -39.87 38.87
C TYR A 111 20.48 -40.86 40.02
N ASN A 112 21.65 -41.21 40.55
CA ASN A 112 21.63 -42.19 41.65
C ASN A 112 20.84 -41.63 42.84
N PHE A 113 20.99 -40.34 43.11
CA PHE A 113 20.20 -39.70 44.17
C PHE A 113 18.70 -39.88 43.90
N ALA A 114 18.26 -39.54 42.69
CA ALA A 114 16.84 -39.61 42.38
C ALA A 114 16.33 -41.05 42.44
N MET A 115 17.13 -41.98 41.93
CA MET A 115 16.74 -43.38 41.89
C MET A 115 16.39 -43.93 43.28
N LEU A 116 16.99 -43.39 44.36
CA LEU A 116 16.65 -43.89 45.69
C LEU A 116 15.21 -43.62 46.05
N TRP A 117 14.64 -42.56 45.49
CA TRP A 117 13.21 -42.29 45.59
C TRP A 117 12.42 -43.06 44.53
N ASN A 118 13.02 -43.32 43.37
CA ASN A 118 12.40 -44.13 42.33
C ASN A 118 11.03 -43.57 41.91
N GLY A 119 10.95 -42.26 41.75
CA GLY A 119 9.70 -41.65 41.36
C GLY A 119 9.36 -41.97 39.91
N ASN A 120 8.07 -42.03 39.65
CA ASN A 120 7.54 -42.29 38.33
C ASN A 120 7.02 -40.97 37.75
N ASN A 121 7.61 -40.53 36.63
CA ASN A 121 7.20 -39.25 36.06
C ASN A 121 5.97 -39.33 35.16
N VAL A 122 5.44 -40.54 34.91
CA VAL A 122 4.22 -40.65 34.11
C VAL A 122 3.06 -40.01 34.84
N ALA A 123 3.17 -39.79 36.16
CA ALA A 123 2.07 -39.23 36.93
C ALA A 123 2.60 -38.34 38.05
N TYR A 124 2.28 -37.04 37.98
CA TYR A 124 2.68 -36.07 38.99
C TYR A 124 2.56 -36.57 40.43
N GLU A 125 1.45 -37.25 40.76
CA GLU A 125 1.29 -37.73 42.12
C GLU A 125 2.45 -38.63 42.52
N SER A 126 2.99 -39.38 41.57
CA SER A 126 4.02 -40.34 41.92
C SER A 126 5.34 -39.66 42.32
N SER A 127 5.58 -38.42 41.84
CA SER A 127 6.83 -37.75 42.10
C SER A 127 6.78 -36.28 41.69
N PRO A 128 6.20 -35.43 42.54
CA PRO A 128 6.06 -34.02 42.15
C PRO A 128 7.38 -33.36 41.82
N ALA A 129 8.42 -33.63 42.59
CA ALA A 129 9.68 -32.92 42.36
C ALA A 129 10.30 -33.27 41.01
N THR A 130 10.42 -34.57 40.69
CA THR A 130 11.03 -34.89 39.41
C THR A 130 10.05 -34.62 38.27
N SER A 131 8.75 -34.62 38.59
CA SER A 131 7.72 -34.27 37.63
C SER A 131 7.80 -32.78 37.28
N GLN A 132 7.84 -31.92 38.31
CA GLN A 132 8.12 -30.50 38.11
C GLN A 132 9.45 -30.30 37.39
N MET A 133 10.46 -31.10 37.73
CA MET A 133 11.74 -30.94 37.06
C MET A 133 11.64 -31.21 35.57
N GLU A 134 10.84 -32.22 35.17
CA GLU A 134 10.74 -32.56 33.75
C GLU A 134 10.00 -31.49 32.96
N GLU A 135 8.97 -30.89 33.56
CA GLU A 135 8.33 -29.74 32.94
C GLU A 135 9.35 -28.64 32.65
N GLU A 136 10.17 -28.31 33.64
CA GLU A 136 11.16 -27.27 33.41
C GLU A 136 12.15 -27.70 32.34
N VAL A 137 12.53 -28.99 32.30
CA VAL A 137 13.39 -29.49 31.23
C VAL A 137 12.73 -29.28 29.88
N GLY A 138 11.41 -29.46 29.82
CA GLY A 138 10.71 -29.24 28.56
C GLY A 138 10.84 -27.79 28.12
N HIS A 139 10.52 -26.87 29.01
CA HIS A 139 10.73 -25.46 28.73
C HIS A 139 12.19 -25.15 28.43
N GLU A 140 13.12 -25.87 29.04
CA GLU A 140 14.52 -25.59 28.73
C GLU A 140 14.86 -26.08 27.33
N PHE A 141 14.31 -27.22 26.92
CA PHE A 141 14.41 -27.67 25.53
C PHE A 141 13.84 -26.62 24.57
N ALA A 142 12.68 -26.05 24.91
CA ALA A 142 12.05 -25.07 24.03
C ALA A 142 12.93 -23.85 23.86
N HIS A 143 13.34 -23.24 24.97
CA HIS A 143 14.22 -22.07 24.88
C HIS A 143 15.54 -22.44 24.24
N LEU A 144 15.98 -23.69 24.35
CA LEU A 144 17.19 -24.07 23.61
C LEU A 144 16.97 -23.99 22.10
N MET A 145 15.72 -24.19 21.66
CA MET A 145 15.31 -24.14 20.27
C MET A 145 14.73 -22.79 19.87
N SER A 146 14.81 -21.79 20.75
CA SER A 146 14.24 -20.46 20.55
C SER A 146 12.73 -20.50 20.28
N TYR A 147 12.07 -21.59 20.66
CA TYR A 147 10.63 -21.62 20.57
C TYR A 147 10.03 -20.61 21.52
N LYS A 148 9.17 -19.81 20.94
CA LYS A 148 8.46 -18.84 21.69
C LYS A 148 7.28 -19.70 22.14
N ASN A 149 7.02 -19.77 23.42
CA ASN A 149 5.92 -20.59 23.92
C ASN A 149 5.87 -22.03 23.35
N GLY A 150 7.02 -22.70 23.31
CA GLY A 150 7.10 -24.10 22.90
C GLY A 150 7.00 -25.05 24.08
N TRP A 151 7.46 -26.28 23.88
CA TRP A 151 7.39 -27.29 24.94
C TRP A 151 8.26 -28.46 24.56
N GLY A 152 8.39 -29.38 25.51
CA GLY A 152 9.14 -30.60 25.29
C GLY A 152 9.03 -31.46 26.52
N HIS A 153 9.59 -32.66 26.42
CA HIS A 153 9.62 -33.58 27.55
C HIS A 153 10.71 -34.57 27.26
N ILE A 154 11.12 -35.34 28.30
CA ILE A 154 12.16 -36.34 28.10
C ILE A 154 11.50 -37.56 27.46
N VAL A 155 12.23 -38.20 26.56
CA VAL A 155 11.75 -39.39 25.86
C VAL A 155 12.79 -40.47 26.10
N ALA A 156 12.32 -41.72 26.16
CA ALA A 156 13.23 -42.83 26.45
C ALA A 156 14.47 -42.78 25.57
N ASP A 157 14.35 -42.39 24.30
CA ASP A 157 15.53 -42.27 23.44
C ASP A 157 15.14 -41.50 22.17
N GLY A 158 16.12 -41.35 21.28
CA GLY A 158 15.89 -40.56 20.08
C GLY A 158 14.87 -41.21 19.17
N SER A 159 15.07 -42.49 18.87
CA SER A 159 14.16 -43.25 18.03
C SER A 159 12.72 -43.06 18.47
N LEU A 160 12.44 -43.22 19.76
CA LEU A 160 11.06 -43.05 20.18
C LEU A 160 10.64 -41.60 20.08
N ALA A 161 11.58 -40.67 20.27
CA ALA A 161 11.23 -39.27 20.08
C ALA A 161 10.93 -38.99 18.60
N ASN A 162 11.73 -39.58 17.69
CA ASN A 162 11.43 -39.51 16.26
C ASN A 162 10.05 -40.07 15.97
N LEU A 163 9.76 -41.28 16.47
CA LEU A 163 8.43 -41.84 16.32
C LEU A 163 7.37 -40.85 16.80
N GLU A 164 7.59 -40.23 17.97
CA GLU A 164 6.64 -39.23 18.45
C GLU A 164 6.58 -38.02 17.49
N GLY A 165 7.67 -37.73 16.81
CA GLY A 165 7.58 -36.72 15.77
C GLY A 165 6.57 -37.09 14.69
N LEU A 166 6.65 -38.34 14.19
CA LEU A 166 5.67 -38.78 13.21
C LEU A 166 4.27 -38.85 13.81
N TRP A 167 4.15 -39.29 15.05
CA TRP A 167 2.85 -39.27 15.69
C TRP A 167 2.25 -37.87 15.60
N TYR A 168 3.03 -36.85 15.93
CA TYR A 168 2.56 -35.49 15.80
C TYR A 168 2.20 -35.16 14.34
N ALA A 169 3.14 -35.35 13.43
CA ALA A 169 2.88 -34.96 12.05
C ALA A 169 1.69 -35.72 11.48
N ARG A 170 1.69 -37.06 11.61
CA ARG A 170 0.59 -37.87 11.09
C ARG A 170 -0.76 -37.35 11.56
N ASN A 171 -0.87 -37.06 12.85
CA ASN A 171 -2.12 -36.58 13.40
C ASN A 171 -2.42 -35.17 12.94
N ILE A 172 -1.38 -34.38 12.69
CA ILE A 172 -1.60 -32.99 12.30
C ILE A 172 -2.20 -32.92 10.89
N LYS A 173 -1.60 -33.62 9.94
CA LYS A 173 -2.10 -33.56 8.55
C LYS A 173 -3.53 -34.10 8.47
N SER A 174 -3.93 -34.93 9.41
CA SER A 174 -5.25 -35.60 9.35
C SER A 174 -6.33 -34.70 9.94
N LEU A 175 -5.92 -33.69 10.67
CA LEU A 175 -6.89 -32.85 11.38
C LEU A 175 -7.73 -32.00 10.41
N PRO A 176 -7.21 -31.37 9.34
CA PRO A 176 -8.08 -30.66 8.42
C PRO A 176 -9.23 -31.53 7.90
N PHE A 177 -8.93 -32.73 7.40
CA PHE A 177 -9.96 -33.66 6.86
C PHE A 177 -10.99 -33.95 7.96
N ALA A 178 -10.53 -34.05 9.20
CA ALA A 178 -11.43 -34.42 10.32
C ALA A 178 -12.25 -33.21 10.75
N MET A 179 -11.75 -32.02 10.47
CA MET A 179 -12.53 -30.82 10.78
C MET A 179 -13.69 -30.77 9.78
N LYS A 180 -13.46 -31.19 8.53
CA LYS A 180 -14.51 -31.16 7.49
C LYS A 180 -15.62 -32.13 7.87
N GLU A 181 -15.30 -33.11 8.70
CA GLU A 181 -16.31 -34.13 9.06
C GLU A 181 -17.06 -33.73 10.34
N VAL A 182 -16.44 -32.99 11.25
CA VAL A 182 -17.11 -32.73 12.57
C VAL A 182 -17.61 -31.30 12.67
N LYS A 183 -16.78 -30.34 12.32
CA LYS A 183 -17.22 -28.93 12.29
C LYS A 183 -16.70 -28.33 10.99
N PRO A 184 -17.29 -28.66 9.82
CA PRO A 184 -16.75 -28.19 8.54
C PRO A 184 -16.70 -26.67 8.41
N GLU A 185 -17.41 -25.96 9.28
CA GLU A 185 -17.35 -24.47 9.29
C GLU A 185 -15.89 -24.02 9.38
N LEU A 186 -15.08 -24.66 10.23
CA LEU A 186 -13.66 -24.25 10.43
C LEU A 186 -12.95 -24.27 9.08
N VAL A 187 -13.31 -25.23 8.24
CA VAL A 187 -12.59 -25.38 6.95
C VAL A 187 -13.58 -25.21 5.80
N ALA A 188 -14.51 -24.27 5.95
CA ALA A 188 -15.51 -24.01 4.89
C ALA A 188 -14.83 -23.33 3.71
N GLY A 189 -15.12 -23.80 2.51
CA GLY A 189 -14.53 -23.20 1.33
C GLY A 189 -13.11 -23.63 1.07
N LYS A 190 -12.59 -24.58 1.84
CA LYS A 190 -11.24 -25.05 1.65
C LYS A 190 -11.32 -26.23 0.69
N SER A 191 -10.45 -26.24 -0.32
CA SER A 191 -10.43 -27.37 -1.24
C SER A 191 -10.14 -28.63 -0.43
N ASP A 192 -10.09 -29.80 -1.08
CA ASP A 192 -9.52 -30.95 -0.39
C ASP A 192 -8.00 -30.86 -0.35
N TRP A 193 -7.38 -30.54 -1.49
CA TRP A 193 -5.93 -30.42 -1.50
C TRP A 193 -5.46 -29.24 -0.65
N GLU A 194 -6.29 -28.22 -0.49
CA GLU A 194 -5.95 -27.14 0.43
C GLU A 194 -5.88 -27.65 1.86
N LEU A 195 -6.81 -28.53 2.23
CA LEU A 195 -6.82 -29.11 3.57
C LEU A 195 -5.53 -29.88 3.85
N LEU A 196 -5.02 -30.64 2.86
CA LEU A 196 -3.77 -31.38 2.97
C LEU A 196 -2.53 -30.47 2.81
N ASN A 197 -2.68 -29.16 2.91
CA ASN A 197 -1.55 -28.26 2.80
C ASN A 197 -1.71 -27.05 3.72
N MET A 198 -2.60 -27.14 4.70
CA MET A 198 -2.70 -26.10 5.70
C MET A 198 -1.42 -26.05 6.54
N PRO A 199 -0.89 -24.85 6.80
CA PRO A 199 0.27 -24.75 7.70
C PRO A 199 -0.09 -25.26 9.09
N THR A 200 0.89 -25.88 9.75
CA THR A 200 0.66 -26.43 11.09
C THR A 200 -0.03 -25.41 11.99
N LYS A 201 0.37 -24.13 11.90
CA LYS A 201 -0.23 -23.14 12.81
C LYS A 201 -1.72 -22.93 12.51
N GLU A 202 -2.08 -22.83 11.23
CA GLU A 202 -3.51 -22.67 10.92
C GLU A 202 -4.30 -23.84 11.48
N ILE A 203 -3.80 -25.07 11.32
CA ILE A 203 -4.47 -26.23 11.90
C ILE A 203 -4.61 -26.06 13.41
N MET A 204 -3.56 -25.54 14.06
CA MET A 204 -3.57 -25.46 15.52
C MET A 204 -4.51 -24.36 16.00
N ASP A 205 -4.52 -23.24 15.29
CA ASP A 205 -5.39 -22.11 15.65
C ASP A 205 -6.83 -22.56 15.49
N LEU A 206 -7.08 -23.35 14.47
CA LEU A 206 -8.47 -23.79 14.21
C LEU A 206 -8.91 -24.78 15.28
N LEU A 207 -8.03 -25.72 15.66
CA LEU A 207 -8.42 -26.75 16.64
C LEU A 207 -8.71 -26.05 17.96
N GLU A 208 -7.82 -25.15 18.39
CA GLU A 208 -8.02 -24.50 19.71
C GLU A 208 -9.24 -23.59 19.63
N SER A 209 -9.65 -23.22 18.42
CA SER A 209 -10.87 -22.40 18.26
C SER A 209 -12.10 -23.23 18.59
N ALA A 210 -12.13 -24.51 18.22
CA ALA A 210 -13.34 -25.34 18.43
C ALA A 210 -13.25 -26.06 19.77
N GLU A 211 -13.37 -25.34 20.88
CA GLU A 211 -13.17 -25.94 22.22
C GLU A 211 -14.04 -27.16 22.46
N ASP A 212 -15.36 -27.03 22.28
CA ASP A 212 -16.24 -28.15 22.64
C ASP A 212 -16.17 -29.26 21.59
N GLU A 213 -15.40 -29.08 20.53
CA GLU A 213 -15.41 -30.09 19.46
C GLU A 213 -14.02 -30.70 19.32
N ILE A 214 -13.09 -30.30 20.18
CA ILE A 214 -11.69 -30.79 20.06
C ILE A 214 -11.74 -32.30 20.16
N ASP A 215 -12.45 -32.79 21.17
CA ASP A 215 -12.49 -34.25 21.40
C ASP A 215 -12.96 -34.96 20.13
N GLU A 216 -14.07 -34.52 19.55
CA GLU A 216 -14.64 -35.21 18.37
C GLU A 216 -13.73 -35.08 17.15
N ILE A 217 -13.16 -33.91 16.89
CA ILE A 217 -12.20 -33.81 15.75
C ILE A 217 -11.09 -34.85 15.92
N LYS A 218 -10.52 -34.95 17.12
CA LYS A 218 -9.40 -35.90 17.35
C LYS A 218 -9.90 -37.34 17.19
N ALA A 219 -11.16 -37.57 17.52
CA ALA A 219 -11.76 -38.91 17.36
C ALA A 219 -11.84 -39.29 15.89
N HIS A 220 -11.94 -38.30 15.01
CA HIS A 220 -12.04 -38.56 13.55
C HIS A 220 -10.66 -38.34 12.92
N SER A 221 -9.62 -38.20 13.74
CA SER A 221 -8.25 -37.97 13.22
C SER A 221 -7.55 -39.28 12.91
N ALA A 222 -6.26 -39.24 12.65
CA ALA A 222 -5.48 -40.45 12.31
C ALA A 222 -5.44 -41.38 13.52
N ARG A 223 -5.85 -40.88 14.67
CA ARG A 223 -5.96 -41.69 15.89
C ARG A 223 -6.96 -42.80 15.65
N SER A 224 -8.01 -42.53 14.86
CA SER A 224 -9.07 -43.51 14.56
C SER A 224 -8.55 -44.61 13.65
N GLY A 225 -7.57 -44.28 12.83
CA GLY A 225 -7.03 -45.24 11.90
C GLY A 225 -7.29 -44.87 10.47
N LYS A 226 -8.12 -43.86 10.23
CA LYS A 226 -8.55 -43.54 8.89
C LYS A 226 -7.64 -42.48 8.27
N HIS A 227 -7.54 -42.53 6.93
CA HIS A 227 -6.85 -41.54 6.10
C HIS A 227 -5.32 -41.54 6.26
N LEU A 228 -4.72 -42.69 6.54
CA LEU A 228 -3.29 -42.72 6.81
C LEU A 228 -2.47 -42.71 5.54
N GLN A 229 -3.02 -43.21 4.44
CA GLN A 229 -2.33 -43.03 3.18
C GLN A 229 -2.74 -41.74 2.51
N ALA A 230 -3.86 -41.16 2.94
CA ALA A 230 -4.31 -39.91 2.37
C ALA A 230 -3.40 -38.74 2.78
N ILE A 231 -2.69 -38.87 3.91
CA ILE A 231 -1.98 -37.74 4.49
C ILE A 231 -0.60 -37.49 3.90
N GLY A 232 -0.08 -38.39 3.09
CA GLY A 232 1.02 -38.03 2.21
C GLY A 232 2.33 -38.74 2.53
N LYS A 233 3.37 -38.30 1.85
CA LYS A 233 4.66 -38.97 1.89
C LYS A 233 5.57 -38.32 2.91
N TRP A 234 6.35 -39.17 3.59
CA TRP A 234 7.32 -38.75 4.59
C TRP A 234 8.71 -38.74 3.96
N LEU A 235 9.31 -37.56 3.91
CA LEU A 235 10.60 -37.38 3.22
C LEU A 235 11.73 -37.30 4.24
N VAL A 236 12.83 -38.00 3.95
CA VAL A 236 13.94 -38.08 4.93
C VAL A 236 15.22 -38.07 4.13
N PRO A 237 16.36 -37.66 4.73
CA PRO A 237 17.63 -37.73 4.03
C PRO A 237 17.93 -39.19 3.71
N GLN A 238 18.56 -39.45 2.57
CA GLN A 238 18.79 -40.85 2.15
C GLN A 238 19.74 -41.54 3.13
N THR A 239 20.44 -40.77 3.93
CA THR A 239 21.45 -41.32 4.88
C THR A 239 20.81 -41.34 6.26
N LYS A 240 19.49 -41.39 6.33
CA LYS A 240 18.77 -41.30 7.61
C LYS A 240 19.05 -42.46 8.56
N HIS A 241 18.63 -42.29 9.81
CA HIS A 241 18.78 -43.36 10.81
C HIS A 241 17.62 -44.34 10.65
N TYR A 242 17.89 -45.62 10.81
CA TYR A 242 16.86 -46.66 10.64
C TYR A 242 15.68 -46.39 11.56
N SER A 243 15.90 -45.64 12.62
CA SER A 243 14.71 -45.37 13.43
C SER A 243 13.62 -44.74 12.58
N TRP A 244 14.00 -44.05 11.52
CA TRP A 244 13.01 -43.35 10.70
C TRP A 244 12.17 -44.34 9.89
N LEU A 245 12.83 -45.34 9.29
CA LEU A 245 12.10 -46.45 8.73
C LEU A 245 11.16 -47.05 9.79
N LYS A 246 11.75 -47.48 10.92
CA LYS A 246 10.96 -48.01 12.03
C LYS A 246 9.81 -47.07 12.40
N ALA A 247 10.05 -45.77 12.39
CA ALA A 247 8.98 -44.84 12.75
C ALA A 247 7.83 -44.92 11.75
N ALA A 248 8.14 -44.93 10.46
CA ALA A 248 7.10 -45.02 9.43
C ALA A 248 6.29 -46.30 9.61
N ASP A 249 6.98 -47.44 9.56
CA ASP A 249 6.41 -48.75 9.87
C ASP A 249 5.44 -48.69 11.05
N ILE A 250 5.93 -48.30 12.22
CA ILE A 250 5.12 -48.33 13.44
C ILE A 250 3.94 -47.37 13.35
N ILE A 251 4.15 -46.16 12.82
CA ILE A 251 3.15 -45.12 13.00
C ILE A 251 1.91 -45.30 12.11
N GLY A 252 2.00 -46.13 11.05
CA GLY A 252 0.85 -46.46 10.23
C GLY A 252 0.99 -46.06 8.77
N ILE A 253 1.71 -44.98 8.48
CA ILE A 253 1.92 -44.62 7.09
C ILE A 253 2.74 -45.70 6.37
N GLY A 254 3.59 -46.43 7.07
CA GLY A 254 4.26 -47.57 6.48
C GLY A 254 5.49 -47.21 5.67
N LEU A 255 6.32 -48.23 5.40
CA LEU A 255 7.57 -48.05 4.68
C LEU A 255 7.37 -47.43 3.30
N ASP A 256 6.24 -47.74 2.64
CA ASP A 256 6.01 -47.30 1.26
C ASP A 256 5.75 -45.81 1.15
N GLN A 257 5.34 -45.17 2.24
CA GLN A 257 5.13 -43.74 2.24
C GLN A 257 6.36 -42.97 2.68
N VAL A 258 7.55 -43.54 2.53
CA VAL A 258 8.79 -42.90 2.94
C VAL A 258 9.64 -42.71 1.71
N ILE A 259 9.96 -41.46 1.38
CA ILE A 259 10.69 -41.07 0.18
C ILE A 259 12.07 -40.55 0.58
N PRO A 260 13.18 -41.22 0.14
CA PRO A 260 14.53 -40.71 0.38
C PRO A 260 14.91 -39.50 -0.48
N VAL A 261 15.25 -38.40 0.16
CA VAL A 261 15.75 -37.23 -0.59
C VAL A 261 17.25 -37.40 -0.71
N PRO A 262 17.82 -37.31 -1.92
CA PRO A 262 19.25 -37.46 -2.12
C PRO A 262 20.09 -36.43 -1.35
N VAL A 263 21.31 -36.81 -1.03
CA VAL A 263 22.22 -35.91 -0.27
C VAL A 263 23.36 -35.48 -1.20
N ASP A 264 24.13 -34.47 -0.79
CA ASP A 264 25.22 -33.94 -1.64
C ASP A 264 26.54 -34.62 -1.31
N HIS A 265 27.65 -34.02 -1.72
CA HIS A 265 28.99 -34.58 -1.44
C HIS A 265 29.42 -34.21 -0.02
N ASN A 266 28.60 -33.40 0.67
CA ASN A 266 28.87 -33.05 2.08
C ASN A 266 27.85 -33.83 2.91
N TYR A 267 27.08 -34.63 2.28
CA TYR A 267 26.14 -35.62 2.86
C TYR A 267 24.98 -34.97 3.60
N ARG A 268 24.68 -33.76 3.03
CA ARG A 268 23.49 -33.01 3.50
C ARG A 268 22.36 -33.11 2.48
N MET A 269 21.12 -33.06 2.95
CA MET A 269 19.94 -33.16 2.07
C MET A 269 20.05 -32.19 0.90
N ASP A 270 20.20 -32.72 -0.31
CA ASP A 270 20.26 -31.86 -1.50
C ASP A 270 18.95 -31.07 -1.62
N ILE A 271 19.00 -29.77 -1.35
CA ILE A 271 17.76 -29.01 -1.33
C ILE A 271 17.17 -28.87 -2.74
N ASN A 272 17.99 -28.97 -3.80
CA ASN A 272 17.46 -28.98 -5.15
C ASN A 272 16.59 -30.21 -5.38
N GLU A 273 17.13 -31.38 -5.08
CA GLU A 273 16.33 -32.58 -5.23
C GLU A 273 15.22 -32.69 -4.21
N LEU A 274 15.34 -32.01 -3.07
CA LEU A 274 14.21 -31.94 -2.17
C LEU A 274 13.08 -31.15 -2.81
N GLU A 275 13.42 -30.02 -3.44
CA GLU A 275 12.44 -29.23 -4.18
C GLU A 275 11.84 -30.02 -5.34
N LYS A 276 12.65 -30.80 -6.05
CA LYS A 276 12.15 -31.54 -7.21
C LYS A 276 11.11 -32.55 -6.72
N ILE A 277 11.40 -33.21 -5.61
CA ILE A 277 10.49 -34.27 -5.08
C ILE A 277 9.20 -33.62 -4.59
N VAL A 278 9.30 -32.56 -3.81
CA VAL A 278 8.06 -32.00 -3.20
C VAL A 278 7.18 -31.44 -4.33
N ARG A 279 7.76 -30.71 -5.27
CA ARG A 279 6.97 -30.08 -6.34
C ARG A 279 6.35 -31.15 -7.20
N GLY A 280 7.12 -32.18 -7.53
CA GLY A 280 6.59 -33.30 -8.31
C GLY A 280 5.39 -33.95 -7.65
N LEU A 281 5.49 -34.22 -6.35
CA LEU A 281 4.39 -34.90 -5.63
C LEU A 281 3.18 -33.98 -5.67
N ALA A 282 3.42 -32.68 -5.58
CA ALA A 282 2.31 -31.70 -5.56
C ALA A 282 1.60 -31.67 -6.93
N GLU A 283 2.35 -31.92 -8.01
CA GLU A 283 1.74 -32.00 -9.36
C GLU A 283 0.90 -33.27 -9.43
N GLU A 284 1.24 -34.29 -8.64
CA GLU A 284 0.48 -35.56 -8.60
C GLU A 284 -0.61 -35.45 -7.54
N GLN A 285 -0.72 -34.29 -6.90
CA GLN A 285 -1.69 -34.08 -5.79
C GLN A 285 -1.39 -35.05 -4.62
N ILE A 286 -0.13 -35.46 -4.46
CA ILE A 286 0.28 -36.30 -3.31
C ILE A 286 0.80 -35.36 -2.23
N PRO A 287 0.18 -35.32 -1.03
CA PRO A 287 0.59 -34.37 -0.02
C PRO A 287 1.97 -34.72 0.57
N VAL A 288 2.63 -33.74 1.18
CA VAL A 288 3.92 -34.04 1.86
C VAL A 288 3.65 -34.06 3.35
N LEU A 289 3.61 -35.26 3.94
CA LEU A 289 3.38 -35.39 5.37
C LEU A 289 4.38 -34.56 6.15
N GLY A 290 5.65 -34.68 5.80
CA GLY A 290 6.66 -33.81 6.36
C GLY A 290 8.01 -34.17 5.79
N VAL A 291 8.97 -33.31 6.09
CA VAL A 291 10.38 -33.49 5.76
C VAL A 291 11.17 -33.60 7.06
N VAL A 292 12.20 -34.43 7.04
CA VAL A 292 13.09 -34.65 8.17
C VAL A 292 14.43 -34.04 7.81
N GLY A 293 14.83 -33.01 8.58
CA GLY A 293 16.16 -32.44 8.49
C GLY A 293 17.04 -32.92 9.66
N VAL A 294 18.19 -33.46 9.32
CA VAL A 294 19.10 -33.97 10.35
C VAL A 294 20.17 -32.93 10.61
N VAL A 295 20.25 -32.48 11.87
CA VAL A 295 21.33 -31.60 12.34
C VAL A 295 22.31 -32.49 13.09
N GLY A 296 23.29 -33.04 12.36
CA GLY A 296 24.28 -33.95 12.94
C GLY A 296 23.99 -35.40 12.62
N SER A 297 24.23 -35.80 11.38
CA SER A 297 23.89 -37.13 10.91
C SER A 297 24.67 -38.20 11.66
N THR A 298 24.09 -39.41 11.72
CA THR A 298 24.67 -40.47 12.51
C THR A 298 26.04 -40.88 12.02
N GLU A 299 26.21 -40.97 10.70
CA GLU A 299 27.42 -41.58 10.16
C GLU A 299 28.49 -40.58 9.76
N GLU A 300 28.14 -39.31 9.59
CA GLU A 300 29.12 -38.33 9.18
C GLU A 300 29.04 -37.04 9.96
N GLY A 301 28.04 -36.87 10.82
CA GLY A 301 27.91 -35.66 11.58
C GLY A 301 27.62 -34.47 10.71
N ALA A 302 26.88 -34.69 9.62
CA ALA A 302 26.56 -33.62 8.69
C ALA A 302 25.34 -32.85 9.20
N VAL A 303 25.23 -31.60 8.80
CA VAL A 303 24.13 -30.74 9.22
C VAL A 303 23.34 -30.33 7.98
N ASP A 304 22.12 -30.87 7.86
CA ASP A 304 21.19 -30.45 6.82
C ASP A 304 20.95 -28.95 6.91
N SER A 305 20.87 -28.29 5.75
CA SER A 305 20.64 -26.85 5.68
C SER A 305 19.18 -26.61 6.03
N ILE A 306 18.91 -26.55 7.34
CA ILE A 306 17.53 -26.41 7.80
C ILE A 306 16.94 -25.08 7.33
N ASP A 307 17.77 -24.05 7.22
CA ASP A 307 17.32 -22.75 6.72
C ASP A 307 16.79 -22.89 5.30
N LYS A 308 17.55 -23.56 4.45
CA LYS A 308 17.14 -23.79 3.07
C LYS A 308 15.89 -24.65 2.99
N ILE A 309 15.67 -25.52 3.98
CA ILE A 309 14.48 -26.36 3.98
C ILE A 309 13.24 -25.54 4.33
N ILE A 310 13.40 -24.61 5.26
CA ILE A 310 12.21 -23.85 5.73
C ILE A 310 11.92 -22.69 4.78
N ALA A 311 12.94 -22.20 4.07
CA ALA A 311 12.74 -21.11 3.10
C ALA A 311 12.03 -21.69 1.89
N LEU A 312 12.32 -22.94 1.56
CA LEU A 312 11.65 -23.62 0.45
C LEU A 312 10.18 -23.79 0.83
N ARG A 313 9.91 -24.17 2.06
CA ARG A 313 8.52 -24.29 2.52
C ARG A 313 7.83 -22.94 2.36
N ASP A 314 8.59 -21.87 2.57
CA ASP A 314 8.03 -20.50 2.47
C ASP A 314 7.76 -20.18 0.99
N GLU A 315 8.64 -20.64 0.11
CA GLU A 315 8.49 -20.37 -1.35
C GLU A 315 7.49 -21.37 -1.95
N LEU A 316 7.07 -22.39 -1.21
CA LEU A 316 6.17 -23.43 -1.75
C LEU A 316 4.74 -23.11 -1.33
N MET A 317 4.57 -22.33 -0.28
CA MET A 317 3.22 -22.06 0.25
C MET A 317 2.50 -21.11 -0.72
N LYS A 318 3.25 -20.44 -1.57
CA LYS A 318 2.65 -19.56 -2.60
C LYS A 318 1.95 -20.46 -3.60
N ASP A 319 2.55 -21.62 -3.89
CA ASP A 319 1.95 -22.61 -4.81
C ASP A 319 1.04 -23.54 -4.00
N GLY A 320 0.74 -23.18 -2.75
CA GLY A 320 -0.16 -23.97 -1.90
C GLY A 320 0.42 -25.29 -1.47
N ILE A 321 1.72 -25.34 -1.21
CA ILE A 321 2.38 -26.59 -0.76
C ILE A 321 2.97 -26.38 0.63
N TYR A 322 2.41 -27.01 1.66
CA TYR A 322 3.02 -26.94 3.00
C TYR A 322 3.47 -28.32 3.47
N TYR A 323 4.67 -28.39 4.04
CA TYR A 323 5.14 -29.66 4.63
C TYR A 323 5.52 -29.42 6.09
N TYR A 324 5.32 -30.45 6.90
CA TYR A 324 5.75 -30.35 8.32
C TYR A 324 7.26 -30.51 8.29
N VAL A 325 7.94 -29.83 9.19
CA VAL A 325 9.39 -29.99 9.31
C VAL A 325 9.69 -30.48 10.72
N HIS A 326 10.31 -31.64 10.82
CA HIS A 326 10.82 -32.14 12.08
C HIS A 326 12.32 -32.32 11.97
N VAL A 327 13.04 -31.83 12.98
CA VAL A 327 14.49 -31.81 12.97
C VAL A 327 15.00 -33.01 13.76
N ASP A 328 15.71 -33.91 13.09
CA ASP A 328 16.36 -35.01 13.78
C ASP A 328 17.69 -34.48 14.29
N ALA A 329 17.63 -33.88 15.48
CA ALA A 329 18.79 -33.38 16.19
C ALA A 329 19.17 -34.26 17.37
N ALA A 330 18.87 -35.56 17.28
CA ALA A 330 19.26 -36.46 18.37
C ALA A 330 20.70 -36.19 18.79
N TYR A 331 21.58 -36.08 17.81
CA TYR A 331 23.00 -35.91 18.04
C TYR A 331 23.39 -34.44 18.24
N GLY A 332 22.95 -33.56 17.34
CA GLY A 332 23.47 -32.22 17.35
C GLY A 332 22.65 -31.22 18.11
N GLY A 333 21.51 -31.63 18.68
CA GLY A 333 20.59 -30.68 19.27
C GLY A 333 21.22 -29.81 20.33
N TYR A 334 21.95 -30.43 21.26
CA TYR A 334 22.60 -29.67 22.31
C TYR A 334 23.63 -28.70 21.74
N GLY A 335 24.17 -29.01 20.57
CA GLY A 335 25.10 -28.09 19.93
C GLY A 335 24.54 -26.68 19.78
N ARG A 336 23.23 -26.56 19.67
CA ARG A 336 22.71 -25.22 19.46
C ARG A 336 23.03 -24.29 20.63
N ALA A 337 23.41 -24.85 21.77
CA ALA A 337 23.73 -23.99 22.91
C ALA A 337 24.98 -23.14 22.62
N ILE A 338 25.85 -23.58 21.72
CA ILE A 338 27.02 -22.80 21.37
C ILE A 338 26.66 -21.48 20.69
N PHE A 339 25.43 -21.34 20.18
CA PHE A 339 25.04 -20.14 19.45
C PHE A 339 24.22 -19.18 20.30
N LEU A 340 23.96 -19.52 21.55
CA LEU A 340 23.06 -18.75 22.39
C LEU A 340 23.85 -18.00 23.45
N ASP A 341 23.49 -16.74 23.65
CA ASP A 341 24.13 -15.95 24.68
C ASP A 341 23.30 -16.05 25.95
N GLU A 342 23.76 -15.41 27.01
CA GLU A 342 23.15 -15.65 28.31
C GLU A 342 21.75 -15.09 28.43
N ASP A 343 21.32 -14.25 27.49
CA ASP A 343 19.94 -13.81 27.42
C ASP A 343 19.13 -14.66 26.45
N ASN A 344 19.74 -15.74 25.94
CA ASN A 344 19.14 -16.70 25.03
C ASN A 344 18.98 -16.17 23.61
N ASN A 345 19.64 -15.07 23.27
CA ASN A 345 19.59 -14.58 21.90
C ASN A 345 20.62 -15.29 21.08
N PHE A 346 20.27 -15.58 19.84
CA PHE A 346 21.20 -16.22 18.93
C PHE A 346 22.32 -15.23 18.61
N ILE A 347 23.55 -15.62 18.89
CA ILE A 347 24.67 -14.71 18.74
C ILE A 347 24.82 -14.38 17.25
N PRO A 348 24.91 -13.12 16.87
CA PRO A 348 25.12 -12.80 15.45
C PRO A 348 26.42 -13.42 14.95
N TYR A 349 26.40 -13.95 13.72
CA TYR A 349 27.53 -14.76 13.27
C TYR A 349 28.85 -14.01 13.36
N GLU A 350 28.85 -12.74 12.97
CA GLU A 350 30.07 -11.93 12.99
C GLU A 350 30.60 -11.71 14.39
N ASP A 351 29.77 -11.91 15.40
CA ASP A 351 30.19 -11.78 16.79
C ASP A 351 30.60 -13.11 17.40
N LEU A 352 30.44 -14.21 16.65
CA LEU A 352 30.62 -15.54 17.23
C LEU A 352 32.05 -15.75 17.71
N GLN A 353 33.03 -15.48 16.85
CA GLN A 353 34.40 -15.77 17.24
C GLN A 353 34.82 -14.91 18.43
N ASP A 354 34.22 -13.71 18.59
CA ASP A 354 34.54 -12.88 19.75
C ASP A 354 33.90 -13.45 21.00
N VAL A 355 32.58 -13.67 20.95
CA VAL A 355 31.87 -14.22 22.09
C VAL A 355 32.46 -15.56 22.49
N HIS A 356 32.78 -16.40 21.52
CA HIS A 356 33.35 -17.69 21.89
C HIS A 356 34.70 -17.52 22.56
N GLU A 357 35.49 -16.53 22.14
CA GLU A 357 36.76 -16.30 22.84
C GLU A 357 36.51 -15.74 24.23
N GLU A 358 35.59 -14.79 24.32
CA GLU A 358 35.23 -14.21 25.60
C GLU A 358 34.86 -15.30 26.61
N TYR A 359 34.10 -16.29 26.18
CA TYR A 359 33.56 -17.30 27.08
C TYR A 359 34.39 -18.57 27.13
N GLY A 360 35.53 -18.60 26.45
CA GLY A 360 36.31 -19.82 26.44
C GLY A 360 35.64 -20.95 25.71
N VAL A 361 34.61 -20.66 24.92
CA VAL A 361 33.99 -21.72 24.16
C VAL A 361 35.02 -22.37 23.23
N PHE A 362 35.91 -21.58 22.61
CA PHE A 362 36.94 -22.05 21.67
C PHE A 362 38.31 -21.53 22.10
N LYS A 363 39.37 -22.33 22.04
CA LYS A 363 40.54 -21.73 22.58
C LYS A 363 41.55 -21.26 21.50
N GLU A 364 41.35 -21.47 20.18
CA GLU A 364 42.19 -20.62 19.34
C GLU A 364 41.17 -19.85 18.54
N LYS A 365 41.36 -18.54 18.40
CA LYS A 365 40.34 -17.71 17.77
C LYS A 365 40.45 -17.77 16.24
N LYS A 366 39.67 -18.68 15.66
CA LYS A 366 39.50 -18.79 14.22
C LYS A 366 38.04 -19.17 13.93
N GLU A 367 37.69 -19.23 12.66
CA GLU A 367 36.38 -19.74 12.32
C GLU A 367 36.33 -21.22 12.64
N HIS A 368 35.34 -21.62 13.44
CA HIS A 368 35.13 -23.03 13.71
C HIS A 368 33.81 -23.55 13.17
N ILE A 369 32.86 -22.67 12.90
CA ILE A 369 31.51 -23.02 12.50
C ILE A 369 31.16 -22.23 11.24
N SER A 370 30.87 -22.94 10.17
CA SER A 370 30.36 -22.37 8.93
C SER A 370 29.22 -21.42 9.24
N ARG A 371 29.02 -20.42 8.38
CA ARG A 371 27.74 -19.77 8.46
C ARG A 371 26.62 -20.67 7.95
N GLU A 372 26.95 -21.66 7.12
CA GLU A 372 25.92 -22.60 6.70
C GLU A 372 25.41 -23.39 7.90
N VAL A 373 26.34 -24.01 8.64
CA VAL A 373 25.97 -24.73 9.85
C VAL A 373 25.31 -23.79 10.85
N TYR A 374 25.86 -22.57 10.99
CA TYR A 374 25.24 -21.54 11.81
C TYR A 374 23.80 -21.31 11.39
N ASP A 375 23.59 -21.03 10.09
CA ASP A 375 22.25 -20.77 9.59
C ASP A 375 21.32 -21.95 9.80
N ALA A 376 21.82 -23.16 9.56
CA ALA A 376 21.03 -24.37 9.81
C ALA A 376 20.50 -24.39 11.24
N TYR A 377 21.39 -24.14 12.22
CA TYR A 377 20.95 -24.19 13.61
C TYR A 377 19.94 -23.11 13.93
N LYS A 378 20.11 -21.90 13.38
CA LYS A 378 19.12 -20.87 13.71
C LYS A 378 17.76 -21.25 13.20
N ALA A 379 17.70 -21.84 12.01
CA ALA A 379 16.42 -22.14 11.40
C ALA A 379 15.61 -23.16 12.17
N ILE A 380 16.21 -23.88 13.13
CA ILE A 380 15.48 -24.88 13.90
C ILE A 380 14.28 -24.27 14.57
N GLU A 381 14.36 -22.99 14.92
CA GLU A 381 13.27 -22.34 15.62
C GLU A 381 11.99 -22.25 14.79
N LEU A 382 12.06 -22.52 13.49
CA LEU A 382 10.90 -22.49 12.63
C LEU A 382 10.31 -23.87 12.38
N ALA A 383 11.03 -24.93 12.69
CA ALA A 383 10.51 -26.29 12.56
C ALA A 383 9.45 -26.57 13.62
N GLU A 384 8.58 -27.54 13.32
CA GLU A 384 7.47 -27.86 14.21
C GLU A 384 7.95 -28.55 15.48
N SER A 385 8.95 -29.42 15.35
CA SER A 385 9.37 -30.26 16.44
C SER A 385 10.80 -30.69 16.20
N VAL A 386 11.49 -31.09 17.28
CA VAL A 386 12.89 -31.49 17.25
C VAL A 386 13.11 -32.70 18.16
N THR A 387 13.88 -33.65 17.67
CA THR A 387 14.43 -34.72 18.48
C THR A 387 15.79 -34.28 18.97
N ILE A 388 16.03 -34.45 20.27
CA ILE A 388 17.31 -34.05 20.86
C ILE A 388 17.67 -35.09 21.92
N ASP A 389 18.88 -35.64 21.85
CA ASP A 389 19.23 -36.65 22.83
C ASP A 389 20.07 -36.05 23.95
N PRO A 390 19.54 -35.89 25.15
CA PRO A 390 20.44 -35.66 26.29
C PRO A 390 21.57 -36.68 26.36
N HIS A 391 21.35 -37.94 25.98
CA HIS A 391 22.40 -38.95 26.13
C HIS A 391 23.31 -39.08 24.93
N1 LLP A 392 18.87 -40.14 14.42
C2 LLP A 392 20.10 -39.69 14.57
C2' LLP A 392 20.69 -38.78 13.54
C3 LLP A 392 20.86 -40.07 15.68
O3 LLP A 392 22.12 -39.58 15.75
C4 LLP A 392 20.29 -40.93 16.63
C4' LLP A 392 21.03 -41.34 17.81
C5 LLP A 392 18.97 -41.37 16.44
C6 LLP A 392 18.31 -40.95 15.34
C5' LLP A 392 18.28 -42.31 17.40
OP4 LLP A 392 18.36 -41.92 18.80
P LLP A 392 18.59 -43.03 19.92
OP1 LLP A 392 17.35 -43.87 19.95
OP2 LLP A 392 18.78 -42.29 21.17
OP3 LLP A 392 19.81 -43.81 19.50
N LLP A 392 23.26 -38.05 24.11
CA LLP A 392 24.24 -37.94 23.03
CB LLP A 392 23.54 -37.99 21.69
CG LLP A 392 24.01 -39.09 20.76
CD LLP A 392 23.15 -39.13 19.52
CE LLP A 392 22.19 -40.27 19.53
NZ LLP A 392 22.09 -40.79 18.16
C LLP A 392 25.04 -36.69 23.41
O LLP A 392 25.81 -36.78 24.35
N MET A 393 24.81 -35.55 22.76
CA MET A 393 25.65 -34.39 23.11
C MET A 393 25.21 -33.60 24.36
N GLY A 394 24.22 -34.10 25.07
CA GLY A 394 23.99 -33.57 26.39
C GLY A 394 24.94 -34.11 27.46
N TYR A 395 25.73 -35.14 27.13
CA TYR A 395 26.62 -35.82 28.09
C TYR A 395 25.85 -36.26 29.33
N ILE A 396 24.60 -36.65 29.13
CA ILE A 396 23.76 -37.16 30.20
C ILE A 396 23.73 -38.67 30.01
N PRO A 397 23.74 -39.47 31.08
CA PRO A 397 23.80 -40.93 30.90
C PRO A 397 22.56 -41.51 30.22
N TYR A 398 22.78 -42.53 29.39
CA TYR A 398 21.64 -43.32 28.93
C TYR A 398 20.82 -43.74 30.15
N SER A 399 19.51 -43.81 29.97
CA SER A 399 18.84 -43.56 28.70
C SER A 399 18.02 -42.29 28.77
N ALA A 400 18.27 -41.32 27.90
CA ALA A 400 17.60 -40.02 28.02
C ALA A 400 17.60 -39.34 26.67
N GLY A 401 16.46 -39.43 25.98
CA GLY A 401 16.21 -38.68 24.77
C GLY A 401 15.28 -37.51 25.01
N GLY A 402 14.89 -36.85 23.92
CA GLY A 402 14.05 -35.67 24.04
C GLY A 402 13.29 -35.30 22.79
N ILE A 403 12.21 -34.56 23.01
CA ILE A 403 11.45 -33.98 21.92
C ILE A 403 11.10 -32.55 22.32
N VAL A 404 11.13 -31.64 21.35
CA VAL A 404 10.69 -30.28 21.56
C VAL A 404 9.64 -30.00 20.49
N ILE A 405 8.58 -29.32 20.88
CA ILE A 405 7.55 -28.92 19.93
C ILE A 405 7.52 -27.40 19.90
N GLN A 406 7.31 -26.84 18.71
CA GLN A 406 7.35 -25.39 18.54
C GLN A 406 6.20 -24.71 19.28
N ASP A 407 5.05 -25.35 19.36
CA ASP A 407 3.84 -24.77 19.94
C ASP A 407 3.26 -25.75 20.95
N ILE A 408 3.26 -25.37 22.23
CA ILE A 408 2.82 -26.28 23.29
C ILE A 408 1.44 -26.86 23.01
N ARG A 409 0.57 -26.08 22.34
CA ARG A 409 -0.78 -26.54 22.01
C ARG A 409 -0.77 -27.77 21.13
N MET A 410 0.29 -27.96 20.37
CA MET A 410 0.35 -29.11 19.47
C MET A 410 0.13 -30.41 20.22
N ARG A 411 0.48 -30.45 21.52
CA ARG A 411 0.36 -31.69 22.27
C ARG A 411 -1.08 -32.11 22.45
N ASP A 412 -2.03 -31.20 22.21
CA ASP A 412 -3.43 -31.57 22.23
C ASP A 412 -3.80 -32.49 21.07
N VAL A 413 -3.01 -32.53 20.00
CA VAL A 413 -3.31 -33.44 18.91
C VAL A 413 -3.09 -34.87 19.33
N ILE A 414 -2.30 -35.07 20.39
CA ILE A 414 -1.91 -36.40 20.85
C ILE A 414 -2.39 -36.71 22.25
N SER A 415 -2.87 -35.73 22.99
CA SER A 415 -3.21 -35.96 24.37
C SER A 415 -4.29 -37.04 24.47
N TYR A 416 -4.36 -37.65 25.65
CA TYR A 416 -5.45 -38.53 26.05
C TYR A 416 -5.96 -38.02 27.40
N PHE A 417 -7.16 -38.42 27.76
CA PHE A 417 -7.66 -38.09 29.10
C PHE A 417 -8.38 -39.29 29.71
N ASP A 427 1.31 -25.58 31.03
CA ASP A 427 1.06 -25.93 32.42
C ASP A 427 1.41 -27.42 32.77
N ILE A 428 1.56 -27.70 34.06
CA ILE A 428 2.13 -28.95 34.59
C ILE A 428 1.10 -30.06 34.39
N PRO A 429 1.38 -31.09 33.59
CA PRO A 429 0.39 -32.16 33.43
C PRO A 429 0.23 -32.93 34.71
N ALA A 430 -1.02 -33.22 35.08
CA ALA A 430 -1.20 -34.11 36.21
C ALA A 430 -0.94 -35.55 35.82
N LEU A 431 -0.95 -35.85 34.52
CA LEU A 431 -0.67 -37.19 34.03
C LEU A 431 0.13 -37.01 32.72
N LEU A 432 1.42 -36.72 32.88
CA LEU A 432 2.25 -36.47 31.71
C LEU A 432 2.19 -37.62 30.73
N GLY A 433 1.82 -38.81 31.19
CA GLY A 433 1.65 -39.93 30.30
C GLY A 433 0.55 -39.71 29.30
N ALA A 434 -0.37 -38.79 29.58
CA ALA A 434 -1.40 -38.44 28.60
C ALA A 434 -0.90 -37.44 27.54
N TYR A 435 0.33 -36.95 27.62
CA TYR A 435 0.83 -35.98 26.67
C TYR A 435 2.07 -36.47 25.90
N ILE A 436 2.39 -37.77 26.00
CA ILE A 436 3.63 -38.30 25.44
C ILE A 436 3.37 -39.67 24.82
N LEU A 437 4.34 -40.17 24.06
CA LEU A 437 4.19 -41.46 23.41
C LEU A 437 4.36 -42.63 24.40
N GLU A 438 5.39 -42.58 25.26
CA GLU A 438 5.69 -43.69 26.16
C GLU A 438 4.82 -43.59 27.42
N GLY A 439 5.08 -44.47 28.37
CA GLY A 439 4.36 -44.52 29.63
C GLY A 439 5.21 -44.24 30.86
N SER A 440 5.47 -45.25 31.69
CA SER A 440 6.27 -45.01 32.88
C SER A 440 7.67 -44.55 32.50
N LYS A 441 8.23 -43.71 33.37
CA LYS A 441 9.37 -42.84 33.06
C LYS A 441 10.06 -42.53 34.38
N ALA A 442 11.38 -42.68 34.42
CA ALA A 442 12.10 -42.47 35.67
C ALA A 442 12.20 -40.99 35.99
N GLY A 443 11.60 -40.58 37.11
CA GLY A 443 11.87 -39.24 37.60
C GLY A 443 13.35 -39.01 37.76
N ALA A 444 14.11 -40.08 38.01
CA ALA A 444 15.56 -39.91 38.11
C ALA A 444 16.15 -39.44 36.80
N THR A 445 15.55 -39.83 35.68
CA THR A 445 16.07 -39.35 34.40
C THR A 445 15.89 -37.84 34.27
N ALA A 446 14.74 -37.32 34.73
CA ALA A 446 14.50 -35.89 34.72
C ALA A 446 15.48 -35.17 35.66
N ALA A 447 15.70 -35.70 36.86
CA ALA A 447 16.68 -35.07 37.75
C ALA A 447 18.06 -35.07 37.12
N SER A 448 18.39 -36.15 36.41
CA SER A 448 19.69 -36.23 35.79
C SER A 448 19.84 -35.15 34.73
N VAL A 449 18.77 -34.91 33.97
CA VAL A 449 18.84 -33.92 32.91
C VAL A 449 18.77 -32.52 33.51
N TRP A 450 17.88 -32.33 34.46
CA TRP A 450 17.78 -31.03 35.10
C TRP A 450 19.10 -30.62 35.75
N ALA A 451 19.77 -31.57 36.41
CA ALA A 451 21.06 -31.26 37.03
C ALA A 451 22.07 -30.76 35.99
N ALA A 452 22.14 -31.41 34.82
CA ALA A 452 23.08 -30.95 33.78
C ALA A 452 22.70 -29.56 33.30
N HIS A 453 21.40 -29.32 33.04
CA HIS A 453 21.01 -28.04 32.47
C HIS A 453 21.26 -26.91 33.46
N HIS A 454 21.26 -27.22 34.76
CA HIS A 454 21.41 -26.21 35.80
C HIS A 454 22.82 -26.08 36.32
N VAL A 455 23.69 -27.07 36.07
CA VAL A 455 25.12 -26.84 36.24
C VAL A 455 25.69 -26.15 35.00
N LEU A 456 25.27 -26.60 33.81
CA LEU A 456 25.67 -26.03 32.53
C LEU A 456 24.44 -25.40 31.85
N PRO A 457 24.27 -24.08 31.93
CA PRO A 457 23.17 -23.43 31.19
C PRO A 457 23.25 -23.77 29.71
N LEU A 458 22.09 -23.81 29.06
CA LEU A 458 22.03 -24.20 27.65
C LEU A 458 22.35 -22.99 26.76
N ASN A 459 23.57 -22.47 26.91
CA ASN A 459 24.07 -21.33 26.14
C ASN A 459 25.60 -21.31 26.26
N VAL A 460 26.23 -20.20 25.82
CA VAL A 460 27.70 -20.16 25.78
C VAL A 460 28.30 -20.21 27.17
N ALA A 461 27.54 -19.84 28.19
CA ALA A 461 28.04 -19.89 29.56
C ALA A 461 28.08 -21.31 30.13
N GLY A 462 27.55 -22.31 29.43
CA GLY A 462 27.49 -23.68 29.93
C GLY A 462 27.77 -24.66 28.82
N TYR A 463 26.73 -25.26 28.25
CA TYR A 463 26.97 -26.29 27.24
C TYR A 463 27.82 -25.78 26.09
N GLY A 464 27.66 -24.49 25.71
CA GLY A 464 28.48 -23.95 24.63
C GLY A 464 29.93 -24.28 24.82
N LYS A 465 30.43 -24.12 26.04
CA LYS A 465 31.82 -24.40 26.35
C LYS A 465 32.13 -25.88 26.17
N LEU A 466 31.19 -26.76 26.51
CA LEU A 466 31.42 -28.20 26.33
C LEU A 466 31.33 -28.60 24.85
N ILE A 467 30.34 -28.05 24.12
CA ILE A 467 30.24 -28.32 22.68
C ILE A 467 31.47 -27.80 21.97
N GLY A 468 31.90 -26.58 22.32
CA GLY A 468 33.10 -26.00 21.72
C GLY A 468 34.31 -26.89 21.87
N ALA A 469 34.51 -27.43 23.07
CA ALA A 469 35.64 -28.34 23.29
C ALA A 469 35.52 -29.56 22.41
N SER A 470 34.30 -30.10 22.29
CA SER A 470 34.09 -31.20 21.36
C SER A 470 34.54 -30.81 19.95
N ILE A 471 33.99 -29.70 19.43
CA ILE A 471 34.32 -29.31 18.07
C ILE A 471 35.81 -29.06 17.92
N GLU A 472 36.40 -28.28 18.83
CA GLU A 472 37.83 -27.99 18.73
C GLU A 472 38.64 -29.27 18.78
N GLY A 473 38.26 -30.20 19.66
CA GLY A 473 38.95 -31.48 19.70
C GLY A 473 38.82 -32.21 18.37
N SER A 474 37.63 -32.16 17.77
CA SER A 474 37.44 -32.78 16.46
C SER A 474 38.28 -32.09 15.39
N HIS A 475 38.50 -30.78 15.54
CA HIS A 475 39.27 -30.06 14.52
C HIS A 475 40.75 -30.40 14.59
N HIS A 476 41.31 -30.48 15.80
CA HIS A 476 42.69 -30.96 15.88
C HIS A 476 42.79 -32.36 15.32
N PHE A 477 41.79 -33.21 15.45
CA PHE A 477 41.92 -34.61 14.97
C PHE A 477 41.89 -34.59 13.45
N TYR A 478 41.05 -33.74 12.88
CA TYR A 478 40.95 -33.61 11.40
C TYR A 478 42.33 -33.23 10.84
N ASN A 479 42.97 -32.22 11.42
CA ASN A 479 44.30 -31.74 10.95
C ASN A 479 45.40 -32.76 11.22
N PHE A 480 45.22 -33.62 12.22
CA PHE A 480 46.21 -34.70 12.48
C PHE A 480 46.09 -35.76 11.39
N LEU A 481 44.87 -36.20 11.12
CA LEU A 481 44.62 -37.26 10.13
C LEU A 481 45.04 -36.77 8.74
N ASN A 482 44.70 -35.53 8.42
CA ASN A 482 45.15 -34.95 7.14
C ASN A 482 46.66 -34.93 7.22
N ASP A 483 47.35 -35.51 6.25
CA ASP A 483 48.84 -35.56 6.22
C ASP A 483 49.39 -36.76 7.00
N LEU A 484 48.58 -37.43 7.83
CA LEU A 484 49.08 -38.64 8.52
C LEU A 484 49.49 -39.65 7.45
N THR A 485 50.77 -39.94 7.36
CA THR A 485 51.25 -40.94 6.39
C THR A 485 52.12 -41.92 7.17
N PHE A 486 51.90 -43.21 6.94
CA PHE A 486 52.68 -44.26 7.66
C PHE A 486 53.47 -45.07 6.65
N LYS A 487 54.61 -45.60 7.07
CA LYS A 487 55.45 -46.44 6.19
C LYS A 487 55.38 -47.87 6.72
N VAL A 488 54.64 -48.74 6.03
CA VAL A 488 54.41 -50.11 6.55
C VAL A 488 55.14 -51.16 5.72
N GLY A 489 56.47 -51.18 5.78
CA GLY A 489 57.27 -52.22 5.11
C GLY A 489 57.18 -52.16 3.60
N ASP A 490 57.91 -51.25 2.97
CA ASP A 490 57.88 -51.05 1.48
C ASP A 490 56.56 -50.42 1.06
N LYS A 491 55.48 -50.67 1.80
CA LYS A 491 54.17 -50.07 1.50
C LYS A 491 54.08 -48.73 2.23
N GLU A 492 53.38 -47.77 1.67
CA GLU A 492 53.19 -46.48 2.36
C GLU A 492 51.69 -46.26 2.51
N ILE A 493 51.17 -46.31 3.74
CA ILE A 493 49.69 -46.19 3.87
C ILE A 493 49.37 -44.72 4.15
N GLU A 494 48.32 -44.19 3.54
CA GLU A 494 48.01 -42.75 3.68
C GLU A 494 46.61 -42.57 4.22
N VAL A 495 46.44 -41.55 5.05
CA VAL A 495 45.10 -41.30 5.66
C VAL A 495 44.43 -40.16 4.91
N HIS A 496 43.15 -40.32 4.64
CA HIS A 496 42.34 -39.30 3.98
C HIS A 496 41.04 -39.08 4.74
N THR A 497 40.72 -37.82 5.01
CA THR A 497 39.52 -37.46 5.74
C THR A 497 38.37 -37.37 4.74
N LEU A 498 37.16 -37.64 5.21
CA LEU A 498 36.04 -37.74 4.27
C LEU A 498 35.60 -36.35 3.82
N THR A 499 35.03 -35.57 4.73
CA THR A 499 34.67 -34.19 4.46
C THR A 499 35.09 -33.36 5.66
N HIS A 500 35.19 -32.05 5.48
CA HIS A 500 35.39 -31.19 6.63
C HIS A 500 34.17 -31.32 7.52
N PRO A 501 34.34 -31.55 8.83
CA PRO A 501 33.19 -31.84 9.70
C PRO A 501 32.27 -30.66 9.89
N ASP A 502 30.97 -30.87 9.64
CA ASP A 502 29.96 -29.86 9.97
C ASP A 502 29.76 -29.69 11.48
N PHE A 503 30.23 -30.64 12.31
CA PHE A 503 30.06 -30.65 13.76
C PHE A 503 31.34 -31.14 14.43
N ASN A 504 31.25 -32.29 15.11
CA ASN A 504 32.38 -32.87 15.81
C ASN A 504 32.71 -34.27 15.33
N MET A 505 32.14 -34.70 14.21
CA MET A 505 32.38 -36.04 13.70
C MET A 505 33.36 -35.96 12.53
N VAL A 506 34.39 -36.79 12.56
CA VAL A 506 35.44 -36.78 11.57
C VAL A 506 35.50 -38.17 10.95
N ASP A 507 35.11 -38.30 9.69
CA ASP A 507 35.28 -39.56 9.00
C ASP A 507 36.60 -39.59 8.26
N TYR A 508 37.12 -40.79 8.08
CA TYR A 508 38.44 -40.91 7.45
C TYR A 508 38.61 -42.34 6.94
N VAL A 509 39.61 -42.52 6.06
CA VAL A 509 39.92 -43.82 5.47
C VAL A 509 41.44 -43.90 5.29
N PHE A 510 41.95 -45.12 5.31
CA PHE A 510 43.38 -45.36 5.05
C PHE A 510 43.46 -45.96 3.64
N LYS A 511 44.45 -45.53 2.84
CA LYS A 511 44.56 -46.01 1.44
C LYS A 511 46.01 -46.31 1.14
N GLU A 512 46.27 -47.36 0.35
CA GLU A 512 47.66 -47.61 -0.07
C GLU A 512 47.99 -46.68 -1.24
N LYS A 513 49.08 -45.93 -1.14
CA LYS A 513 49.55 -45.06 -2.24
C LYS A 513 49.86 -45.96 -3.42
N GLY A 514 49.05 -45.92 -4.47
CA GLY A 514 49.24 -46.83 -5.61
C GLY A 514 48.03 -47.70 -5.85
N ASN A 515 47.52 -48.35 -4.81
CA ASN A 515 46.38 -49.30 -5.01
C ASN A 515 45.18 -48.51 -5.49
N ASP A 516 44.69 -48.84 -6.68
CA ASP A 516 43.48 -48.18 -7.23
C ASP A 516 42.33 -49.15 -7.03
N ASP A 517 42.49 -50.09 -6.10
CA ASP A 517 41.46 -51.10 -5.82
C ASP A 517 40.60 -50.60 -4.65
N LEU A 518 39.34 -50.24 -4.89
CA LEU A 518 38.52 -49.63 -3.85
C LEU A 518 37.96 -50.67 -2.88
N VAL A 519 37.68 -51.87 -3.38
CA VAL A 519 37.31 -52.95 -2.47
C VAL A 519 38.51 -53.36 -1.65
N ALA A 520 39.72 -53.17 -2.17
CA ALA A 520 40.92 -53.48 -1.40
C ALA A 520 41.13 -52.46 -0.29
N MET A 521 40.82 -51.18 -0.57
CA MET A 521 40.83 -50.17 0.47
C MET A 521 39.76 -50.45 1.51
N ASN A 522 38.56 -50.78 1.05
CA ASN A 522 37.48 -51.06 1.99
C ASN A 522 37.85 -52.24 2.87
N LYS A 523 38.65 -53.15 2.35
CA LYS A 523 39.12 -54.26 3.15
C LYS A 523 40.29 -53.84 4.03
N LEU A 524 41.06 -52.83 3.62
CA LEU A 524 42.08 -52.28 4.50
C LEU A 524 41.45 -51.62 5.71
N ASN A 525 40.50 -50.72 5.47
CA ASN A 525 39.84 -50.02 6.55
C ASN A 525 39.00 -50.99 7.39
N HIS A 526 38.41 -52.01 6.76
CA HIS A 526 37.74 -53.01 7.57
C HIS A 526 38.71 -53.79 8.45
N ASP A 527 40.00 -53.79 8.12
CA ASP A 527 41.02 -54.47 8.92
C ASP A 527 41.56 -53.57 10.01
N VAL A 528 41.76 -52.29 9.72
CA VAL A 528 42.11 -51.36 10.79
C VAL A 528 40.97 -51.30 11.80
N TYR A 529 39.72 -51.22 11.32
CA TYR A 529 38.60 -51.31 12.24
C TYR A 529 38.72 -52.55 13.13
N ASP A 530 39.00 -53.72 12.53
CA ASP A 530 39.05 -54.95 13.33
C ASP A 530 40.08 -54.84 14.44
N TYR A 531 41.26 -54.31 14.14
CA TYR A 531 42.32 -54.13 15.12
C TYR A 531 42.06 -52.95 16.06
N ALA A 532 41.13 -52.08 15.71
CA ALA A 532 40.76 -50.93 16.53
C ALA A 532 39.36 -51.10 17.08
N SER A 533 39.01 -52.31 17.47
CA SER A 533 37.72 -52.56 18.10
C SER A 533 37.78 -53.87 18.87
N TYR A 534 36.63 -54.23 19.42
CA TYR A 534 36.46 -55.47 20.17
C TYR A 534 36.65 -56.71 19.32
N VAL A 535 36.77 -56.58 17.99
CA VAL A 535 36.87 -57.75 17.13
C VAL A 535 38.15 -58.53 17.44
N LYS A 536 39.30 -57.91 17.20
CA LYS A 536 40.58 -58.58 17.35
C LYS A 536 41.22 -58.09 18.63
N GLY A 537 41.36 -58.98 19.61
CA GLY A 537 42.09 -58.69 20.83
C GLY A 537 41.18 -58.36 22.00
N ASN A 538 41.82 -57.98 23.10
CA ASN A 538 41.11 -57.48 24.27
C ASN A 538 40.92 -55.98 24.16
N ILE A 539 39.66 -55.53 24.28
CA ILE A 539 39.38 -54.11 24.17
C ILE A 539 40.17 -53.35 25.23
N TYR A 540 40.38 -53.96 26.39
CA TYR A 540 41.10 -53.31 27.48
C TYR A 540 42.58 -53.11 27.17
N ASN A 541 43.08 -53.71 26.10
CA ASN A 541 44.46 -53.52 25.68
C ASN A 541 44.56 -52.77 24.38
N ASN A 542 43.46 -52.27 23.87
CA ASN A 542 43.50 -51.61 22.59
C ASN A 542 44.00 -50.18 22.77
N GLU A 543 45.10 -49.85 22.11
CA GLU A 543 45.70 -48.52 22.24
C GLU A 543 44.98 -47.46 21.44
N PHE A 544 44.03 -47.83 20.58
CA PHE A 544 43.28 -46.88 19.75
C PHE A 544 42.00 -47.54 19.26
N ILE A 545 40.86 -46.91 19.52
CA ILE A 545 39.55 -47.50 19.24
C ILE A 545 38.73 -46.54 18.41
N THR A 546 38.03 -47.08 17.42
CA THR A 546 37.27 -46.27 16.48
C THR A 546 36.02 -47.04 16.07
N SER A 547 35.11 -46.38 15.36
CA SER A 547 33.98 -47.06 14.72
C SER A 547 34.16 -47.04 13.21
N HIS A 548 33.22 -47.66 12.51
CA HIS A 548 33.31 -47.81 11.07
C HIS A 548 31.91 -47.92 10.51
N THR A 549 31.74 -47.42 9.28
CA THR A 549 30.45 -47.52 8.62
C THR A 549 30.69 -47.63 7.13
N ASP A 550 29.70 -48.18 6.45
CA ASP A 550 29.78 -48.42 5.02
C ASP A 550 28.85 -47.44 4.31
N PHE A 551 29.39 -46.73 3.31
CA PHE A 551 28.64 -45.89 2.38
C PHE A 551 28.28 -46.73 1.15
N ALA A 552 27.05 -47.24 1.12
CA ALA A 552 26.60 -48.12 0.03
C ALA A 552 25.65 -47.36 -0.89
N ILE A 553 25.81 -47.55 -2.19
CA ILE A 553 24.96 -46.89 -3.23
C ILE A 553 23.47 -46.96 -2.92
N PRO A 554 22.87 -48.10 -2.48
CA PRO A 554 21.47 -48.10 -2.12
C PRO A 554 21.02 -46.98 -1.16
N ASP A 555 21.90 -46.56 -0.26
CA ASP A 555 21.48 -45.56 0.74
C ASP A 555 22.24 -44.24 0.56
N TYR A 556 23.37 -44.25 -0.13
CA TYR A 556 24.18 -43.01 -0.22
C TYR A 556 24.25 -42.52 -1.66
N GLY A 557 23.87 -43.36 -2.60
CA GLY A 557 23.94 -42.99 -4.01
C GLY A 557 25.37 -42.81 -4.42
N ASN A 558 25.63 -41.78 -5.20
CA ASN A 558 27.01 -41.47 -5.63
C ASN A 558 27.45 -40.25 -4.84
N SER A 559 26.80 -39.98 -3.72
CA SER A 559 27.25 -38.90 -2.82
C SER A 559 28.74 -39.06 -2.45
N PRO A 560 29.30 -40.27 -2.20
CA PRO A 560 30.74 -40.40 -1.98
C PRO A 560 31.63 -40.44 -3.22
N LEU A 561 31.07 -40.27 -4.41
CA LEU A 561 31.88 -40.45 -5.65
C LEU A 561 32.95 -39.37 -5.74
N LYS A 562 32.60 -38.13 -5.48
CA LYS A 562 33.62 -37.05 -5.47
C LYS A 562 34.78 -37.47 -4.55
N PHE A 563 34.46 -37.97 -3.36
CA PHE A 563 35.50 -38.42 -2.41
C PHE A 563 36.25 -39.63 -2.96
N VAL A 564 35.52 -40.59 -3.48
CA VAL A 564 36.19 -41.82 -3.99
C VAL A 564 37.16 -41.42 -5.10
N ASN A 565 36.78 -40.44 -5.93
CA ASN A 565 37.68 -39.97 -7.02
C ASN A 565 38.81 -39.12 -6.44
N SER A 566 38.55 -38.27 -5.45
CA SER A 566 39.66 -37.52 -4.87
C SER A 566 40.81 -38.45 -4.49
N LEU A 567 40.48 -39.66 -4.06
CA LEU A 567 41.48 -40.64 -3.63
C LEU A 567 42.11 -41.39 -4.79
N GLY A 568 41.63 -41.19 -6.01
CA GLY A 568 42.13 -41.86 -7.17
C GLY A 568 41.37 -43.10 -7.58
N PHE A 569 40.07 -43.16 -7.31
CA PHE A 569 39.28 -44.31 -7.69
C PHE A 569 38.33 -43.98 -8.83
N SER A 570 38.20 -44.93 -9.76
CA SER A 570 37.41 -44.79 -10.97
C SER A 570 35.91 -44.88 -10.66
N ASP A 571 35.12 -44.21 -11.49
CA ASP A 571 33.69 -44.48 -11.43
C ASP A 571 33.39 -45.95 -11.67
N GLU A 572 34.33 -46.72 -12.23
CA GLU A 572 34.02 -48.14 -12.39
C GLU A 572 34.28 -48.88 -11.07
N GLU A 573 35.43 -48.62 -10.46
CA GLU A 573 35.70 -49.16 -9.13
C GLU A 573 34.55 -48.84 -8.18
N TRP A 574 34.08 -47.59 -8.21
CA TRP A 574 33.01 -47.21 -7.29
C TRP A 574 31.78 -48.06 -7.51
N ASN A 575 31.47 -48.36 -8.78
CA ASN A 575 30.34 -49.22 -9.05
C ASN A 575 30.69 -50.68 -8.85
N ARG A 576 31.96 -51.02 -9.03
CA ARG A 576 32.37 -52.41 -8.80
C ARG A 576 32.36 -52.74 -7.33
N ALA A 577 32.97 -51.88 -6.50
CA ALA A 577 32.91 -52.09 -5.05
C ALA A 577 31.50 -51.87 -4.52
N GLY A 578 30.77 -50.92 -5.10
CA GLY A 578 29.40 -50.65 -4.69
C GLY A 578 29.25 -49.94 -3.35
N LYS A 579 30.35 -49.64 -2.67
CA LYS A 579 30.32 -49.00 -1.36
C LYS A 579 31.75 -48.56 -1.06
N VAL A 580 31.89 -47.73 -0.02
CA VAL A 580 33.18 -47.39 0.55
C VAL A 580 33.09 -47.56 2.07
N THR A 581 34.12 -48.17 2.64
CA THR A 581 34.22 -48.38 4.09
C THR A 581 34.99 -47.22 4.70
N VAL A 582 34.36 -46.50 5.63
CA VAL A 582 34.99 -45.35 6.27
C VAL A 582 34.98 -45.56 7.78
N LEU A 583 36.03 -45.08 8.42
CA LEU A 583 36.10 -45.05 9.87
C LEU A 583 35.54 -43.72 10.32
N ARG A 584 34.65 -43.75 11.34
CA ARG A 584 34.10 -42.54 11.91
C ARG A 584 34.56 -42.32 13.36
N ALA A 585 34.78 -41.06 13.72
CA ALA A 585 35.09 -40.66 15.08
C ALA A 585 34.18 -39.50 15.43
N ALA A 586 33.16 -39.76 16.22
CA ALA A 586 32.32 -38.69 16.76
C ALA A 586 33.07 -38.17 17.98
N VAL A 587 33.96 -37.19 17.74
CA VAL A 587 34.92 -36.76 18.75
C VAL A 587 34.19 -36.06 19.89
N MET A 588 33.81 -36.83 20.92
CA MET A 588 33.07 -36.31 22.06
C MET A 588 33.91 -36.13 23.32
N THR A 589 35.15 -36.58 23.35
CA THR A 589 36.03 -36.27 24.46
C THR A 589 36.08 -34.76 24.66
N PRO A 590 35.97 -34.25 25.89
CA PRO A 590 36.16 -32.81 26.13
C PRO A 590 37.61 -32.39 26.37
N TYR A 591 38.54 -33.34 26.36
CA TYR A 591 39.92 -33.07 26.79
C TYR A 591 40.83 -32.65 25.65
N MET A 592 40.36 -32.69 24.42
CA MET A 592 41.26 -32.55 23.29
C MET A 592 41.18 -31.19 22.60
N ASN A 593 40.50 -30.22 23.21
CA ASN A 593 40.43 -28.91 22.57
C ASN A 593 41.72 -28.12 22.74
N ASP A 594 42.54 -28.51 23.72
CA ASP A 594 43.81 -27.86 23.95
C ASP A 594 44.87 -28.52 23.07
N LYS A 595 45.42 -27.72 22.15
CA LYS A 595 46.39 -28.21 21.18
C LYS A 595 47.50 -29.00 21.87
N GLU A 596 48.00 -28.47 22.96
CA GLU A 596 49.05 -29.14 23.75
C GLU A 596 48.57 -30.49 24.31
N GLU A 597 47.30 -30.57 24.72
CA GLU A 597 46.90 -31.87 25.26
C GLU A 597 46.64 -32.86 24.14
N PHE A 598 46.11 -32.39 23.01
CA PHE A 598 46.03 -33.24 21.83
C PHE A 598 47.42 -33.70 21.41
N ASP A 599 48.40 -32.80 21.44
CA ASP A 599 49.74 -33.19 21.03
C ASP A 599 50.30 -34.32 21.89
N VAL A 600 49.77 -34.52 23.10
CA VAL A 600 50.25 -35.65 23.90
C VAL A 600 49.77 -36.96 23.28
N TYR A 601 48.52 -36.98 22.81
CA TYR A 601 47.92 -38.21 22.31
C TYR A 601 48.08 -38.41 20.81
N ALA A 602 48.57 -37.40 20.09
CA ALA A 602 48.84 -37.61 18.67
C ALA A 602 49.88 -38.69 18.46
N PRO A 603 51.07 -38.62 19.05
CA PRO A 603 52.04 -39.71 18.86
C PRO A 603 51.57 -41.05 19.38
N LYS A 604 50.66 -41.06 20.36
CA LYS A 604 50.16 -42.33 20.86
C LYS A 604 49.05 -42.89 19.98
N ILE A 605 48.40 -42.06 19.17
CA ILE A 605 47.50 -42.57 18.15
C ILE A 605 48.30 -43.07 16.94
N GLN A 606 49.26 -42.28 16.46
CA GLN A 606 50.06 -42.76 15.34
C GLN A 606 50.79 -44.04 15.70
N ALA A 607 51.34 -44.11 16.92
CA ALA A 607 52.06 -45.32 17.32
C ALA A 607 51.11 -46.50 17.40
N ALA A 608 49.90 -46.29 17.94
CA ALA A 608 48.94 -47.39 18.00
C ALA A 608 48.49 -47.80 16.60
N LEU A 609 48.37 -46.84 15.69
CA LEU A 609 47.98 -47.17 14.32
C LEU A 609 49.14 -47.81 13.57
N GLN A 610 50.36 -47.44 13.93
CA GLN A 610 51.53 -48.01 13.26
C GLN A 610 51.65 -49.53 13.45
N GLU A 611 51.61 -50.01 14.69
CA GLU A 611 51.55 -51.46 14.85
C GLU A 611 50.23 -52.09 14.35
N LYS A 612 49.12 -51.37 14.37
CA LYS A 612 47.91 -52.01 13.87
C LYS A 612 47.97 -52.21 12.36
N LEU A 613 48.60 -51.28 11.63
CA LEU A 613 48.88 -51.48 10.21
C LEU A 613 49.93 -52.56 10.01
N GLU A 614 51.08 -52.45 10.69
CA GLU A 614 52.11 -53.49 10.59
C GLU A 614 51.53 -54.87 10.88
N GLN A 615 50.50 -54.95 11.73
CA GLN A 615 49.94 -56.27 12.02
C GLN A 615 49.07 -56.75 10.87
N ILE A 616 48.47 -55.82 10.12
CA ILE A 616 47.60 -56.18 9.01
C ILE A 616 48.36 -56.75 7.83
N TYR A 617 49.69 -56.60 7.82
CA TYR A 617 50.53 -57.25 6.84
C TYR A 617 51.34 -58.35 7.55
N ASP A 618 52.54 -58.60 7.08
CA ASP A 618 53.34 -59.67 7.69
C ASP A 618 52.57 -61.01 7.63
N LEU B 6 -37.82 -0.42 -16.32
CA LEU B 6 -37.43 -1.36 -17.36
C LEU B 6 -37.54 -2.83 -16.89
N ALA B 7 -37.80 -3.75 -17.83
CA ALA B 7 -37.91 -5.15 -17.47
C ALA B 7 -36.55 -5.71 -17.06
N LYS B 8 -36.55 -7.01 -16.74
CA LYS B 8 -35.45 -7.61 -15.97
C LYS B 8 -34.12 -7.53 -16.71
N GLY B 9 -33.98 -8.24 -17.83
CA GLY B 9 -32.74 -8.17 -18.57
C GLY B 9 -32.90 -7.35 -19.83
N GLU B 10 -33.74 -6.31 -19.73
CA GLU B 10 -34.16 -5.51 -20.87
C GLU B 10 -33.29 -4.26 -21.10
N MET B 11 -32.48 -3.86 -20.13
CA MET B 11 -31.66 -2.70 -20.34
C MET B 11 -30.74 -2.97 -21.52
N ASN B 12 -30.72 -2.09 -22.48
CA ASN B 12 -29.96 -2.36 -23.70
C ASN B 12 -28.81 -1.35 -23.74
N LEU B 13 -27.62 -1.79 -23.36
CA LEU B 13 -26.47 -0.89 -23.28
C LEU B 13 -26.17 -0.23 -24.62
N ASN B 14 -26.58 -0.84 -25.74
CA ASN B 14 -26.33 -0.25 -27.04
C ASN B 14 -27.05 1.08 -27.25
N ALA B 15 -28.04 1.40 -26.43
CA ALA B 15 -28.73 2.68 -26.57
C ALA B 15 -28.11 3.77 -25.74
N LEU B 16 -27.07 3.46 -24.97
CA LEU B 16 -26.54 4.39 -23.99
C LEU B 16 -25.19 4.96 -24.39
N PHE B 17 -24.77 4.74 -25.64
CA PHE B 17 -23.50 5.25 -26.14
C PHE B 17 -23.71 5.84 -27.53
N ILE B 18 -22.97 6.91 -27.80
CA ILE B 18 -22.96 7.45 -29.16
C ILE B 18 -22.59 6.33 -30.13
N GLY B 19 -21.62 5.51 -29.76
CA GLY B 19 -21.32 4.35 -30.56
C GLY B 19 -19.92 4.34 -31.13
N ASP B 20 -19.40 3.11 -31.31
CA ASP B 20 -18.08 2.91 -31.88
C ASP B 20 -17.96 3.52 -33.27
N LYS B 21 -19.06 3.58 -34.03
CA LYS B 21 -19.09 4.19 -35.34
C LYS B 21 -20.23 5.20 -35.42
N ALA B 22 -20.49 5.88 -34.29
CA ALA B 22 -21.51 6.91 -34.18
C ALA B 22 -22.87 6.38 -34.61
N GLU B 23 -23.10 5.09 -34.39
CA GLU B 23 -24.37 4.50 -34.81
C GLU B 23 -25.54 5.25 -34.21
N ASN B 24 -25.39 5.74 -32.98
CA ASN B 24 -26.43 6.52 -32.32
C ASN B 24 -26.14 8.01 -32.38
N GLY B 25 -25.40 8.45 -33.39
CA GLY B 25 -25.07 9.85 -33.54
C GLY B 25 -26.30 10.74 -33.68
N GLN B 26 -27.27 10.33 -34.49
CA GLN B 26 -28.44 11.19 -34.64
C GLN B 26 -29.19 11.32 -33.32
N LEU B 27 -29.36 10.21 -32.60
CA LEU B 27 -30.06 10.23 -31.32
C LEU B 27 -29.37 11.17 -30.34
N TYR B 28 -28.04 11.10 -30.26
CA TYR B 28 -27.30 11.99 -29.39
C TYR B 28 -27.53 13.45 -29.79
N LYS B 29 -27.39 13.76 -31.07
CA LYS B 29 -27.63 15.13 -31.53
C LYS B 29 -29.06 15.58 -31.25
N ASP B 30 -30.04 14.73 -31.55
CA ASP B 30 -31.41 15.10 -31.33
C ASP B 30 -31.65 15.40 -29.86
N LEU B 31 -31.15 14.53 -28.97
CA LEU B 31 -31.38 14.72 -27.55
C LEU B 31 -30.63 15.95 -27.06
N LEU B 32 -29.41 16.15 -27.58
CA LEU B 32 -28.61 17.30 -27.18
C LEU B 32 -29.33 18.58 -27.54
N ILE B 33 -29.88 18.65 -28.75
CA ILE B 33 -30.52 19.88 -29.17
C ILE B 33 -31.84 20.09 -28.43
N ASP B 34 -32.58 19.02 -28.15
CA ASP B 34 -33.76 19.16 -27.31
C ASP B 34 -33.38 19.78 -25.97
N LEU B 35 -32.31 19.27 -25.35
CA LEU B 35 -31.88 19.78 -24.06
C LEU B 35 -31.45 21.24 -24.18
N VAL B 36 -30.61 21.56 -25.17
CA VAL B 36 -30.21 22.96 -25.32
C VAL B 36 -31.44 23.85 -25.47
N ASP B 37 -32.42 23.41 -26.25
CA ASP B 37 -33.58 24.26 -26.49
C ASP B 37 -34.34 24.49 -25.20
N GLU B 38 -34.51 23.43 -24.41
CA GLU B 38 -35.20 23.58 -23.15
C GLU B 38 -34.44 24.53 -22.24
N HIS B 39 -33.10 24.51 -22.28
CA HIS B 39 -32.36 25.51 -21.52
C HIS B 39 -32.57 26.90 -22.11
N LEU B 40 -32.48 27.05 -23.43
CA LEU B 40 -32.69 28.36 -24.04
C LEU B 40 -34.05 28.91 -23.69
N GLY B 41 -35.07 28.06 -23.79
CA GLY B 41 -36.41 28.51 -23.48
C GLY B 41 -36.54 28.94 -22.04
N TRP B 42 -35.88 28.22 -21.14
CA TRP B 42 -35.83 28.65 -19.74
C TRP B 42 -35.20 30.03 -19.59
N ARG B 43 -34.11 30.29 -20.31
CA ARG B 43 -33.49 31.60 -20.27
C ARG B 43 -34.48 32.67 -20.70
N GLN B 44 -35.21 32.39 -21.78
CA GLN B 44 -36.07 33.40 -22.36
C GLN B 44 -37.22 33.77 -21.43
N ASN B 45 -37.70 32.84 -20.62
CA ASN B 45 -38.90 33.09 -19.84
C ASN B 45 -38.60 33.41 -18.37
N TYR B 46 -37.33 33.56 -18.01
CA TYR B 46 -37.01 34.35 -16.85
C TYR B 46 -37.20 35.81 -17.25
N MET B 47 -38.15 36.49 -16.60
CA MET B 47 -38.54 37.87 -16.90
C MET B 47 -38.82 38.02 -18.38
N PRO B 48 -39.88 37.38 -18.87
CA PRO B 48 -40.19 37.44 -20.30
C PRO B 48 -40.43 38.85 -20.82
N GLN B 49 -40.74 39.80 -19.96
CA GLN B 49 -40.91 41.18 -20.39
C GLN B 49 -39.60 41.83 -20.83
N ASP B 50 -38.45 41.30 -20.44
CA ASP B 50 -37.19 41.93 -20.82
C ASP B 50 -36.95 41.73 -22.30
N MET B 51 -36.62 42.82 -23.00
CA MET B 51 -36.29 42.64 -24.40
C MET B 51 -34.84 42.19 -24.55
N PRO B 52 -34.52 41.45 -25.62
CA PRO B 52 -33.14 41.01 -25.79
C PRO B 52 -32.22 42.22 -25.83
N VAL B 53 -31.13 42.11 -25.06
CA VAL B 53 -30.14 43.18 -25.00
C VAL B 53 -29.33 43.22 -26.29
N ILE B 54 -29.10 42.07 -26.92
CA ILE B 54 -28.39 41.98 -28.19
C ILE B 54 -29.40 42.16 -29.33
N SER B 55 -29.27 43.23 -30.10
CA SER B 55 -30.22 43.57 -31.14
C SER B 55 -30.04 42.70 -32.40
N SER B 56 -31.08 42.69 -33.23
CA SER B 56 -30.98 42.08 -34.54
C SER B 56 -29.87 42.73 -35.34
N GLN B 57 -29.81 44.06 -35.31
CA GLN B 57 -28.78 44.80 -36.04
C GLN B 57 -27.38 44.39 -35.58
N GLU B 58 -27.21 44.25 -34.27
CA GLU B 58 -25.93 43.81 -33.72
C GLU B 58 -25.50 42.49 -34.34
N ARG B 59 -26.41 41.53 -34.43
CA ARG B 59 -26.07 40.18 -34.88
C ARG B 59 -25.69 40.08 -36.36
N THR B 60 -25.91 41.16 -37.12
CA THR B 60 -25.62 41.16 -38.58
C THR B 60 -24.53 42.19 -38.88
N SER B 61 -23.93 42.77 -37.85
CA SER B 61 -22.87 43.79 -38.02
C SER B 61 -21.58 43.12 -38.48
N LYS B 62 -20.70 43.92 -39.07
CA LYS B 62 -19.39 43.40 -39.53
C LYS B 62 -18.57 42.94 -38.32
N SER B 63 -18.59 43.69 -37.23
CA SER B 63 -17.85 43.32 -35.99
C SER B 63 -18.32 41.95 -35.49
N TYR B 64 -19.62 41.73 -35.39
CA TYR B 64 -20.17 40.44 -34.93
C TYR B 64 -19.69 39.33 -35.87
N GLU B 65 -19.81 39.53 -37.17
CA GLU B 65 -19.45 38.49 -38.16
C GLU B 65 -17.96 38.18 -38.11
N LYS B 66 -17.13 39.21 -38.00
CA LYS B 66 -15.66 39.03 -37.91
C LYS B 66 -15.28 38.30 -36.62
N THR B 67 -15.97 38.60 -35.53
CA THR B 67 -15.71 37.94 -34.23
C THR B 67 -16.20 36.49 -34.29
N VAL B 68 -17.29 36.25 -34.99
CA VAL B 68 -17.83 34.88 -35.14
C VAL B 68 -16.90 34.10 -36.06
N ASN B 69 -16.33 34.76 -37.05
CA ASN B 69 -15.41 34.10 -38.01
C ASN B 69 -14.12 33.77 -37.28
N HIS B 70 -13.72 34.61 -36.33
CA HIS B 70 -12.53 34.36 -35.50
C HIS B 70 -12.81 33.23 -34.50
N MET B 71 -13.98 33.22 -33.89
CA MET B 71 -14.35 32.07 -33.03
C MET B 71 -14.38 30.84 -33.92
N LYS B 72 -14.91 30.96 -35.14
CA LYS B 72 -14.87 29.76 -35.98
C LYS B 72 -13.44 29.34 -36.29
N ASP B 73 -12.55 30.31 -36.51
CA ASP B 73 -11.14 29.98 -36.74
C ASP B 73 -10.57 29.18 -35.59
N VAL B 74 -10.83 29.65 -34.38
CA VAL B 74 -10.30 28.98 -33.20
C VAL B 74 -10.88 27.57 -33.08
N LEU B 75 -12.19 27.43 -33.30
CA LEU B 75 -12.79 26.11 -33.15
C LEU B 75 -12.21 25.15 -34.16
N ASN B 76 -11.97 25.61 -35.39
CA ASN B 76 -11.36 24.73 -36.41
C ASN B 76 -9.93 24.33 -36.01
N GLU B 77 -9.20 25.24 -35.37
CA GLU B 77 -7.87 24.94 -34.84
C GLU B 77 -7.95 23.93 -33.70
N ILE B 78 -8.93 24.09 -32.81
CA ILE B 78 -9.21 23.08 -31.80
C ILE B 78 -9.63 21.78 -32.46
N SER B 79 -10.48 21.87 -33.50
CA SER B 79 -10.98 20.66 -34.14
C SER B 79 -9.88 19.89 -34.86
N SER B 80 -8.98 20.61 -35.54
CA SER B 80 -7.86 19.97 -36.21
C SER B 80 -6.89 19.32 -35.22
N ARG B 81 -6.60 19.98 -34.11
CA ARG B 81 -5.68 19.37 -33.16
C ARG B 81 -6.30 18.14 -32.52
N MET B 82 -7.54 18.24 -32.06
CA MET B 82 -8.20 17.10 -31.42
C MET B 82 -8.32 15.92 -32.36
N ARG B 83 -8.67 16.17 -33.62
CA ARG B 83 -8.91 15.07 -34.54
C ARG B 83 -7.62 14.45 -35.05
N THR B 84 -6.48 15.05 -34.73
CA THR B 84 -5.17 14.55 -35.11
C THR B 84 -4.52 13.69 -34.02
N HIS B 85 -4.63 14.12 -32.76
CA HIS B 85 -3.84 13.59 -31.67
C HIS B 85 -4.65 12.89 -30.58
N SER B 86 -5.97 12.85 -30.69
CA SER B 86 -6.78 12.18 -29.67
C SER B 86 -6.74 10.66 -29.84
N VAL B 87 -7.02 9.96 -28.74
CA VAL B 87 -6.91 8.51 -28.77
C VAL B 87 -8.25 7.91 -29.18
N PRO B 88 -8.30 7.04 -30.24
CA PRO B 88 -9.57 6.51 -30.74
C PRO B 88 -10.12 5.31 -29.97
N TRP B 89 -10.15 5.43 -28.63
CA TRP B 89 -10.63 4.34 -27.78
C TRP B 89 -12.13 4.11 -27.83
N HIS B 90 -12.90 4.89 -28.62
CA HIS B 90 -14.33 4.62 -28.82
C HIS B 90 -14.54 3.37 -29.66
N THR B 91 -13.48 2.90 -30.33
CA THR B 91 -13.56 1.71 -31.14
C THR B 91 -14.05 0.53 -30.31
N ALA B 92 -14.73 -0.39 -30.98
CA ALA B 92 -15.40 -1.46 -30.24
C ALA B 92 -14.40 -2.44 -29.65
N GLY B 93 -13.40 -2.83 -30.45
CA GLY B 93 -12.42 -3.84 -30.08
C GLY B 93 -11.03 -3.68 -30.67
N ARG B 94 -10.55 -2.43 -30.77
CA ARG B 94 -9.19 -2.18 -31.22
C ARG B 94 -8.35 -1.49 -30.17
N TYR B 95 -8.97 -0.90 -29.16
CA TYR B 95 -8.27 -0.20 -28.12
C TYR B 95 -8.23 -1.09 -26.89
N TRP B 96 -7.01 -1.53 -26.50
CA TRP B 96 -6.77 -2.42 -25.35
C TRP B 96 -5.66 -1.81 -24.47
N GLY B 97 -5.98 -0.71 -23.79
CA GLY B 97 -4.97 0.02 -23.05
C GLY B 97 -5.47 0.67 -21.77
N HIS B 98 -5.46 2.01 -21.73
CA HIS B 98 -5.79 2.70 -20.50
C HIS B 98 -7.28 2.54 -20.18
N MET B 99 -7.67 3.00 -18.99
CA MET B 99 -9.02 2.80 -18.49
C MET B 99 -10.01 3.74 -19.20
N ASN B 100 -10.24 3.53 -20.50
CA ASN B 100 -11.06 4.45 -21.27
C ASN B 100 -11.78 3.70 -22.37
N SER B 101 -13.09 3.90 -22.44
CA SER B 101 -13.79 3.63 -23.69
C SER B 101 -14.69 4.83 -23.96
N GLU B 102 -15.84 4.59 -24.57
CA GLU B 102 -16.86 5.62 -24.59
C GLU B 102 -17.32 5.92 -23.16
N THR B 103 -18.07 7.00 -23.07
CA THR B 103 -18.70 7.42 -21.81
C THR B 103 -20.19 7.40 -22.10
N LEU B 104 -21.01 7.27 -21.07
CA LEU B 104 -22.48 7.15 -21.25
C LEU B 104 -23.10 8.40 -21.89
N MET B 105 -23.87 8.23 -22.96
CA MET B 105 -24.63 9.32 -23.60
C MET B 105 -25.48 10.06 -22.57
N PRO B 106 -26.26 9.41 -21.67
CA PRO B 106 -26.96 10.16 -20.63
C PRO B 106 -26.09 11.14 -19.86
N SER B 107 -24.84 10.78 -19.54
CA SER B 107 -23.91 11.65 -18.77
C SER B 107 -23.41 12.79 -19.65
N LEU B 108 -22.98 12.49 -20.87
CA LEU B 108 -22.51 13.51 -21.82
C LEU B 108 -23.62 14.54 -21.99
N LEU B 109 -24.83 14.06 -22.27
CA LEU B 109 -26.00 14.94 -22.48
C LEU B 109 -26.24 15.82 -21.27
N ALA B 110 -26.33 15.23 -20.10
CA ALA B 110 -26.65 15.98 -18.87
C ALA B 110 -25.57 16.99 -18.52
N TYR B 111 -24.30 16.66 -18.72
CA TYR B 111 -23.22 17.65 -18.47
C TYR B 111 -23.45 18.90 -19.32
N ASN B 112 -23.58 18.76 -20.64
CA ASN B 112 -23.70 19.95 -21.50
C ASN B 112 -24.92 20.76 -21.09
N PHE B 113 -26.02 20.08 -20.87
CA PHE B 113 -27.25 20.74 -20.40
C PHE B 113 -26.97 21.57 -19.16
N ALA B 114 -26.38 20.97 -18.16
CA ALA B 114 -26.17 21.66 -16.87
C ALA B 114 -25.10 22.73 -16.95
N MET B 115 -24.09 22.55 -17.79
CA MET B 115 -23.01 23.54 -17.99
C MET B 115 -23.62 24.85 -18.47
N LEU B 116 -24.75 24.79 -19.16
CA LEU B 116 -25.44 26.00 -19.67
C LEU B 116 -25.92 26.80 -18.46
N TRP B 117 -26.28 26.14 -17.37
CA TRP B 117 -26.57 26.88 -16.16
C TRP B 117 -25.29 27.18 -15.39
N ASN B 118 -24.28 26.31 -15.52
CA ASN B 118 -22.98 26.55 -14.91
C ASN B 118 -23.07 26.74 -13.39
N GLY B 119 -23.84 25.89 -12.73
CA GLY B 119 -23.98 25.99 -11.29
C GLY B 119 -22.74 25.50 -10.56
N ASN B 120 -22.48 26.13 -9.42
CA ASN B 120 -21.34 25.83 -8.58
C ASN B 120 -21.82 25.06 -7.35
N ASN B 121 -21.36 23.80 -7.23
CA ASN B 121 -21.87 22.96 -6.15
C ASN B 121 -21.18 23.21 -4.82
N VAL B 122 -20.24 24.16 -4.76
CA VAL B 122 -19.62 24.48 -3.47
C VAL B 122 -20.64 25.10 -2.51
N ALA B 123 -21.75 25.56 -3.05
CA ALA B 123 -22.83 26.17 -2.25
C ALA B 123 -24.20 25.88 -2.87
N TYR B 124 -25.15 25.42 -2.07
CA TYR B 124 -26.52 25.11 -2.52
C TYR B 124 -27.11 26.34 -3.21
N GLU B 125 -26.78 27.53 -2.73
CA GLU B 125 -27.36 28.78 -3.27
C GLU B 125 -27.04 28.95 -4.76
N SER B 126 -25.88 28.46 -5.21
CA SER B 126 -25.48 28.64 -6.62
C SER B 126 -26.35 27.78 -7.54
N SER B 127 -26.61 26.55 -7.14
CA SER B 127 -27.39 25.61 -7.96
C SER B 127 -28.04 24.59 -7.04
N PRO B 128 -29.21 24.92 -6.46
CA PRO B 128 -29.92 24.00 -5.58
C PRO B 128 -30.18 22.59 -6.14
N ALA B 129 -30.48 22.46 -7.42
CA ALA B 129 -30.82 21.16 -8.05
C ALA B 129 -29.58 20.30 -8.24
N THR B 130 -28.52 20.89 -8.73
CA THR B 130 -27.25 20.15 -8.89
C THR B 130 -26.74 19.74 -7.50
N SER B 131 -26.99 20.54 -6.48
CA SER B 131 -26.49 20.25 -5.12
C SER B 131 -27.29 19.10 -4.53
N GLN B 132 -28.58 19.07 -4.79
CA GLN B 132 -29.44 17.97 -4.33
C GLN B 132 -29.04 16.70 -5.09
N MET B 133 -28.67 16.84 -6.36
CA MET B 133 -28.25 15.69 -7.18
C MET B 133 -26.97 15.08 -6.61
N GLU B 134 -26.08 15.91 -6.06
CA GLU B 134 -24.81 15.42 -5.46
C GLU B 134 -25.08 14.77 -4.12
N GLU B 135 -26.02 15.32 -3.36
CA GLU B 135 -26.41 14.70 -2.08
C GLU B 135 -26.97 13.32 -2.38
N GLU B 136 -27.79 13.22 -3.42
CA GLU B 136 -28.38 11.94 -3.83
C GLU B 136 -27.27 11.01 -4.34
N VAL B 137 -26.32 11.52 -5.10
CA VAL B 137 -25.21 10.69 -5.67
C VAL B 137 -24.41 10.10 -4.52
N GLY B 138 -24.26 10.86 -3.44
CA GLY B 138 -23.44 10.38 -2.33
C GLY B 138 -24.17 9.33 -1.56
N HIS B 139 -25.47 9.53 -1.41
CA HIS B 139 -26.28 8.48 -0.76
C HIS B 139 -26.27 7.26 -1.68
N GLU B 140 -26.15 7.49 -2.98
CA GLU B 140 -26.05 6.35 -3.88
C GLU B 140 -24.68 5.69 -3.78
N PHE B 141 -23.62 6.49 -3.64
CA PHE B 141 -22.31 5.94 -3.32
C PHE B 141 -22.40 5.12 -2.05
N ALA B 142 -23.07 5.65 -1.03
CA ALA B 142 -23.15 4.98 0.26
C ALA B 142 -23.82 3.61 0.11
N HIS B 143 -25.00 3.58 -0.50
CA HIS B 143 -25.68 2.29 -0.66
C HIS B 143 -24.88 1.34 -1.56
N LEU B 144 -24.13 1.87 -2.53
CA LEU B 144 -23.31 1.01 -3.40
C LEU B 144 -22.30 0.22 -2.59
N MET B 145 -21.88 0.75 -1.44
CA MET B 145 -20.99 0.08 -0.51
C MET B 145 -21.76 -0.58 0.65
N SER B 146 -23.08 -0.62 0.57
CA SER B 146 -23.90 -1.19 1.63
C SER B 146 -23.69 -0.49 2.98
N TYR B 147 -23.24 0.76 2.95
CA TYR B 147 -23.20 1.59 4.15
C TYR B 147 -24.62 1.87 4.62
N LYS B 148 -24.90 1.66 5.90
CA LYS B 148 -26.31 1.87 6.24
C LYS B 148 -26.63 3.33 6.60
N ASN B 149 -25.67 4.08 7.12
CA ASN B 149 -25.86 5.47 7.50
C ASN B 149 -24.59 6.24 7.13
N GLY B 150 -24.11 5.96 5.92
CA GLY B 150 -22.94 6.61 5.36
C GLY B 150 -23.31 7.83 4.52
N TRP B 151 -22.34 8.26 3.72
CA TRP B 151 -22.47 9.48 2.93
C TRP B 151 -21.38 9.46 1.86
N GLY B 152 -21.37 10.49 1.03
CA GLY B 152 -20.34 10.61 0.03
C GLY B 152 -20.53 11.90 -0.74
N HIS B 153 -19.58 12.18 -1.60
CA HIS B 153 -19.70 13.35 -2.47
C HIS B 153 -18.76 13.13 -3.65
N ILE B 154 -18.94 13.95 -4.68
CA ILE B 154 -18.11 13.86 -5.87
C ILE B 154 -16.81 14.58 -5.59
N VAL B 155 -15.72 14.03 -6.07
CA VAL B 155 -14.43 14.65 -5.84
C VAL B 155 -13.84 14.90 -7.22
N ALA B 156 -13.03 15.94 -7.33
CA ALA B 156 -12.47 16.26 -8.63
C ALA B 156 -11.91 15.02 -9.31
N ASP B 157 -11.23 14.15 -8.54
CA ASP B 157 -10.75 12.90 -9.10
C ASP B 157 -10.37 11.91 -7.98
N GLY B 158 -9.85 10.76 -8.40
CA GLY B 158 -9.48 9.72 -7.45
C GLY B 158 -8.32 10.12 -6.58
N SER B 159 -7.26 10.64 -7.20
CA SER B 159 -6.12 11.12 -6.42
C SER B 159 -6.57 12.03 -5.29
N LEU B 160 -7.41 13.02 -5.59
CA LEU B 160 -7.87 13.91 -4.54
C LEU B 160 -8.81 13.19 -3.58
N ALA B 161 -9.53 12.17 -4.07
CA ALA B 161 -10.37 11.41 -3.17
C ALA B 161 -9.50 10.69 -2.13
N ASN B 162 -8.37 10.12 -2.56
CA ASN B 162 -7.45 9.48 -1.64
C ASN B 162 -6.93 10.48 -0.60
N LEU B 163 -6.44 11.65 -1.04
CA LEU B 163 -6.01 12.69 -0.09
C LEU B 163 -7.10 13.02 0.91
N GLU B 164 -8.34 13.16 0.45
CA GLU B 164 -9.43 13.38 1.38
C GLU B 164 -9.64 12.19 2.30
N GLY B 165 -9.41 10.97 1.82
CA GLY B 165 -9.46 9.83 2.71
C GLY B 165 -8.40 9.93 3.78
N LEU B 166 -7.17 10.23 3.37
CA LEU B 166 -6.08 10.37 4.31
C LEU B 166 -6.32 11.56 5.24
N TRP B 167 -6.89 12.65 4.72
CA TRP B 167 -7.30 13.74 5.60
C TRP B 167 -8.21 13.21 6.70
N TYR B 168 -9.17 12.38 6.34
CA TYR B 168 -10.05 11.77 7.32
C TYR B 168 -9.24 10.97 8.34
N ALA B 169 -8.41 10.04 7.87
CA ALA B 169 -7.70 9.16 8.79
C ALA B 169 -6.83 9.98 9.76
N ARG B 170 -6.06 10.92 9.22
CA ARG B 170 -5.23 11.80 10.04
C ARG B 170 -6.03 12.44 11.19
N ASN B 171 -7.19 12.99 10.86
CA ASN B 171 -7.98 13.67 11.88
C ASN B 171 -8.58 12.68 12.89
N ILE B 172 -8.92 11.48 12.43
CA ILE B 172 -9.54 10.50 13.32
C ILE B 172 -8.54 10.03 14.36
N LYS B 173 -7.38 9.57 13.92
CA LYS B 173 -6.39 9.00 14.88
C LYS B 173 -5.97 10.06 15.90
N SER B 174 -6.13 11.34 15.57
CA SER B 174 -5.67 12.43 16.45
C SER B 174 -6.74 12.84 17.45
N LEU B 175 -8.00 12.55 17.13
CA LEU B 175 -9.13 12.99 17.98
C LEU B 175 -9.04 12.48 19.42
N PRO B 176 -8.73 11.19 19.72
CA PRO B 176 -8.56 10.76 21.11
C PRO B 176 -7.58 11.57 21.97
N PHE B 177 -6.39 11.88 21.45
CA PHE B 177 -5.41 12.70 22.20
C PHE B 177 -5.99 14.09 22.45
N ALA B 178 -6.73 14.62 21.48
CA ALA B 178 -7.33 15.97 21.62
C ALA B 178 -8.51 15.88 22.56
N MET B 179 -9.07 14.68 22.69
CA MET B 179 -10.18 14.48 23.66
C MET B 179 -9.56 14.31 25.05
N LYS B 180 -8.24 14.09 25.15
CA LYS B 180 -7.53 14.01 26.46
C LYS B 180 -6.98 15.38 26.82
N GLU B 181 -7.00 16.33 25.88
CA GLU B 181 -6.47 17.70 26.13
C GLU B 181 -7.62 18.69 26.41
N VAL B 182 -8.82 18.47 25.86
CA VAL B 182 -9.99 19.40 26.03
C VAL B 182 -11.04 18.85 27.01
N LYS B 183 -11.33 17.54 27.04
CA LYS B 183 -12.37 16.97 27.89
C LYS B 183 -12.02 15.54 28.26
N PRO B 184 -11.03 15.36 29.15
CA PRO B 184 -10.51 14.01 29.44
C PRO B 184 -11.55 13.04 29.95
N GLU B 185 -12.64 13.53 30.53
CA GLU B 185 -13.70 12.68 31.05
C GLU B 185 -14.07 11.70 29.91
N LEU B 186 -13.88 12.06 28.65
CA LEU B 186 -14.33 11.19 27.52
C LEU B 186 -13.41 9.98 27.39
N VAL B 187 -12.10 10.20 27.49
CA VAL B 187 -11.11 9.11 27.29
C VAL B 187 -10.46 8.83 28.64
N ALA B 188 -11.27 8.93 29.70
CA ALA B 188 -10.77 8.73 31.07
C ALA B 188 -10.25 7.32 31.25
N GLY B 189 -9.13 7.18 31.94
CA GLY B 189 -8.59 5.84 32.23
C GLY B 189 -8.00 5.17 31.02
N LYS B 190 -7.74 5.93 29.96
CA LYS B 190 -7.27 5.28 28.72
C LYS B 190 -5.77 5.53 28.56
N SER B 191 -5.05 4.49 28.19
CA SER B 191 -3.60 4.60 27.93
C SER B 191 -3.36 5.47 26.72
N ASP B 192 -2.13 5.95 26.56
CA ASP B 192 -1.78 6.69 25.32
C ASP B 192 -1.90 5.72 24.15
N TRP B 193 -1.55 4.45 24.34
CA TRP B 193 -1.62 3.44 23.26
C TRP B 193 -3.07 3.11 22.92
N GLU B 194 -3.95 3.15 23.91
CA GLU B 194 -5.37 2.73 23.69
C GLU B 194 -6.03 3.84 22.90
N LEU B 195 -5.67 5.08 23.21
CA LEU B 195 -6.20 6.23 22.47
C LEU B 195 -5.75 6.11 21.01
N LEU B 196 -4.53 5.64 20.78
CA LEU B 196 -3.98 5.53 19.41
C LEU B 196 -4.36 4.19 18.80
N ASN B 197 -5.35 3.51 19.39
CA ASN B 197 -5.84 2.22 18.83
C ASN B 197 -7.34 2.11 19.08
N MET B 198 -7.99 3.24 19.32
CA MET B 198 -9.45 3.24 19.55
C MET B 198 -10.16 3.07 18.22
N PRO B 199 -11.19 2.22 18.10
CA PRO B 199 -11.92 2.08 16.86
C PRO B 199 -12.66 3.35 16.39
N THR B 200 -12.67 3.59 15.08
CA THR B 200 -13.29 4.82 14.51
C THR B 200 -14.69 5.04 15.08
N LYS B 201 -15.51 4.00 15.20
CA LYS B 201 -16.89 4.18 15.69
C LYS B 201 -16.90 4.77 17.11
N GLU B 202 -16.04 4.27 18.00
CA GLU B 202 -16.00 4.75 19.41
C GLU B 202 -15.57 6.22 19.44
N ILE B 203 -14.54 6.55 18.68
CA ILE B 203 -14.07 7.96 18.59
C ILE B 203 -15.24 8.81 18.13
N MET B 204 -16.01 8.31 17.17
CA MET B 204 -17.12 9.11 16.60
C MET B 204 -18.24 9.26 17.62
N ASP B 205 -18.60 8.17 18.32
CA ASP B 205 -19.68 8.23 19.34
C ASP B 205 -19.26 9.19 20.45
N LEU B 206 -17.97 9.28 20.72
CA LEU B 206 -17.46 10.16 21.80
C LEU B 206 -17.41 11.62 21.32
N LEU B 207 -16.98 11.86 20.08
CA LEU B 207 -16.99 13.26 19.56
C LEU B 207 -18.41 13.78 19.63
N GLU B 208 -19.35 13.00 19.11
CA GLU B 208 -20.76 13.46 19.06
C GLU B 208 -21.33 13.57 20.47
N SER B 209 -20.66 13.00 21.46
CA SER B 209 -21.12 13.15 22.86
C SER B 209 -20.72 14.54 23.32
N ALA B 210 -19.53 15.00 22.94
CA ALA B 210 -19.03 16.30 23.34
C ALA B 210 -19.63 17.42 22.51
N GLU B 211 -20.96 17.50 22.45
CA GLU B 211 -21.60 18.44 21.54
C GLU B 211 -21.03 19.83 21.75
N ASP B 212 -21.13 20.35 22.97
CA ASP B 212 -20.76 21.71 23.21
C ASP B 212 -19.26 21.96 23.04
N GLU B 213 -18.45 20.91 22.97
CA GLU B 213 -16.99 21.05 22.91
C GLU B 213 -16.38 20.55 21.60
N ILE B 214 -17.21 20.12 20.65
CA ILE B 214 -16.70 19.44 19.46
C ILE B 214 -15.66 20.30 18.73
N ASP B 215 -15.99 21.55 18.39
CA ASP B 215 -15.01 22.32 17.63
C ASP B 215 -13.79 22.67 18.47
N GLU B 216 -13.88 22.60 19.79
CA GLU B 216 -12.67 22.72 20.60
C GLU B 216 -11.80 21.48 20.47
N ILE B 217 -12.40 20.29 20.50
CA ILE B 217 -11.62 19.04 20.30
C ILE B 217 -10.96 19.10 18.92
N LYS B 218 -11.68 19.57 17.92
CA LYS B 218 -11.15 19.59 16.54
C LYS B 218 -10.00 20.57 16.42
N ALA B 219 -9.93 21.53 17.33
CA ALA B 219 -8.87 22.55 17.29
C ALA B 219 -7.55 21.97 17.81
N HIS B 220 -7.63 20.88 18.57
CA HIS B 220 -6.40 20.22 19.10
C HIS B 220 -6.13 18.97 18.28
N SER B 221 -6.91 18.74 17.23
CA SER B 221 -6.70 17.58 16.34
C SER B 221 -5.53 17.84 15.39
N ALA B 222 -5.29 16.94 14.45
CA ALA B 222 -4.22 17.12 13.45
C ALA B 222 -4.47 18.42 12.71
N ARG B 223 -5.71 18.86 12.67
CA ARG B 223 -6.06 20.16 12.09
C ARG B 223 -5.07 21.20 12.61
N SER B 224 -4.78 21.25 13.92
CA SER B 224 -3.82 22.22 14.54
C SER B 224 -2.39 22.18 13.98
N GLY B 225 -1.89 21.01 13.57
CA GLY B 225 -0.52 20.92 13.06
C GLY B 225 0.38 20.06 13.93
N LYS B 226 -0.16 19.56 15.05
CA LYS B 226 0.64 18.77 16.02
C LYS B 226 0.26 17.30 15.99
N HIS B 227 1.11 16.43 16.54
CA HIS B 227 0.85 14.97 16.64
C HIS B 227 0.75 14.31 15.27
N LEU B 228 1.34 14.90 14.25
CA LEU B 228 1.19 14.35 12.88
C LEU B 228 2.05 13.11 12.73
N GLN B 229 3.09 12.99 13.56
CA GLN B 229 4.02 11.83 13.43
C GLN B 229 3.63 10.77 14.45
N ALA B 230 2.76 11.12 15.38
CA ALA B 230 2.40 10.17 16.46
C ALA B 230 1.17 9.36 16.07
N ILE B 231 0.44 9.80 15.05
CA ILE B 231 -0.85 9.13 14.70
C ILE B 231 -0.52 7.83 14.00
N GLY B 232 0.72 7.70 13.56
CA GLY B 232 1.09 6.38 13.05
C GLY B 232 1.53 6.34 11.63
N LYS B 233 1.67 5.12 11.14
CA LYS B 233 2.16 4.92 9.78
C LYS B 233 1.01 4.56 8.86
N TRP B 234 1.13 4.95 7.60
CA TRP B 234 0.13 4.72 6.58
C TRP B 234 0.63 3.53 5.77
N LEU B 235 -0.11 2.43 5.86
CA LEU B 235 0.35 1.18 5.25
C LEU B 235 -0.34 0.99 3.90
N VAL B 236 0.44 0.85 2.84
CA VAL B 236 -0.16 0.78 1.48
C VAL B 236 0.41 -0.42 0.75
N PRO B 237 -0.29 -0.91 -0.30
CA PRO B 237 0.27 -1.96 -1.12
C PRO B 237 1.51 -1.43 -1.83
N GLN B 238 2.44 -2.33 -2.15
CA GLN B 238 3.71 -1.90 -2.79
C GLN B 238 3.40 -1.46 -4.22
N THR B 239 2.25 -1.91 -4.73
CA THR B 239 1.82 -1.54 -6.10
C THR B 239 0.95 -0.29 -5.97
N LYS B 240 1.21 0.55 -4.99
CA LYS B 240 0.39 1.75 -4.72
C LYS B 240 0.34 2.70 -5.91
N HIS B 241 -0.73 3.48 -6.02
CA HIS B 241 -0.76 4.55 -7.04
C HIS B 241 -0.12 5.78 -6.38
N TYR B 242 0.58 6.60 -7.13
CA TYR B 242 1.36 7.71 -6.52
C TYR B 242 0.51 8.68 -5.74
N SER B 243 -0.80 8.69 -5.97
CA SER B 243 -1.73 9.58 -5.25
C SER B 243 -1.48 9.43 -3.76
N TRP B 244 -1.14 8.24 -3.31
CA TRP B 244 -0.97 7.95 -1.87
C TRP B 244 0.34 8.51 -1.33
N LEU B 245 1.40 8.49 -2.13
CA LEU B 245 2.65 9.14 -1.70
C LEU B 245 2.40 10.65 -1.66
N LYS B 246 1.85 11.19 -2.75
CA LYS B 246 1.49 12.63 -2.78
C LYS B 246 0.57 12.91 -1.60
N ALA B 247 -0.36 12.02 -1.30
CA ALA B 247 -1.31 12.24 -0.20
C ALA B 247 -0.58 12.39 1.13
N ALA B 248 0.37 11.50 1.43
CA ALA B 248 1.16 11.62 2.66
C ALA B 248 1.87 12.98 2.70
N ASP B 249 2.64 13.28 1.67
CA ASP B 249 3.30 14.61 1.52
C ASP B 249 2.30 15.71 1.84
N ILE B 250 1.25 15.82 1.03
CA ILE B 250 0.27 16.94 1.20
C ILE B 250 -0.37 16.93 2.59
N ILE B 251 -0.75 15.77 3.12
CA ILE B 251 -1.48 15.74 4.43
C ILE B 251 -0.56 16.03 5.62
N GLY B 252 0.74 15.85 5.48
CA GLY B 252 1.62 16.25 6.59
C GLY B 252 2.26 15.11 7.38
N ILE B 253 1.75 13.90 7.23
CA ILE B 253 2.39 12.74 7.90
C ILE B 253 3.71 12.54 7.19
N GLY B 254 3.72 12.76 5.89
CA GLY B 254 4.98 12.68 5.15
C GLY B 254 5.22 11.37 4.48
N LEU B 255 6.14 11.38 3.53
CA LEU B 255 6.48 10.16 2.76
C LEU B 255 7.15 9.17 3.70
N ASP B 256 7.72 9.64 4.79
CA ASP B 256 8.47 8.78 5.74
C ASP B 256 7.52 7.91 6.58
N GLN B 257 6.23 8.20 6.52
CA GLN B 257 5.24 7.45 7.30
C GLN B 257 4.44 6.53 6.36
N VAL B 258 4.95 6.32 5.16
CA VAL B 258 4.27 5.38 4.24
C VAL B 258 5.09 4.09 4.20
N ILE B 259 4.45 2.97 4.55
CA ILE B 259 5.15 1.66 4.58
C ILE B 259 4.64 0.79 3.43
N PRO B 260 5.43 0.37 2.40
CA PRO B 260 4.89 -0.52 1.37
C PRO B 260 4.75 -1.94 1.89
N VAL B 261 3.57 -2.51 1.74
CA VAL B 261 3.28 -3.88 2.12
C VAL B 261 3.46 -4.78 0.90
N PRO B 262 4.29 -5.81 0.96
CA PRO B 262 4.53 -6.60 -0.24
C PRO B 262 3.24 -7.24 -0.71
N VAL B 263 3.24 -7.59 -1.99
CA VAL B 263 2.03 -8.20 -2.57
C VAL B 263 2.41 -9.63 -2.97
N ASP B 264 1.41 -10.44 -3.32
CA ASP B 264 1.68 -11.85 -3.68
C ASP B 264 2.00 -11.94 -5.16
N HIS B 265 2.00 -13.16 -5.69
CA HIS B 265 2.29 -13.42 -7.11
C HIS B 265 1.05 -13.05 -7.93
N ASN B 266 -0.07 -12.86 -7.24
CA ASN B 266 -1.33 -12.43 -7.91
C ASN B 266 -1.44 -10.93 -7.73
N TYR B 267 -0.40 -10.29 -7.21
CA TYR B 267 -0.32 -8.82 -7.04
C TYR B 267 -1.36 -8.30 -6.04
N ARG B 268 -1.83 -9.17 -5.16
CA ARG B 268 -2.75 -8.74 -4.09
C ARG B 268 -1.94 -8.51 -2.82
N MET B 269 -2.30 -7.53 -2.00
CA MET B 269 -1.56 -7.22 -0.75
C MET B 269 -1.39 -8.50 0.08
N ASP B 270 -0.17 -8.78 0.54
CA ASP B 270 0.08 -9.95 1.40
C ASP B 270 -0.45 -9.63 2.81
N ILE B 271 -1.41 -10.41 3.28
CA ILE B 271 -2.05 -10.13 4.59
C ILE B 271 -1.16 -10.73 5.69
N ASN B 272 -0.40 -11.76 5.34
CA ASN B 272 0.53 -12.32 6.34
C ASN B 272 1.61 -11.25 6.53
N GLU B 273 2.00 -10.60 5.45
CA GLU B 273 2.98 -9.51 5.56
C GLU B 273 2.35 -8.30 6.29
N LEU B 274 1.06 -8.06 6.11
CA LEU B 274 0.40 -6.94 6.82
C LEU B 274 0.51 -7.17 8.33
N GLU B 275 0.19 -8.38 8.80
CA GLU B 275 0.33 -8.71 10.24
C GLU B 275 1.77 -8.47 10.66
N LYS B 276 2.71 -9.05 9.93
CA LYS B 276 4.14 -8.94 10.32
C LYS B 276 4.49 -7.47 10.53
N ILE B 277 3.93 -6.57 9.72
CA ILE B 277 4.31 -5.14 9.82
C ILE B 277 3.52 -4.49 10.95
N VAL B 278 2.22 -4.71 10.97
CA VAL B 278 1.35 -4.05 11.99
C VAL B 278 1.83 -4.46 13.38
N ARG B 279 2.05 -5.75 13.60
CA ARG B 279 2.44 -6.23 14.94
C ARG B 279 3.83 -5.70 15.27
N GLY B 280 4.73 -5.73 14.29
CA GLY B 280 6.09 -5.20 14.49
C GLY B 280 6.08 -3.74 14.90
N LEU B 281 5.26 -2.93 14.26
CA LEU B 281 5.15 -1.50 14.62
C LEU B 281 4.61 -1.41 16.04
N ALA B 282 3.69 -2.29 16.41
CA ALA B 282 3.08 -2.22 17.75
C ALA B 282 4.08 -2.65 18.82
N GLU B 283 5.00 -3.55 18.48
CA GLU B 283 6.06 -3.94 19.43
C GLU B 283 6.95 -2.72 19.63
N GLU B 284 7.16 -1.93 18.58
CA GLU B 284 7.96 -0.69 18.69
C GLU B 284 7.05 0.46 19.18
N GLN B 285 5.81 0.17 19.56
CA GLN B 285 4.83 1.19 20.00
C GLN B 285 4.63 2.27 18.93
N ILE B 286 4.65 1.87 17.66
CA ILE B 286 4.38 2.81 16.54
C ILE B 286 2.98 2.48 16.04
N PRO B 287 2.03 3.42 16.08
CA PRO B 287 0.68 3.11 15.67
C PRO B 287 0.53 2.91 14.16
N VAL B 288 -0.60 2.35 13.73
CA VAL B 288 -0.87 2.22 12.28
C VAL B 288 -1.97 3.22 11.94
N LEU B 289 -1.61 4.34 11.32
CA LEU B 289 -2.56 5.39 10.96
C LEU B 289 -3.71 4.82 10.15
N GLY B 290 -3.40 4.00 9.16
CA GLY B 290 -4.41 3.26 8.47
C GLY B 290 -3.78 2.35 7.44
N VAL B 291 -4.61 1.45 6.92
CA VAL B 291 -4.23 0.57 5.83
C VAL B 291 -5.11 0.90 4.64
N VAL B 292 -4.53 0.78 3.45
CA VAL B 292 -5.24 0.99 2.19
C VAL B 292 -5.32 -0.35 1.44
N GLY B 293 -6.54 -0.82 1.23
CA GLY B 293 -6.78 -1.94 0.35
C GLY B 293 -7.28 -1.41 -0.99
N VAL B 294 -6.60 -1.84 -2.04
CA VAL B 294 -6.90 -1.43 -3.40
C VAL B 294 -7.80 -2.48 -4.01
N VAL B 295 -8.99 -2.07 -4.42
CA VAL B 295 -9.92 -2.94 -5.18
C VAL B 295 -9.78 -2.49 -6.63
N GLY B 296 -8.85 -3.11 -7.36
CA GLY B 296 -8.61 -2.75 -8.75
C GLY B 296 -7.35 -1.92 -8.95
N SER B 297 -6.19 -2.57 -8.90
CA SER B 297 -4.93 -1.84 -9.05
C SER B 297 -4.82 -1.20 -10.43
N THR B 298 -4.10 -0.07 -10.50
CA THR B 298 -4.03 0.64 -11.76
C THR B 298 -3.27 -0.19 -12.79
N GLU B 299 -2.20 -0.88 -12.37
CA GLU B 299 -1.31 -1.55 -13.30
C GLU B 299 -1.67 -3.01 -13.57
N GLU B 300 -2.45 -3.67 -12.71
CA GLU B 300 -2.76 -5.08 -12.96
C GLU B 300 -4.23 -5.44 -12.82
N GLY B 301 -5.06 -4.55 -12.32
CA GLY B 301 -6.45 -4.87 -12.09
C GLY B 301 -6.70 -5.90 -11.02
N ALA B 302 -5.92 -5.83 -9.95
CA ALA B 302 -6.01 -6.86 -8.90
C ALA B 302 -6.93 -6.36 -7.80
N VAL B 303 -7.52 -7.29 -7.06
CA VAL B 303 -8.43 -6.94 -5.95
C VAL B 303 -7.80 -7.41 -4.65
N ASP B 304 -7.33 -6.47 -3.84
CA ASP B 304 -6.80 -6.82 -2.51
C ASP B 304 -7.94 -7.48 -1.75
N SER B 305 -7.66 -8.59 -1.09
CA SER B 305 -8.68 -9.29 -0.26
C SER B 305 -9.02 -8.42 0.95
N ILE B 306 -9.96 -7.49 0.78
CA ILE B 306 -10.38 -6.54 1.85
C ILE B 306 -10.96 -7.32 3.04
N ASP B 307 -11.62 -8.44 2.76
CA ASP B 307 -12.16 -9.31 3.86
C ASP B 307 -11.02 -9.72 4.77
N LYS B 308 -9.88 -10.10 4.18
CA LYS B 308 -8.71 -10.58 4.95
C LYS B 308 -8.13 -9.41 5.71
N ILE B 309 -8.16 -8.22 5.10
CA ILE B 309 -7.66 -6.99 5.79
C ILE B 309 -8.57 -6.65 6.98
N ILE B 310 -9.89 -6.79 6.85
CA ILE B 310 -10.81 -6.38 7.93
C ILE B 310 -10.82 -7.46 9.01
N ALA B 311 -10.67 -8.72 8.60
CA ALA B 311 -10.62 -9.84 9.56
C ALA B 311 -9.41 -9.64 10.46
N LEU B 312 -8.26 -9.33 9.87
CA LEU B 312 -7.02 -9.17 10.65
C LEU B 312 -7.24 -8.04 11.64
N ARG B 313 -8.08 -7.08 11.30
CA ARG B 313 -8.27 -5.91 12.21
C ARG B 313 -9.07 -6.37 13.42
N ASP B 314 -10.01 -7.28 13.18
CA ASP B 314 -10.78 -7.83 14.31
C ASP B 314 -9.82 -8.73 15.07
N GLU B 315 -9.07 -9.53 14.34
CA GLU B 315 -8.05 -10.42 14.94
C GLU B 315 -7.08 -9.60 15.79
N LEU B 316 -6.84 -8.34 15.45
CA LEU B 316 -5.78 -7.56 16.17
C LEU B 316 -6.37 -6.75 17.31
N MET B 317 -7.69 -6.64 17.38
CA MET B 317 -8.27 -5.74 18.41
C MET B 317 -8.28 -6.47 19.75
N LYS B 318 -8.23 -7.79 19.71
CA LYS B 318 -8.08 -8.54 20.98
C LYS B 318 -6.73 -8.13 21.56
N ASP B 319 -5.75 -7.81 20.70
CA ASP B 319 -4.39 -7.42 21.17
C ASP B 319 -4.24 -5.90 21.26
N GLY B 320 -5.34 -5.16 21.34
CA GLY B 320 -5.30 -3.70 21.47
C GLY B 320 -4.74 -3.00 20.23
N ILE B 321 -4.84 -3.65 19.07
CA ILE B 321 -4.36 -3.04 17.79
C ILE B 321 -5.56 -2.66 16.91
N TYR B 322 -5.61 -1.42 16.42
CA TYR B 322 -6.68 -1.05 15.47
C TYR B 322 -6.11 -0.17 14.36
N TYR B 323 -6.64 -0.28 13.16
CA TYR B 323 -6.21 0.66 12.09
C TYR B 323 -7.41 1.10 11.27
N TYR B 324 -7.35 2.31 10.74
CA TYR B 324 -8.43 2.75 9.82
C TYR B 324 -8.22 1.96 8.53
N VAL B 325 -9.29 1.61 7.85
CA VAL B 325 -9.13 0.95 6.53
C VAL B 325 -9.74 1.86 5.47
N HIS B 326 -8.97 2.30 4.49
CA HIS B 326 -9.57 3.06 3.37
C HIS B 326 -9.47 2.21 2.11
N VAL B 327 -10.56 2.07 1.38
CA VAL B 327 -10.54 1.22 0.17
C VAL B 327 -10.30 2.07 -1.06
N ASP B 328 -9.15 1.91 -1.72
CA ASP B 328 -8.93 2.61 -3.00
C ASP B 328 -9.60 1.79 -4.09
N ALA B 329 -10.83 2.14 -4.43
CA ALA B 329 -11.56 1.42 -5.50
C ALA B 329 -11.86 2.43 -6.60
N ALA B 330 -10.99 3.43 -6.72
CA ALA B 330 -11.11 4.43 -7.80
C ALA B 330 -11.53 3.74 -9.09
N TYR B 331 -10.82 2.67 -9.45
CA TYR B 331 -11.08 1.97 -10.72
C TYR B 331 -12.17 0.91 -10.60
N GLY B 332 -12.21 0.17 -9.49
CA GLY B 332 -13.15 -0.97 -9.42
C GLY B 332 -14.41 -0.77 -8.61
N GLY B 333 -14.56 0.39 -7.97
CA GLY B 333 -15.71 0.68 -7.10
C GLY B 333 -17.05 0.36 -7.74
N TYR B 334 -17.31 0.89 -8.93
CA TYR B 334 -18.58 0.67 -9.65
C TYR B 334 -18.84 -0.81 -9.85
N GLY B 335 -17.80 -1.62 -10.06
CA GLY B 335 -17.92 -3.08 -10.21
C GLY B 335 -18.78 -3.71 -9.14
N ARG B 336 -18.84 -3.14 -7.95
CA ARG B 336 -19.67 -3.66 -6.81
C ARG B 336 -21.16 -3.78 -7.16
N ALA B 337 -21.61 -3.11 -8.20
CA ALA B 337 -23.03 -3.17 -8.63
C ALA B 337 -23.37 -4.55 -9.21
N ILE B 338 -22.37 -5.28 -9.73
CA ILE B 338 -22.61 -6.67 -10.23
C ILE B 338 -23.00 -7.57 -9.05
N PHE B 339 -22.71 -7.13 -7.83
CA PHE B 339 -22.96 -8.02 -6.68
C PHE B 339 -24.26 -7.64 -5.97
N LEU B 340 -24.92 -6.58 -6.42
CA LEU B 340 -26.13 -6.12 -5.72
C LEU B 340 -27.38 -6.44 -6.54
N ASP B 341 -28.45 -6.81 -5.85
CA ASP B 341 -29.73 -7.12 -6.53
C ASP B 341 -30.55 -5.84 -6.51
N GLU B 342 -31.77 -5.90 -6.99
CA GLU B 342 -32.60 -4.68 -7.11
C GLU B 342 -33.03 -4.18 -5.74
N ASP B 343 -32.71 -4.91 -4.68
CA ASP B 343 -33.02 -4.43 -3.31
C ASP B 343 -31.73 -4.01 -2.60
N ASN B 344 -30.63 -3.96 -3.35
CA ASN B 344 -29.32 -3.52 -2.80
C ASN B 344 -28.71 -4.62 -1.93
N ASN B 345 -29.24 -5.83 -2.05
CA ASN B 345 -28.74 -6.92 -1.20
C ASN B 345 -27.63 -7.63 -1.95
N PHE B 346 -26.55 -7.92 -1.25
CA PHE B 346 -25.43 -8.65 -1.88
C PHE B 346 -25.90 -10.05 -2.26
N ILE B 347 -25.89 -10.35 -3.56
CA ILE B 347 -26.28 -11.69 -4.07
C ILE B 347 -25.36 -12.76 -3.49
N PRO B 348 -25.90 -13.86 -2.92
CA PRO B 348 -25.09 -14.97 -2.44
C PRO B 348 -24.22 -15.54 -3.57
N TYR B 349 -22.96 -15.85 -3.28
CA TYR B 349 -22.02 -16.29 -4.33
C TYR B 349 -22.61 -17.42 -5.18
N GLU B 350 -23.27 -18.39 -4.58
CA GLU B 350 -23.80 -19.57 -5.33
C GLU B 350 -24.87 -19.12 -6.30
N ASP B 351 -25.36 -17.90 -6.14
CA ASP B 351 -26.47 -17.40 -6.98
C ASP B 351 -26.00 -16.43 -8.05
N LEU B 352 -24.70 -16.12 -8.12
CA LEU B 352 -24.23 -15.07 -9.05
C LEU B 352 -24.46 -15.51 -10.50
N GLN B 353 -24.02 -16.71 -10.86
CA GLN B 353 -24.15 -17.15 -12.27
C GLN B 353 -25.62 -17.19 -12.66
N ASP B 354 -26.48 -17.48 -11.71
CA ASP B 354 -27.93 -17.61 -12.00
C ASP B 354 -28.51 -16.21 -12.15
N VAL B 355 -28.25 -15.34 -11.16
CA VAL B 355 -28.82 -13.97 -11.16
C VAL B 355 -28.23 -13.20 -12.34
N HIS B 356 -26.96 -13.42 -12.63
CA HIS B 356 -26.26 -12.70 -13.70
C HIS B 356 -26.82 -13.09 -15.05
N GLU B 357 -27.34 -14.31 -15.16
CA GLU B 357 -27.89 -14.79 -16.43
C GLU B 357 -29.29 -14.19 -16.60
N GLU B 358 -30.02 -14.05 -15.50
CA GLU B 358 -31.41 -13.54 -15.58
C GLU B 358 -31.38 -12.06 -15.93
N TYR B 359 -30.26 -11.40 -15.63
CA TYR B 359 -30.15 -9.95 -15.85
C TYR B 359 -29.26 -9.67 -17.05
N GLY B 360 -28.72 -10.71 -17.69
CA GLY B 360 -27.89 -10.55 -18.89
C GLY B 360 -26.52 -9.97 -18.59
N VAL B 361 -26.07 -10.10 -17.35
CA VAL B 361 -24.78 -9.52 -16.93
C VAL B 361 -23.66 -10.26 -17.67
N PHE B 362 -23.77 -11.58 -17.75
CA PHE B 362 -22.78 -12.39 -18.48
C PHE B 362 -23.52 -13.20 -19.52
N LYS B 363 -22.91 -13.41 -20.68
CA LYS B 363 -23.60 -14.11 -21.78
C LYS B 363 -23.26 -15.60 -21.66
N GLU B 364 -22.26 -15.91 -20.84
CA GLU B 364 -21.84 -17.32 -20.64
C GLU B 364 -22.03 -17.70 -19.19
N LYS B 365 -22.80 -18.76 -18.93
CA LYS B 365 -22.95 -19.24 -17.54
C LYS B 365 -21.71 -20.04 -17.18
N LYS B 366 -20.67 -19.37 -16.72
CA LYS B 366 -19.43 -20.02 -16.28
C LYS B 366 -18.97 -19.16 -15.10
N GLU B 367 -17.98 -19.61 -14.34
CA GLU B 367 -17.46 -18.74 -13.26
C GLU B 367 -16.70 -17.56 -13.88
N HIS B 368 -17.02 -16.35 -13.44
CA HIS B 368 -16.35 -15.14 -13.98
C HIS B 368 -15.70 -14.38 -12.84
N ILE B 369 -16.19 -14.61 -11.63
CA ILE B 369 -15.67 -13.82 -10.48
C ILE B 369 -15.20 -14.77 -9.37
N SER B 370 -13.99 -14.57 -8.85
CA SER B 370 -13.47 -15.35 -7.71
C SER B 370 -14.46 -15.15 -6.58
N ARG B 371 -14.48 -16.07 -5.64
CA ARG B 371 -15.32 -15.75 -4.46
C ARG B 371 -14.41 -14.86 -3.62
N GLU B 372 -13.12 -14.93 -3.90
CA GLU B 372 -12.16 -14.06 -3.20
C GLU B 372 -12.45 -12.61 -3.58
N VAL B 373 -12.49 -12.30 -4.87
CA VAL B 373 -12.83 -10.92 -5.33
C VAL B 373 -14.25 -10.61 -4.88
N TYR B 374 -15.10 -11.63 -4.82
CA TYR B 374 -16.48 -11.45 -4.34
C TYR B 374 -16.45 -11.05 -2.87
N ASP B 375 -15.72 -11.81 -2.06
CA ASP B 375 -15.63 -11.56 -0.59
C ASP B 375 -14.92 -10.23 -0.38
N ALA B 376 -13.91 -9.95 -1.20
CA ALA B 376 -13.16 -8.68 -1.10
C ALA B 376 -14.13 -7.53 -1.33
N TYR B 377 -14.97 -7.68 -2.34
CA TYR B 377 -15.97 -6.63 -2.61
C TYR B 377 -16.87 -6.48 -1.39
N LYS B 378 -17.45 -7.57 -0.88
CA LYS B 378 -18.44 -7.46 0.22
C LYS B 378 -17.83 -6.83 1.46
N ALA B 379 -16.57 -7.11 1.74
CA ALA B 379 -15.93 -6.62 2.98
C ALA B 379 -15.82 -5.10 2.96
N ILE B 380 -15.97 -4.51 1.78
CA ILE B 380 -15.90 -3.03 1.63
C ILE B 380 -16.89 -2.35 2.59
N GLU B 381 -17.96 -3.02 2.99
CA GLU B 381 -18.95 -2.32 3.84
C GLU B 381 -18.43 -2.13 5.26
N LEU B 382 -17.26 -2.68 5.56
CA LEU B 382 -16.68 -2.61 6.91
C LEU B 382 -15.59 -1.53 6.95
N ALA B 383 -15.09 -1.10 5.80
CA ALA B 383 -14.07 -0.03 5.77
C ALA B 383 -14.71 1.33 6.07
N GLU B 384 -13.91 2.27 6.58
CA GLU B 384 -14.45 3.57 7.03
C GLU B 384 -14.73 4.46 5.82
N SER B 385 -13.90 4.34 4.79
CA SER B 385 -14.09 5.20 3.62
C SER B 385 -13.60 4.50 2.35
N VAL B 386 -14.13 4.91 1.21
CA VAL B 386 -13.75 4.32 -0.09
C VAL B 386 -13.50 5.40 -1.16
N THR B 387 -12.52 5.19 -2.04
CA THR B 387 -12.34 6.08 -3.20
C THR B 387 -13.04 5.39 -4.36
N ILE B 388 -13.93 6.07 -5.08
CA ILE B 388 -14.59 5.48 -6.28
C ILE B 388 -14.63 6.54 -7.38
N ASP B 389 -14.28 6.16 -8.60
CA ASP B 389 -14.22 7.17 -9.69
C ASP B 389 -15.29 6.91 -10.72
N PRO B 390 -16.32 7.77 -10.76
CA PRO B 390 -17.29 7.71 -11.83
C PRO B 390 -16.61 7.79 -13.22
N HIS B 391 -15.48 8.51 -13.33
CA HIS B 391 -14.72 8.68 -14.59
C HIS B 391 -13.81 7.50 -14.90
N1 LLP B 392 -5.66 4.65 -7.29
C2 LLP B 392 -6.14 3.74 -8.11
C2' LLP B 392 -6.11 2.30 -7.69
C3 LLP B 392 -6.63 4.09 -9.37
O3 LLP B 392 -7.08 3.09 -10.16
C4 LLP B 392 -6.63 5.44 -9.75
C4' LLP B 392 -7.15 5.87 -11.03
C5 LLP B 392 -6.15 6.40 -8.85
C6 LLP B 392 -5.68 5.96 -7.65
C5' LLP B 392 -6.08 7.86 -9.17
OP4 LLP B 392 -7.40 8.49 -9.38
P LLP B 392 -7.56 9.63 -10.49
OP1 LLP B 392 -6.77 9.16 -11.64
OP2 LLP B 392 -9.01 9.70 -10.79
OP3 LLP B 392 -7.04 10.89 -9.91
N LLP B 392 -14.03 6.42 -14.21
CA LLP B 392 -13.33 5.18 -14.56
CB LLP B 392 -12.37 4.77 -13.45
CG LLP B 392 -11.25 5.76 -13.20
CD LLP B 392 -9.90 5.08 -13.10
CE LLP B 392 -9.28 5.23 -11.73
NZ LLP B 392 -7.83 5.15 -11.81
C LLP B 392 -14.44 4.19 -14.90
O LLP B 392 -14.97 4.27 -16.00
N MET B 393 -14.83 3.34 -13.96
CA MET B 393 -15.83 2.30 -14.30
C MET B 393 -17.28 2.79 -14.20
N GLY B 394 -17.50 4.07 -13.94
CA GLY B 394 -18.86 4.64 -13.99
C GLY B 394 -19.19 5.06 -15.41
N TYR B 395 -18.21 5.04 -16.29
CA TYR B 395 -18.37 5.44 -17.70
C TYR B 395 -18.83 6.89 -17.77
N ILE B 396 -18.44 7.69 -16.79
CA ILE B 396 -18.87 9.09 -16.73
C ILE B 396 -17.68 9.92 -17.18
N PRO B 397 -17.90 10.98 -17.97
CA PRO B 397 -16.81 11.76 -18.48
C PRO B 397 -15.98 12.47 -17.39
N TYR B 398 -14.67 12.57 -17.61
CA TYR B 398 -13.83 13.35 -16.69
C TYR B 398 -14.38 14.77 -16.68
N SER B 399 -14.21 15.47 -15.56
CA SER B 399 -13.52 14.95 -14.36
C SER B 399 -14.54 14.67 -13.25
N ALA B 400 -14.67 13.40 -12.86
CA ALA B 400 -15.60 13.00 -11.80
C ALA B 400 -15.08 11.84 -10.94
N GLY B 401 -14.51 12.13 -9.79
CA GLY B 401 -14.10 11.08 -8.85
C GLY B 401 -15.08 11.02 -7.70
N GLY B 402 -14.75 10.31 -6.63
CA GLY B 402 -15.74 10.17 -5.57
C GLY B 402 -15.18 9.60 -4.29
N ILE B 403 -15.86 9.88 -3.19
CA ILE B 403 -15.44 9.34 -1.87
C ILE B 403 -16.72 8.91 -1.15
N VAL B 404 -16.66 7.76 -0.50
CA VAL B 404 -17.80 7.30 0.32
C VAL B 404 -17.28 7.19 1.75
N ILE B 405 -18.06 7.62 2.73
CA ILE B 405 -17.67 7.44 4.17
C ILE B 405 -18.72 6.51 4.77
N GLN B 406 -18.30 5.53 5.59
CA GLN B 406 -19.22 4.53 6.16
C GLN B 406 -20.19 5.20 7.12
N ASP B 407 -19.70 6.17 7.86
CA ASP B 407 -20.53 6.91 8.83
C ASP B 407 -20.56 8.40 8.46
N ILE B 408 -21.70 8.91 8.01
CA ILE B 408 -21.88 10.33 7.63
C ILE B 408 -21.29 11.24 8.72
N ARG B 409 -21.37 10.82 9.98
CA ARG B 409 -20.89 11.64 11.12
C ARG B 409 -19.40 11.96 11.01
N MET B 410 -18.62 11.08 10.38
CA MET B 410 -17.14 11.27 10.26
C MET B 410 -16.82 12.62 9.61
N ARG B 411 -17.73 13.16 8.80
CA ARG B 411 -17.49 14.43 8.06
C ARG B 411 -17.38 15.61 9.03
N ASP B 412 -17.90 15.45 10.25
CA ASP B 412 -17.76 16.50 11.28
C ASP B 412 -16.29 16.59 11.69
N VAL B 413 -15.48 15.61 11.29
CA VAL B 413 -14.04 15.55 11.65
C VAL B 413 -13.27 16.51 10.75
N ILE B 414 -13.82 16.81 9.57
CA ILE B 414 -13.12 17.70 8.59
C ILE B 414 -13.98 18.94 8.37
N SER B 415 -15.17 18.99 8.95
CA SER B 415 -16.12 20.08 8.66
C SER B 415 -15.61 21.45 9.10
N TYR B 416 -16.00 22.50 8.38
CA TYR B 416 -15.65 23.87 8.80
C TYR B 416 -16.96 24.65 8.81
N PHE B 417 -17.06 25.70 9.62
CA PHE B 417 -18.26 26.55 9.59
C PHE B 417 -17.81 28.02 9.46
N ILE B 428 -28.80 18.09 4.00
CA ILE B 428 -28.01 18.50 2.80
C ILE B 428 -27.21 19.76 3.14
N PRO B 429 -25.88 19.77 2.96
CA PRO B 429 -25.08 20.94 3.19
C PRO B 429 -25.51 22.21 2.45
N ALA B 430 -25.48 23.36 3.13
CA ALA B 430 -25.77 24.64 2.45
C ALA B 430 -24.46 25.10 1.82
N LEU B 431 -23.38 24.53 2.33
CA LEU B 431 -22.05 24.80 1.76
C LEU B 431 -21.33 23.47 1.80
N LEU B 432 -21.46 22.67 0.74
CA LEU B 432 -20.80 21.34 0.64
C LEU B 432 -19.29 21.53 0.66
N GLY B 433 -18.82 22.76 0.45
CA GLY B 433 -17.38 23.03 0.52
C GLY B 433 -16.84 22.95 1.94
N ALA B 434 -17.73 23.06 2.93
CA ALA B 434 -17.31 22.99 4.34
C ALA B 434 -17.24 21.53 4.79
N TYR B 435 -17.59 20.60 3.92
CA TYR B 435 -17.60 19.16 4.28
C TYR B 435 -16.72 18.36 3.33
N ILE B 436 -15.90 19.04 2.53
CA ILE B 436 -15.11 18.32 1.49
C ILE B 436 -13.71 18.92 1.44
N LEU B 437 -12.80 18.26 0.73
CA LEU B 437 -11.41 18.75 0.60
C LEU B 437 -11.35 19.92 -0.38
N GLU B 438 -12.01 19.80 -1.52
CA GLU B 438 -11.95 20.85 -2.56
C GLU B 438 -12.92 21.98 -2.27
N GLY B 439 -12.99 22.92 -3.20
CA GLY B 439 -13.98 24.01 -3.08
C GLY B 439 -14.96 24.02 -4.23
N SER B 440 -14.74 24.88 -5.22
CA SER B 440 -15.70 25.02 -6.34
C SER B 440 -15.74 23.79 -7.25
N LYS B 441 -16.92 23.42 -7.67
CA LYS B 441 -17.05 22.19 -8.47
C LYS B 441 -18.27 22.33 -9.36
N ALA B 442 -18.18 21.77 -10.55
CA ALA B 442 -19.31 21.91 -11.48
C ALA B 442 -20.51 21.11 -11.02
N GLY B 443 -21.66 21.77 -10.96
CA GLY B 443 -22.91 21.03 -10.68
C GLY B 443 -23.23 20.18 -11.86
N ALA B 444 -22.64 20.51 -12.99
CA ALA B 444 -22.79 19.72 -14.24
C ALA B 444 -22.21 18.32 -14.03
N THR B 445 -21.15 18.19 -13.25
CA THR B 445 -20.53 16.89 -12.91
C THR B 445 -21.54 16.08 -12.11
N ALA B 446 -22.21 16.75 -11.18
CA ALA B 446 -23.24 16.06 -10.38
C ALA B 446 -24.34 15.55 -11.29
N ALA B 447 -24.81 16.38 -12.22
CA ALA B 447 -25.89 16.02 -13.15
C ALA B 447 -25.45 14.88 -14.06
N SER B 448 -24.18 14.86 -14.44
CA SER B 448 -23.59 13.78 -15.27
C SER B 448 -23.59 12.45 -14.49
N VAL B 449 -23.21 12.49 -13.22
CA VAL B 449 -23.12 11.23 -12.43
C VAL B 449 -24.55 10.84 -12.06
N TRP B 450 -25.40 11.84 -11.83
CA TRP B 450 -26.80 11.59 -11.43
C TRP B 450 -27.56 10.95 -12.60
N ALA B 451 -27.34 11.45 -13.82
CA ALA B 451 -27.99 10.88 -15.02
C ALA B 451 -27.62 9.41 -15.16
N ALA B 452 -26.33 9.09 -15.02
CA ALA B 452 -25.86 7.69 -15.12
C ALA B 452 -26.50 6.79 -14.06
N HIS B 453 -26.57 7.23 -12.81
CA HIS B 453 -27.12 6.45 -11.67
C HIS B 453 -28.63 6.29 -11.81
N HIS B 454 -29.25 7.17 -12.60
CA HIS B 454 -30.72 7.14 -12.75
C HIS B 454 -31.10 6.49 -14.08
N VAL B 455 -30.14 6.30 -14.98
CA VAL B 455 -30.40 5.55 -16.24
C VAL B 455 -29.98 4.10 -15.96
N LEU B 456 -28.81 3.93 -15.35
CA LEU B 456 -28.33 2.58 -14.97
C LEU B 456 -28.32 2.49 -13.45
N PRO B 457 -29.26 1.74 -12.83
CA PRO B 457 -29.27 1.53 -11.39
C PRO B 457 -27.96 0.89 -10.92
N LEU B 458 -27.54 1.20 -9.71
CA LEU B 458 -26.20 0.71 -9.27
C LEU B 458 -26.34 -0.73 -8.79
N ASN B 459 -26.70 -1.62 -9.69
CA ASN B 459 -26.95 -3.04 -9.34
C ASN B 459 -26.96 -3.85 -10.63
N VAL B 460 -27.46 -5.07 -10.57
CA VAL B 460 -27.39 -6.00 -11.74
C VAL B 460 -28.39 -5.56 -12.80
N ALA B 461 -29.31 -4.71 -12.39
CA ALA B 461 -30.37 -4.24 -13.30
C ALA B 461 -29.88 -3.04 -14.10
N GLY B 462 -28.71 -2.51 -13.74
CA GLY B 462 -28.12 -1.43 -14.55
C GLY B 462 -26.63 -1.58 -14.72
N TYR B 463 -25.85 -0.97 -13.83
CA TYR B 463 -24.37 -0.98 -13.93
C TYR B 463 -23.81 -2.40 -13.95
N GLY B 464 -24.45 -3.32 -13.23
CA GLY B 464 -24.03 -4.72 -13.23
C GLY B 464 -23.86 -5.27 -14.64
N LYS B 465 -24.81 -4.99 -15.54
CA LYS B 465 -24.74 -5.53 -16.92
C LYS B 465 -23.57 -4.93 -17.68
N LEU B 466 -23.24 -3.66 -17.44
CA LEU B 466 -22.16 -2.96 -18.15
C LEU B 466 -20.81 -3.47 -17.63
N ILE B 467 -20.70 -3.63 -16.33
CA ILE B 467 -19.45 -4.16 -15.73
C ILE B 467 -19.29 -5.63 -16.13
N GLY B 468 -20.40 -6.37 -16.25
CA GLY B 468 -20.34 -7.75 -16.74
C GLY B 468 -19.80 -7.82 -18.13
N ALA B 469 -20.27 -6.94 -19.02
CA ALA B 469 -19.78 -6.88 -20.40
C ALA B 469 -18.28 -6.57 -20.40
N SER B 470 -17.86 -5.66 -19.54
CA SER B 470 -16.44 -5.29 -19.42
C SER B 470 -15.62 -6.52 -19.03
N ILE B 471 -16.03 -7.21 -17.96
CA ILE B 471 -15.29 -8.41 -17.47
C ILE B 471 -15.32 -9.50 -18.56
N GLU B 472 -16.46 -9.72 -19.20
CA GLU B 472 -16.56 -10.83 -20.17
C GLU B 472 -15.67 -10.54 -21.37
N GLY B 473 -15.61 -9.30 -21.82
CA GLY B 473 -14.68 -8.97 -22.92
C GLY B 473 -13.24 -9.18 -22.53
N SER B 474 -12.90 -8.85 -21.29
CA SER B 474 -11.54 -9.04 -20.76
C SER B 474 -11.20 -10.51 -20.78
N HIS B 475 -12.19 -11.36 -20.50
CA HIS B 475 -11.95 -12.81 -20.40
C HIS B 475 -11.77 -13.38 -21.80
N HIS B 476 -12.53 -12.85 -22.76
CA HIS B 476 -12.39 -13.30 -24.17
C HIS B 476 -11.02 -12.90 -24.70
N PHE B 477 -10.45 -11.80 -24.21
CA PHE B 477 -9.13 -11.32 -24.66
C PHE B 477 -8.05 -12.16 -24.00
N TYR B 478 -8.22 -12.44 -22.71
CA TYR B 478 -7.26 -13.28 -21.96
C TYR B 478 -7.08 -14.59 -22.72
N ASN B 479 -8.16 -15.17 -23.18
CA ASN B 479 -8.10 -16.48 -23.86
C ASN B 479 -7.54 -16.34 -25.28
N PHE B 480 -7.65 -15.16 -25.87
CA PHE B 480 -7.11 -14.92 -27.22
C PHE B 480 -5.60 -14.72 -27.13
N LEU B 481 -5.16 -14.10 -26.05
CA LEU B 481 -3.72 -13.84 -25.91
C LEU B 481 -3.05 -15.14 -25.48
N ASN B 482 -3.75 -15.92 -24.67
CA ASN B 482 -3.23 -17.26 -24.32
C ASN B 482 -3.28 -18.08 -25.60
N ASP B 483 -2.15 -18.68 -25.99
CA ASP B 483 -2.08 -19.49 -27.24
C ASP B 483 -2.14 -18.55 -28.44
N LEU B 484 -1.34 -17.48 -28.43
CA LEU B 484 -1.23 -16.61 -29.61
C LEU B 484 0.26 -16.54 -29.96
N THR B 485 0.65 -17.22 -31.03
CA THR B 485 2.05 -17.20 -31.47
C THR B 485 2.08 -16.56 -32.86
N PHE B 486 3.07 -15.73 -33.12
CA PHE B 486 3.19 -15.06 -34.43
C PHE B 486 4.49 -15.51 -35.11
N LYS B 487 4.44 -15.83 -36.40
CA LYS B 487 5.70 -16.22 -37.06
C LYS B 487 6.19 -14.99 -37.81
N VAL B 488 7.05 -14.19 -37.19
CA VAL B 488 7.49 -12.93 -37.84
C VAL B 488 8.83 -13.16 -38.57
N GLY B 489 8.75 -13.47 -39.87
CA GLY B 489 9.96 -13.80 -40.64
C GLY B 489 10.46 -15.16 -40.21
N ASP B 490 11.69 -15.25 -39.74
CA ASP B 490 12.26 -16.53 -39.26
C ASP B 490 11.69 -16.82 -37.88
N LYS B 491 11.88 -15.90 -36.93
CA LYS B 491 11.51 -16.11 -35.50
C LYS B 491 10.06 -16.45 -35.18
N GLU B 492 9.81 -16.80 -33.92
CA GLU B 492 8.43 -17.03 -33.46
C GLU B 492 8.20 -16.13 -32.25
N ILE B 493 7.15 -15.31 -32.30
CA ILE B 493 6.86 -14.42 -31.15
C ILE B 493 5.65 -14.99 -30.43
N GLU B 494 5.81 -15.40 -29.17
CA GLU B 494 4.69 -16.03 -28.44
C GLU B 494 4.14 -15.07 -27.39
N VAL B 495 2.82 -15.08 -27.17
CA VAL B 495 2.22 -14.10 -26.22
C VAL B 495 1.92 -14.84 -24.91
N HIS B 496 2.17 -14.17 -23.80
CA HIS B 496 1.88 -14.77 -22.49
C HIS B 496 1.12 -13.77 -21.65
N THR B 497 0.07 -14.21 -20.99
CA THR B 497 -0.70 -13.31 -20.12
C THR B 497 -0.04 -13.27 -18.74
N LEU B 498 -0.25 -12.18 -18.02
CA LEU B 498 0.39 -12.02 -16.69
C LEU B 498 -0.28 -12.96 -15.70
N THR B 499 -1.53 -12.68 -15.35
CA THR B 499 -2.25 -13.55 -14.41
C THR B 499 -3.70 -13.56 -14.83
N HIS B 500 -4.50 -14.41 -14.20
CA HIS B 500 -5.94 -14.36 -14.48
C HIS B 500 -6.47 -13.03 -13.97
N PRO B 501 -7.26 -12.30 -14.78
CA PRO B 501 -7.85 -11.06 -14.33
C PRO B 501 -8.76 -11.13 -13.10
N ASP B 502 -8.42 -10.38 -12.05
CA ASP B 502 -9.28 -10.30 -10.84
C ASP B 502 -10.50 -9.45 -11.20
N PHE B 503 -10.38 -8.59 -12.21
CA PHE B 503 -11.51 -7.73 -12.66
C PHE B 503 -11.57 -7.77 -14.19
N ASN B 504 -11.25 -6.66 -14.85
CA ASN B 504 -11.33 -6.58 -16.30
C ASN B 504 -10.01 -6.14 -16.95
N MET B 505 -8.90 -6.16 -16.22
CA MET B 505 -7.61 -5.75 -16.76
C MET B 505 -6.78 -6.98 -17.06
N VAL B 506 -6.23 -7.04 -18.27
CA VAL B 506 -5.45 -8.18 -18.74
C VAL B 506 -4.07 -7.68 -19.14
N ASP B 507 -3.07 -8.02 -18.36
CA ASP B 507 -1.70 -7.68 -18.73
C ASP B 507 -1.10 -8.86 -19.50
N TYR B 508 -0.09 -8.56 -20.31
CA TYR B 508 0.49 -9.57 -21.18
C TYR B 508 1.86 -9.10 -21.65
N VAL B 509 2.63 -10.02 -22.20
CA VAL B 509 3.96 -9.73 -22.72
C VAL B 509 4.15 -10.52 -24.00
N PHE B 510 4.92 -9.94 -24.91
CA PHE B 510 5.45 -10.64 -26.07
C PHE B 510 6.85 -11.13 -25.74
N LYS B 511 7.17 -12.34 -26.18
CA LYS B 511 8.48 -12.91 -25.91
C LYS B 511 8.86 -13.82 -27.07
N GLU B 512 10.16 -13.89 -27.36
CA GLU B 512 10.66 -14.71 -28.47
C GLU B 512 10.82 -16.14 -28.01
N LYS B 513 10.21 -17.07 -28.73
CA LYS B 513 10.25 -18.47 -28.32
C LYS B 513 11.71 -18.87 -28.15
N GLY B 514 12.12 -19.12 -26.90
CA GLY B 514 13.43 -19.67 -26.62
C GLY B 514 14.55 -18.69 -26.33
N ASN B 515 14.24 -17.43 -26.05
CA ASN B 515 15.24 -16.41 -25.79
C ASN B 515 15.16 -16.03 -24.33
N ASP B 516 16.24 -16.24 -23.59
CA ASP B 516 16.16 -16.00 -22.16
C ASP B 516 16.64 -14.61 -21.79
N ASP B 517 16.85 -13.73 -22.77
CA ASP B 517 17.30 -12.38 -22.45
C ASP B 517 16.07 -11.59 -22.00
N LEU B 518 16.06 -11.26 -20.71
CA LEU B 518 14.94 -10.53 -20.13
C LEU B 518 15.10 -9.04 -20.39
N VAL B 519 16.32 -8.57 -20.64
CA VAL B 519 16.39 -7.20 -21.08
C VAL B 519 15.79 -7.12 -22.48
N ALA B 520 15.92 -8.21 -23.26
CA ALA B 520 15.44 -8.22 -24.62
C ALA B 520 13.93 -8.29 -24.70
N MET B 521 13.31 -9.08 -23.84
CA MET B 521 11.85 -9.06 -23.82
C MET B 521 11.36 -7.69 -23.38
N ASN B 522 12.02 -7.09 -22.39
CA ASN B 522 11.58 -5.76 -21.97
C ASN B 522 11.69 -4.75 -23.11
N LYS B 523 12.67 -4.94 -24.01
CA LYS B 523 12.75 -4.10 -25.19
C LYS B 523 11.77 -4.55 -26.27
N LEU B 524 11.42 -5.84 -26.28
CA LEU B 524 10.43 -6.32 -27.23
C LEU B 524 9.06 -5.69 -26.97
N ASN B 525 8.57 -5.81 -25.73
CA ASN B 525 7.28 -5.24 -25.39
C ASN B 525 7.34 -3.73 -25.37
N HIS B 526 8.44 -3.15 -24.91
CA HIS B 526 8.60 -1.70 -24.97
C HIS B 526 8.66 -1.21 -26.41
N ASP B 527 8.93 -2.09 -27.37
CA ASP B 527 8.91 -1.73 -28.79
C ASP B 527 7.55 -1.97 -29.42
N VAL B 528 6.84 -3.03 -29.02
CA VAL B 528 5.46 -3.20 -29.45
C VAL B 528 4.60 -2.07 -28.92
N TYR B 529 4.77 -1.72 -27.64
CA TYR B 529 4.11 -0.54 -27.12
C TYR B 529 4.36 0.67 -28.02
N ASP B 530 5.61 0.88 -28.43
CA ASP B 530 5.92 2.05 -29.25
C ASP B 530 5.11 2.03 -30.55
N TYR B 531 5.07 0.86 -31.21
CA TYR B 531 4.29 0.71 -32.44
C TYR B 531 2.80 0.57 -32.19
N ALA B 532 2.39 0.26 -30.96
CA ALA B 532 0.98 0.15 -30.61
C ALA B 532 0.59 1.27 -29.65
N SER B 533 1.11 2.46 -29.90
CA SER B 533 0.73 3.65 -29.15
C SER B 533 1.07 4.87 -30.01
N TYR B 534 0.85 6.05 -29.42
CA TYR B 534 1.09 7.31 -30.09
C TYR B 534 2.56 7.55 -30.39
N VAL B 535 3.46 6.72 -29.87
CA VAL B 535 4.89 6.94 -30.07
C VAL B 535 5.24 6.90 -31.56
N LYS B 536 4.99 5.77 -32.20
CA LYS B 536 5.35 5.61 -33.61
C LYS B 536 4.12 5.59 -34.51
N GLY B 537 4.06 6.60 -35.37
CA GLY B 537 3.13 6.74 -36.45
C GLY B 537 2.03 7.72 -36.12
N ASN B 538 1.08 7.79 -37.04
CA ASN B 538 -0.13 8.56 -36.80
C ASN B 538 -1.05 7.69 -35.96
N ILE B 539 -1.49 8.23 -34.81
CA ILE B 539 -2.37 7.47 -33.92
C ILE B 539 -3.68 7.15 -34.61
N TYR B 540 -4.15 8.02 -35.51
CA TYR B 540 -5.42 7.83 -36.21
C TYR B 540 -5.37 6.71 -37.24
N ASN B 541 -4.19 6.18 -37.53
CA ASN B 541 -4.02 5.03 -38.42
C ASN B 541 -3.54 3.81 -37.67
N ASN B 542 -3.49 3.88 -36.34
CA ASN B 542 -2.96 2.84 -35.47
C ASN B 542 -3.99 1.73 -35.31
N GLU B 543 -3.77 0.57 -35.93
CA GLU B 543 -4.77 -0.50 -35.91
C GLU B 543 -4.92 -1.18 -34.55
N PHE B 544 -4.03 -0.91 -33.58
CA PHE B 544 -4.12 -1.54 -32.27
C PHE B 544 -3.31 -0.75 -31.27
N ILE B 545 -3.93 -0.35 -30.15
CA ILE B 545 -3.32 0.53 -29.16
C ILE B 545 -3.45 -0.08 -27.77
N THR B 546 -2.39 0.06 -26.95
CA THR B 546 -2.31 -0.54 -25.61
C THR B 546 -1.60 0.42 -24.66
N SER B 547 -1.57 0.05 -23.39
CA SER B 547 -0.69 0.70 -22.45
C SER B 547 0.46 -0.24 -22.10
N HIS B 548 1.40 0.25 -21.28
CA HIS B 548 2.57 -0.53 -20.94
C HIS B 548 3.01 -0.09 -19.55
N THR B 549 3.55 -1.03 -18.79
CA THR B 549 4.02 -0.68 -17.46
C THR B 549 5.18 -1.57 -17.06
N ASP B 550 5.96 -1.08 -16.11
CA ASP B 550 7.13 -1.81 -15.64
C ASP B 550 6.89 -2.36 -14.24
N PHE B 551 7.09 -3.66 -14.08
CA PHE B 551 7.13 -4.25 -12.75
C PHE B 551 8.58 -4.23 -12.31
N ALA B 552 8.94 -3.26 -11.47
CA ALA B 552 10.31 -3.06 -11.02
C ALA B 552 10.46 -3.50 -9.57
N ILE B 553 11.57 -4.18 -9.28
CA ILE B 553 11.81 -4.70 -7.94
C ILE B 553 11.60 -3.63 -6.88
N PRO B 554 12.09 -2.40 -7.08
CA PRO B 554 11.89 -1.37 -6.05
C PRO B 554 10.44 -1.17 -5.68
N ASP B 555 9.51 -1.48 -6.58
CA ASP B 555 8.09 -1.33 -6.30
C ASP B 555 7.37 -2.66 -6.21
N TYR B 556 7.81 -3.66 -6.97
CA TYR B 556 7.13 -4.94 -7.00
C TYR B 556 7.90 -6.02 -6.26
N GLY B 557 9.09 -5.70 -5.73
CA GLY B 557 9.92 -6.73 -5.13
C GLY B 557 10.12 -7.89 -6.08
N ASN B 558 9.84 -9.09 -5.58
CA ASN B 558 9.91 -10.31 -6.37
C ASN B 558 8.53 -10.90 -6.64
N SER B 559 7.46 -10.14 -6.40
CA SER B 559 6.12 -10.60 -6.73
C SER B 559 6.01 -11.08 -8.17
N PRO B 560 6.64 -10.43 -9.15
CA PRO B 560 6.62 -10.94 -10.53
C PRO B 560 7.57 -12.10 -10.79
N LEU B 561 8.45 -12.44 -9.83
CA LEU B 561 9.48 -13.46 -10.06
C LEU B 561 8.87 -14.79 -10.51
N LYS B 562 7.81 -15.22 -9.82
CA LYS B 562 7.11 -16.43 -10.20
C LYS B 562 6.75 -16.43 -11.68
N PHE B 563 6.34 -15.27 -12.18
CA PHE B 563 5.90 -15.14 -13.57
C PHE B 563 7.09 -15.19 -14.54
N VAL B 564 8.13 -14.41 -14.27
CA VAL B 564 9.30 -14.41 -15.15
C VAL B 564 9.87 -15.82 -15.24
N ASN B 565 10.00 -16.52 -14.09
CA ASN B 565 10.47 -17.90 -14.11
C ASN B 565 9.56 -18.74 -15.00
N SER B 566 8.25 -18.46 -14.93
CA SER B 566 7.26 -19.17 -15.73
C SER B 566 7.67 -19.26 -17.20
N LEU B 567 8.27 -18.18 -17.74
CA LEU B 567 8.66 -18.15 -19.14
C LEU B 567 10.07 -18.65 -19.38
N GLY B 568 10.79 -19.03 -18.33
CA GLY B 568 12.13 -19.52 -18.43
C GLY B 568 13.24 -18.53 -18.15
N PHE B 569 13.02 -17.56 -17.27
CA PHE B 569 14.03 -16.57 -16.97
C PHE B 569 14.69 -16.88 -15.63
N SER B 570 16.00 -16.70 -15.55
CA SER B 570 16.71 -17.06 -14.34
C SER B 570 16.34 -16.08 -13.24
N ASP B 571 16.32 -16.56 -11.99
CA ASP B 571 16.19 -15.56 -10.93
C ASP B 571 17.31 -14.55 -11.04
N GLU B 572 18.34 -14.88 -11.79
CA GLU B 572 19.47 -14.02 -12.06
C GLU B 572 19.09 -13.02 -13.13
N GLU B 573 18.57 -13.52 -14.26
CA GLU B 573 18.05 -12.63 -15.31
C GLU B 573 17.09 -11.61 -14.71
N TRP B 574 16.18 -12.06 -13.84
CA TRP B 574 15.23 -11.13 -13.25
C TRP B 574 15.96 -10.03 -12.50
N ASN B 575 17.04 -10.39 -11.80
CA ASN B 575 17.79 -9.38 -11.05
C ASN B 575 18.71 -8.56 -11.93
N ARG B 576 19.22 -9.13 -13.01
CA ARG B 576 20.06 -8.34 -13.90
C ARG B 576 19.23 -7.33 -14.70
N ALA B 577 18.07 -7.76 -15.21
CA ALA B 577 17.16 -6.81 -15.84
C ALA B 577 16.55 -5.86 -14.80
N GLY B 578 16.24 -6.36 -13.60
CA GLY B 578 15.66 -5.53 -12.56
C GLY B 578 14.20 -5.19 -12.74
N LYS B 579 13.54 -5.67 -13.78
CA LYS B 579 12.15 -5.31 -14.07
C LYS B 579 11.64 -6.28 -15.11
N VAL B 580 10.33 -6.27 -15.31
CA VAL B 580 9.69 -6.87 -16.49
C VAL B 580 8.68 -5.85 -17.02
N THR B 581 8.71 -5.64 -18.33
CA THR B 581 7.79 -4.71 -18.99
C THR B 581 6.56 -5.45 -19.48
N VAL B 582 5.38 -4.97 -19.11
CA VAL B 582 4.13 -5.64 -19.47
C VAL B 582 3.22 -4.67 -20.22
N LEU B 583 2.39 -5.22 -21.09
CA LEU B 583 1.36 -4.47 -21.78
C LEU B 583 0.06 -4.55 -20.96
N ARG B 584 -0.61 -3.39 -20.76
CA ARG B 584 -1.88 -3.29 -20.04
C ARG B 584 -3.03 -3.13 -21.02
N ALA B 585 -4.13 -3.86 -20.76
CA ALA B 585 -5.39 -3.69 -21.48
C ALA B 585 -6.44 -3.63 -20.38
N ALA B 586 -6.88 -2.41 -20.04
CA ALA B 586 -8.00 -2.22 -19.10
C ALA B 586 -9.28 -2.33 -19.92
N VAL B 587 -9.77 -3.55 -20.11
CA VAL B 587 -10.88 -3.76 -21.04
C VAL B 587 -12.13 -3.07 -20.54
N MET B 588 -12.38 -1.84 -21.03
CA MET B 588 -13.59 -1.12 -20.68
C MET B 588 -14.62 -1.06 -21.80
N THR B 589 -14.27 -1.45 -23.01
CA THR B 589 -15.25 -1.50 -24.08
C THR B 589 -16.43 -2.36 -23.63
N PRO B 590 -17.66 -1.96 -23.94
CA PRO B 590 -18.80 -2.83 -23.65
C PRO B 590 -19.17 -3.77 -24.79
N TYR B 591 -18.48 -3.72 -25.93
CA TYR B 591 -18.89 -4.39 -27.16
C TYR B 591 -18.29 -5.77 -27.39
N MET B 592 -17.34 -6.20 -26.56
CA MET B 592 -16.61 -7.44 -26.77
C MET B 592 -17.02 -8.55 -25.80
N ASN B 593 -18.13 -8.35 -25.06
CA ASN B 593 -18.61 -9.38 -24.17
C ASN B 593 -19.34 -10.48 -24.91
N ASP B 594 -19.86 -10.19 -26.11
CA ASP B 594 -20.51 -11.18 -26.95
C ASP B 594 -19.44 -11.87 -27.78
N LYS B 595 -19.25 -13.16 -27.59
CA LYS B 595 -18.08 -13.75 -28.25
C LYS B 595 -18.15 -13.63 -29.78
N GLU B 596 -19.33 -13.80 -30.37
CA GLU B 596 -19.40 -13.75 -31.83
C GLU B 596 -18.85 -12.44 -32.37
N GLU B 597 -19.09 -11.36 -31.64
CA GLU B 597 -18.66 -10.05 -32.07
C GLU B 597 -17.19 -9.83 -31.73
N PHE B 598 -16.72 -10.44 -30.63
CA PHE B 598 -15.29 -10.43 -30.32
C PHE B 598 -14.47 -11.09 -31.42
N ASP B 599 -14.99 -12.16 -32.01
CA ASP B 599 -14.32 -12.82 -33.11
C ASP B 599 -14.20 -11.96 -34.35
N VAL B 600 -15.02 -10.93 -34.47
CA VAL B 600 -14.88 -10.04 -35.61
C VAL B 600 -13.57 -9.27 -35.49
N TYR B 601 -13.22 -8.90 -34.26
CA TYR B 601 -12.03 -8.10 -34.01
C TYR B 601 -10.81 -8.94 -33.63
N ALA B 602 -10.97 -10.25 -33.40
CA ALA B 602 -9.79 -11.08 -33.15
C ALA B 602 -8.83 -11.04 -34.34
N PRO B 603 -9.28 -11.31 -35.58
CA PRO B 603 -8.38 -11.17 -36.72
C PRO B 603 -7.86 -9.76 -36.94
N LYS B 604 -8.54 -8.74 -36.45
CA LYS B 604 -8.05 -7.37 -36.73
C LYS B 604 -6.94 -7.08 -35.72
N ILE B 605 -7.03 -7.70 -34.55
CA ILE B 605 -6.00 -7.55 -33.49
C ILE B 605 -4.77 -8.35 -33.94
N GLN B 606 -4.99 -9.56 -34.44
CA GLN B 606 -3.86 -10.38 -34.92
C GLN B 606 -3.13 -9.66 -36.05
N ALA B 607 -3.85 -9.11 -37.02
CA ALA B 607 -3.16 -8.53 -38.19
C ALA B 607 -2.36 -7.30 -37.77
N ALA B 608 -2.89 -6.54 -36.84
CA ALA B 608 -2.23 -5.29 -36.42
C ALA B 608 -0.94 -5.65 -35.69
N LEU B 609 -1.03 -6.59 -34.76
CA LEU B 609 0.16 -7.03 -34.01
C LEU B 609 1.17 -7.66 -34.96
N GLN B 610 0.71 -8.34 -36.01
CA GLN B 610 1.63 -8.95 -36.99
C GLN B 610 2.42 -7.86 -37.68
N GLU B 611 1.75 -6.85 -38.21
CA GLU B 611 2.45 -5.77 -38.96
C GLU B 611 3.40 -5.05 -38.03
N LYS B 612 2.99 -4.80 -36.79
CA LYS B 612 3.85 -4.06 -35.84
C LYS B 612 5.08 -4.90 -35.49
N LEU B 613 4.92 -6.22 -35.33
CA LEU B 613 6.06 -7.11 -35.02
C LEU B 613 6.96 -7.18 -36.25
N GLU B 614 6.39 -7.43 -37.43
CA GLU B 614 7.17 -7.46 -38.68
C GLU B 614 7.86 -6.11 -38.93
N GLN B 615 7.43 -5.05 -38.27
CA GLN B 615 8.04 -3.72 -38.45
C GLN B 615 9.25 -3.59 -37.54
N ILE B 616 9.15 -4.06 -36.30
CA ILE B 616 10.32 -4.05 -35.38
C ILE B 616 11.40 -4.99 -35.94
N TYR B 617 11.00 -6.06 -36.60
CA TYR B 617 11.98 -7.08 -37.06
C TYR B 617 12.45 -6.94 -38.51
N ASP B 618 12.37 -5.75 -39.16
CA ASP B 618 12.97 -5.57 -40.47
C ASP B 618 13.91 -4.38 -40.40
N LYS C 5 -9.38 39.16 -39.76
CA LYS C 5 -8.83 40.52 -39.67
C LYS C 5 -9.51 41.38 -38.59
N LEU C 6 -9.29 41.02 -37.33
CA LEU C 6 -9.87 41.73 -36.20
C LEU C 6 -9.06 43.02 -35.98
N ALA C 7 -9.68 44.16 -36.22
CA ALA C 7 -9.01 45.42 -35.93
C ALA C 7 -8.98 45.69 -34.43
N LYS C 8 -8.17 46.65 -34.02
CA LYS C 8 -8.18 47.06 -32.62
C LYS C 8 -9.58 47.53 -32.27
N GLY C 9 -10.12 47.02 -31.17
CA GLY C 9 -11.46 47.38 -30.74
C GLY C 9 -12.59 46.65 -31.43
N GLU C 10 -12.35 46.07 -32.61
CA GLU C 10 -13.40 45.42 -33.39
C GLU C 10 -13.98 44.16 -32.71
N MET C 11 -13.26 43.52 -31.79
CA MET C 11 -13.77 42.31 -31.15
C MET C 11 -15.13 42.59 -30.50
N ASN C 12 -16.13 41.78 -30.84
CA ASN C 12 -17.51 42.07 -30.42
C ASN C 12 -17.94 40.99 -29.43
N LEU C 13 -17.90 41.34 -28.14
CA LEU C 13 -18.23 40.37 -27.11
C LEU C 13 -19.65 39.85 -27.28
N ASN C 14 -20.54 40.64 -27.88
CA ASN C 14 -21.92 40.22 -28.04
C ASN C 14 -22.05 38.99 -28.91
N ALA C 15 -21.01 38.65 -29.67
CA ALA C 15 -20.98 37.42 -30.45
C ALA C 15 -20.41 36.25 -29.66
N LEU C 16 -20.01 36.47 -28.41
CA LEU C 16 -19.26 35.46 -27.68
C LEU C 16 -20.06 34.85 -26.53
N PHE C 17 -21.36 35.10 -26.48
CA PHE C 17 -22.23 34.56 -25.43
C PHE C 17 -23.52 34.06 -26.05
N ILE C 18 -24.05 32.96 -25.50
CA ILE C 18 -25.37 32.48 -25.92
C ILE C 18 -26.39 33.61 -25.82
N GLY C 19 -26.31 34.39 -24.74
CA GLY C 19 -27.16 35.56 -24.61
C GLY C 19 -28.05 35.58 -23.39
N ASP C 20 -28.36 36.79 -22.93
CA ASP C 20 -29.33 37.00 -21.85
C ASP C 20 -30.71 36.49 -22.24
N LYS C 21 -31.02 36.50 -23.52
CA LYS C 21 -32.28 35.96 -24.01
C LYS C 21 -32.03 35.02 -25.15
N ALA C 22 -30.89 34.30 -25.10
CA ALA C 22 -30.56 33.32 -26.13
C ALA C 22 -30.56 33.95 -27.50
N GLU C 23 -30.22 35.22 -27.58
CA GLU C 23 -30.16 35.88 -28.89
C GLU C 23 -29.25 35.10 -29.83
N ASN C 24 -28.19 34.48 -29.32
CA ASN C 24 -27.28 33.68 -30.12
C ASN C 24 -27.53 32.19 -29.97
N GLY C 25 -28.77 31.81 -29.62
CA GLY C 25 -29.10 30.41 -29.43
C GLY C 25 -28.85 29.59 -30.67
N GLN C 26 -29.29 30.10 -31.82
CA GLN C 26 -29.10 29.36 -33.06
C GLN C 26 -27.61 29.27 -33.42
N LEU C 27 -26.86 30.36 -33.24
CA LEU C 27 -25.43 30.32 -33.53
C LEU C 27 -24.75 29.23 -32.69
N TYR C 28 -25.07 29.19 -31.40
CA TYR C 28 -24.53 28.16 -30.54
C TYR C 28 -24.90 26.77 -31.05
N LYS C 29 -26.18 26.54 -31.36
CA LYS C 29 -26.59 25.22 -31.81
C LYS C 29 -25.88 24.82 -33.09
N ASP C 30 -25.81 25.74 -34.06
CA ASP C 30 -25.17 25.42 -35.33
C ASP C 30 -23.73 25.02 -35.09
N LEU C 31 -23.01 25.80 -34.26
CA LEU C 31 -21.62 25.52 -33.95
C LEU C 31 -21.47 24.25 -33.11
N LEU C 32 -22.35 24.04 -32.13
CA LEU C 32 -22.28 22.82 -31.33
C LEU C 32 -22.45 21.58 -32.18
N ILE C 33 -23.44 21.61 -33.09
CA ILE C 33 -23.71 20.44 -33.92
C ILE C 33 -22.61 20.26 -34.95
N ASP C 34 -22.09 21.36 -35.49
CA ASP C 34 -20.96 21.25 -36.39
C ASP C 34 -19.82 20.54 -35.68
N LEU C 35 -19.48 20.99 -34.48
CA LEU C 35 -18.40 20.35 -33.75
C LEU C 35 -18.74 18.88 -33.48
N VAL C 36 -19.93 18.60 -32.93
CA VAL C 36 -20.34 17.22 -32.74
C VAL C 36 -20.23 16.45 -34.05
N ASP C 37 -20.58 17.09 -35.16
CA ASP C 37 -20.47 16.37 -36.43
C ASP C 37 -19.01 16.07 -36.78
N GLU C 38 -18.11 17.05 -36.56
CA GLU C 38 -16.71 16.78 -36.85
C GLU C 38 -16.17 15.64 -36.00
N HIS C 39 -16.58 15.53 -34.74
CA HIS C 39 -16.18 14.40 -33.87
C HIS C 39 -16.72 13.07 -34.40
N LEU C 40 -17.94 13.04 -34.88
CA LEU C 40 -18.55 11.76 -35.30
C LEU C 40 -17.87 11.21 -36.54
N GLY C 41 -17.42 12.10 -37.43
CA GLY C 41 -16.71 11.69 -38.65
C GLY C 41 -15.34 11.22 -38.31
N TRP C 42 -14.77 11.77 -37.25
CA TRP C 42 -13.45 11.31 -36.76
C TRP C 42 -13.61 9.88 -36.23
N ARG C 43 -14.72 9.58 -35.60
CA ARG C 43 -14.90 8.24 -35.00
C ARG C 43 -15.11 7.22 -36.11
N GLN C 44 -15.74 7.63 -37.18
CA GLN C 44 -16.12 6.69 -38.25
C GLN C 44 -14.96 6.45 -39.20
N ASN C 45 -14.14 7.47 -39.39
CA ASN C 45 -13.07 7.34 -40.39
C ASN C 45 -11.81 6.81 -39.70
N TYR C 46 -11.95 6.45 -38.42
CA TYR C 46 -10.86 5.72 -37.73
C TYR C 46 -11.15 4.27 -38.06
N MET C 47 -10.21 3.58 -38.71
CA MET C 47 -10.50 2.21 -39.21
C MET C 47 -11.86 2.17 -39.93
N PRO C 48 -12.00 2.86 -41.07
CA PRO C 48 -13.27 2.92 -41.78
C PRO C 48 -13.73 1.58 -42.32
N GLN C 49 -12.83 0.59 -42.33
CA GLN C 49 -13.13 -0.76 -42.83
C GLN C 49 -13.95 -1.48 -41.77
N ASP C 50 -13.88 -0.98 -40.55
CA ASP C 50 -14.68 -1.58 -39.47
C ASP C 50 -16.14 -1.26 -39.71
N MET C 51 -16.96 -2.29 -39.70
CA MET C 51 -18.38 -2.09 -39.87
C MET C 51 -19.02 -1.72 -38.53
N PRO C 52 -20.08 -0.91 -38.54
CA PRO C 52 -20.69 -0.51 -37.27
C PRO C 52 -21.05 -1.75 -36.49
N VAL C 53 -20.72 -1.74 -35.19
CA VAL C 53 -21.00 -2.88 -34.32
C VAL C 53 -22.48 -2.95 -33.93
N ILE C 54 -23.11 -1.79 -33.72
CA ILE C 54 -24.54 -1.69 -33.41
C ILE C 54 -25.31 -1.66 -34.72
N SER C 55 -26.14 -2.70 -34.96
CA SER C 55 -26.80 -2.83 -36.24
C SER C 55 -28.05 -1.95 -36.33
N SER C 56 -28.54 -1.81 -37.56
CA SER C 56 -29.81 -1.12 -37.81
C SER C 56 -30.97 -1.77 -37.08
N GLN C 57 -31.05 -3.09 -37.15
CA GLN C 57 -32.12 -3.83 -36.48
C GLN C 57 -32.08 -3.60 -34.98
N GLU C 58 -30.89 -3.64 -34.40
CA GLU C 58 -30.76 -3.41 -32.97
C GLU C 58 -31.34 -2.05 -32.60
N ARG C 59 -31.00 -1.03 -33.38
CA ARG C 59 -31.41 0.33 -33.08
C ARG C 59 -32.91 0.53 -33.23
N THR C 60 -33.62 -0.39 -33.89
CA THR C 60 -35.07 -0.33 -33.96
C THR C 60 -35.71 -1.44 -33.15
N SER C 61 -34.91 -2.22 -32.45
CA SER C 61 -35.47 -3.25 -31.60
C SER C 61 -36.21 -2.61 -30.41
N LYS C 62 -37.01 -3.45 -29.74
CA LYS C 62 -37.88 -3.00 -28.67
C LYS C 62 -37.12 -2.76 -27.36
N SER C 63 -36.17 -3.62 -26.99
CA SER C 63 -35.38 -3.30 -25.81
C SER C 63 -34.68 -1.96 -26.00
N TYR C 64 -34.12 -1.74 -27.20
CA TYR C 64 -33.49 -0.47 -27.54
C TYR C 64 -34.46 0.70 -27.33
N GLU C 65 -35.66 0.61 -27.89
CA GLU C 65 -36.61 1.73 -27.76
C GLU C 65 -36.89 2.00 -26.29
N LYS C 66 -37.14 0.95 -25.51
CA LYS C 66 -37.47 1.14 -24.11
C LYS C 66 -36.30 1.69 -23.34
N THR C 67 -35.06 1.32 -23.70
CA THR C 67 -33.93 1.93 -23.02
C THR C 67 -33.82 3.41 -23.38
N VAL C 68 -34.03 3.75 -24.65
CA VAL C 68 -33.98 5.16 -25.03
C VAL C 68 -35.07 5.95 -24.32
N ASN C 69 -36.26 5.37 -24.19
CA ASN C 69 -37.33 6.05 -23.47
C ASN C 69 -36.98 6.26 -22.00
N HIS C 70 -36.39 5.25 -21.36
CA HIS C 70 -35.98 5.41 -19.97
C HIS C 70 -34.97 6.54 -19.84
N MET C 71 -34.02 6.62 -20.77
CA MET C 71 -33.05 7.70 -20.77
C MET C 71 -33.73 9.04 -20.93
N LYS C 72 -34.70 9.12 -21.85
CA LYS C 72 -35.48 10.34 -22.02
C LYS C 72 -36.21 10.71 -20.74
N ASP C 73 -36.77 9.73 -20.02
CA ASP C 73 -37.42 10.02 -18.75
C ASP C 73 -36.46 10.68 -17.78
N VAL C 74 -35.28 10.08 -17.60
CA VAL C 74 -34.29 10.61 -16.66
C VAL C 74 -33.88 12.02 -17.08
N LEU C 75 -33.61 12.22 -18.39
CA LEU C 75 -33.23 13.54 -18.85
C LEU C 75 -34.34 14.54 -18.60
N ASN C 76 -35.59 14.10 -18.76
CA ASN C 76 -36.71 14.99 -18.45
C ASN C 76 -36.78 15.30 -16.97
N GLU C 77 -36.42 14.34 -16.13
CA GLU C 77 -36.37 14.66 -14.71
C GLU C 77 -35.24 15.64 -14.43
N ILE C 78 -34.10 15.48 -15.12
CA ILE C 78 -33.01 16.41 -14.96
C ILE C 78 -33.44 17.80 -15.41
N SER C 79 -34.15 17.87 -16.53
CA SER C 79 -34.54 19.16 -17.08
C SER C 79 -35.52 19.90 -16.17
N SER C 80 -36.49 19.17 -15.59
CA SER C 80 -37.44 19.79 -14.69
C SER C 80 -36.75 20.32 -13.44
N ARG C 81 -35.87 19.51 -12.85
CA ARG C 81 -35.18 19.97 -11.64
C ARG C 81 -34.30 21.18 -11.95
N MET C 82 -33.53 21.11 -13.03
CA MET C 82 -32.69 22.24 -13.42
C MET C 82 -33.54 23.47 -13.70
N ARG C 83 -34.66 23.29 -14.41
CA ARG C 83 -35.46 24.45 -14.80
C ARG C 83 -36.36 24.97 -13.69
N THR C 84 -36.41 24.30 -12.53
CA THR C 84 -37.20 24.78 -11.40
C THR C 84 -36.37 25.58 -10.41
N HIS C 85 -35.13 25.19 -10.13
CA HIS C 85 -34.36 25.80 -9.06
C HIS C 85 -33.09 26.52 -9.52
N SER C 86 -32.71 26.43 -10.78
CA SER C 86 -31.44 27.02 -11.18
C SER C 86 -31.52 28.56 -11.19
N VAL C 87 -30.36 29.18 -11.07
CA VAL C 87 -30.27 30.63 -10.90
C VAL C 87 -30.17 31.33 -12.26
N PRO C 88 -31.02 32.35 -12.51
CA PRO C 88 -31.06 33.01 -13.83
C PRO C 88 -30.05 34.13 -14.03
N TRP C 89 -28.78 33.91 -13.63
CA TRP C 89 -27.75 34.94 -13.76
C TRP C 89 -27.34 35.20 -15.21
N HIS C 90 -28.01 34.56 -16.18
CA HIS C 90 -27.75 34.88 -17.57
C HIS C 90 -28.30 36.24 -17.97
N THR C 91 -29.27 36.79 -17.21
CA THR C 91 -29.87 38.09 -17.58
C THR C 91 -28.82 39.19 -17.68
N ALA C 92 -29.13 40.17 -18.52
CA ALA C 92 -28.19 41.24 -18.79
C ALA C 92 -28.05 42.17 -17.59
N GLY C 93 -29.15 42.47 -16.89
CA GLY C 93 -29.07 43.43 -15.80
C GLY C 93 -30.02 43.26 -14.62
N ARG C 94 -30.31 42.02 -14.24
CA ARG C 94 -31.13 41.80 -13.06
C ARG C 94 -30.41 40.98 -12.00
N TYR C 95 -29.34 40.30 -12.34
CA TYR C 95 -28.60 39.47 -11.41
C TYR C 95 -27.36 40.24 -10.95
N TRP C 96 -27.31 40.56 -9.64
CA TRP C 96 -26.23 41.36 -9.06
C TRP C 96 -25.73 40.67 -7.80
N GLY C 97 -25.07 39.53 -7.96
CA GLY C 97 -24.71 38.73 -6.81
C GLY C 97 -23.38 37.99 -6.88
N HIS C 98 -23.46 36.66 -6.94
CA HIS C 98 -22.28 35.81 -6.90
C HIS C 98 -21.47 35.91 -8.20
N MET C 99 -20.31 35.26 -8.19
CA MET C 99 -19.32 35.38 -9.28
C MET C 99 -19.75 34.55 -10.51
N ASN C 100 -20.87 34.93 -11.10
CA ASN C 100 -21.44 34.16 -12.19
C ASN C 100 -22.22 35.09 -13.12
N SER C 101 -21.92 34.97 -14.41
CA SER C 101 -22.79 35.49 -15.45
C SER C 101 -22.98 34.37 -16.47
N GLU C 102 -23.11 34.72 -17.74
CA GLU C 102 -22.90 33.72 -18.76
C GLU C 102 -21.42 33.33 -18.77
N THR C 103 -21.14 32.21 -19.43
CA THR C 103 -19.77 31.87 -19.74
C THR C 103 -19.58 31.90 -21.25
N LEU C 104 -18.33 32.03 -21.66
CA LEU C 104 -18.01 32.23 -23.07
C LEU C 104 -18.50 31.07 -23.94
N MET C 105 -19.28 31.40 -24.96
CA MET C 105 -19.74 30.39 -25.89
C MET C 105 -18.62 29.50 -26.37
N PRO C 106 -17.50 30.04 -26.84
CA PRO C 106 -16.42 29.17 -27.32
C PRO C 106 -15.91 28.19 -26.27
N SER C 107 -15.89 28.56 -24.98
CA SER C 107 -15.52 27.57 -23.96
C SER C 107 -16.54 26.47 -23.89
N LEU C 108 -17.82 26.84 -23.72
CA LEU C 108 -18.90 25.86 -23.73
C LEU C 108 -18.76 24.93 -24.93
N LEU C 109 -18.58 25.51 -26.11
CA LEU C 109 -18.51 24.74 -27.35
C LEU C 109 -17.32 23.83 -27.33
N ALA C 110 -16.16 24.36 -26.96
CA ALA C 110 -14.96 23.55 -26.92
C ALA C 110 -15.06 22.48 -25.84
N TYR C 111 -15.63 22.79 -24.68
CA TYR C 111 -15.74 21.74 -23.67
C TYR C 111 -16.59 20.58 -24.17
N ASN C 112 -17.78 20.86 -24.71
CA ASN C 112 -18.61 19.75 -25.12
C ASN C 112 -17.94 18.95 -26.22
N PHE C 113 -17.29 19.64 -27.16
CA PHE C 113 -16.58 18.99 -28.25
C PHE C 113 -15.54 18.03 -27.70
N ALA C 114 -14.69 18.55 -26.81
CA ALA C 114 -13.59 17.78 -26.26
C ALA C 114 -14.09 16.58 -25.47
N MET C 115 -15.17 16.78 -24.72
CA MET C 115 -15.73 15.76 -23.85
C MET C 115 -16.08 14.49 -24.64
N LEU C 116 -16.44 14.64 -25.91
CA LEU C 116 -16.73 13.44 -26.70
C LEU C 116 -15.50 12.56 -26.83
N TRP C 117 -14.30 13.15 -26.80
CA TRP C 117 -13.07 12.38 -26.75
C TRP C 117 -12.74 11.94 -25.33
N ASN C 118 -13.11 12.74 -24.33
CA ASN C 118 -12.97 12.39 -22.91
C ASN C 118 -11.52 12.10 -22.54
N GLY C 119 -10.59 12.91 -23.04
CA GLY C 119 -9.20 12.74 -22.72
C GLY C 119 -8.90 13.14 -21.29
N ASN C 120 -7.90 12.45 -20.72
CA ASN C 120 -7.43 12.69 -19.36
C ASN C 120 -6.06 13.38 -19.44
N ASN C 121 -5.98 14.59 -18.91
CA ASN C 121 -4.74 15.34 -19.06
C ASN C 121 -3.67 14.94 -18.04
N VAL C 122 -3.94 13.99 -17.15
CA VAL C 122 -2.94 13.55 -16.19
C VAL C 122 -1.77 12.88 -16.89
N ALA C 123 -1.98 12.37 -18.11
CA ALA C 123 -0.97 11.61 -18.84
C ALA C 123 -1.09 11.92 -20.33
N TYR C 124 -0.04 12.54 -20.88
CA TYR C 124 0.05 12.93 -22.28
C TYR C 124 -0.48 11.88 -23.24
N GLU C 125 -0.19 10.61 -22.95
CA GLU C 125 -0.61 9.52 -23.83
C GLU C 125 -2.12 9.48 -24.01
N SER C 126 -2.88 9.85 -22.98
CA SER C 126 -4.33 9.76 -23.04
C SER C 126 -4.93 10.77 -24.02
N SER C 127 -4.24 11.90 -24.23
CA SER C 127 -4.79 12.95 -25.05
C SER C 127 -3.69 13.96 -25.37
N PRO C 128 -2.87 13.68 -26.39
CA PRO C 128 -1.80 14.62 -26.74
C PRO C 128 -2.32 16.02 -27.02
N ALA C 129 -3.46 16.14 -27.71
CA ALA C 129 -3.97 17.45 -28.12
C ALA C 129 -4.41 18.28 -26.92
N THR C 130 -5.18 17.70 -26.00
CA THR C 130 -5.57 18.48 -24.84
C THR C 130 -4.45 18.67 -23.83
N SER C 131 -3.45 17.77 -23.80
CA SER C 131 -2.28 18.04 -22.95
C SER C 131 -1.46 19.20 -23.49
N GLN C 132 -1.21 19.19 -24.80
CA GLN C 132 -0.57 20.33 -25.43
C GLN C 132 -1.33 21.62 -25.14
N MET C 133 -2.67 21.56 -25.16
CA MET C 133 -3.46 22.75 -24.88
C MET C 133 -3.29 23.23 -23.44
N GLU C 134 -3.21 22.30 -22.49
CA GLU C 134 -3.05 22.73 -21.11
C GLU C 134 -1.66 23.31 -20.90
N GLU C 135 -0.65 22.70 -21.50
CA GLU C 135 0.69 23.26 -21.45
C GLU C 135 0.70 24.69 -21.98
N GLU C 136 0.05 24.92 -23.13
CA GLU C 136 0.00 26.28 -23.68
C GLU C 136 -0.77 27.20 -22.75
N VAL C 137 -1.85 26.70 -22.15
CA VAL C 137 -2.56 27.49 -21.15
C VAL C 137 -1.60 27.89 -20.05
N GLY C 138 -0.66 26.99 -19.73
CA GLY C 138 0.33 27.30 -18.70
C GLY C 138 1.17 28.50 -19.04
N HIS C 139 1.75 28.52 -20.25
CA HIS C 139 2.48 29.70 -20.70
C HIS C 139 1.58 30.91 -20.77
N GLU C 140 0.29 30.71 -21.11
CA GLU C 140 -0.60 31.85 -21.20
C GLU C 140 -0.91 32.42 -19.83
N PHE C 141 -1.08 31.54 -18.82
CA PHE C 141 -1.13 32.02 -17.44
C PHE C 141 0.17 32.75 -17.08
N ALA C 142 1.31 32.18 -17.46
CA ALA C 142 2.61 32.77 -17.13
C ALA C 142 2.76 34.15 -17.77
N HIS C 143 2.43 34.24 -19.05
CA HIS C 143 2.51 35.55 -19.74
C HIS C 143 1.48 36.54 -19.20
N LEU C 144 0.31 36.07 -18.75
CA LEU C 144 -0.71 36.97 -18.15
C LEU C 144 -0.13 37.61 -16.91
N MET C 145 0.73 36.88 -16.19
CA MET C 145 1.32 37.35 -14.92
C MET C 145 2.66 38.02 -15.19
N SER C 146 3.04 38.18 -16.45
CA SER C 146 4.31 38.82 -16.87
C SER C 146 5.52 38.09 -16.29
N TYR C 147 5.40 36.78 -16.16
CA TYR C 147 6.53 35.96 -15.69
C TYR C 147 7.34 35.58 -16.92
N LYS C 148 8.66 35.76 -16.85
CA LYS C 148 9.54 35.50 -18.02
C LYS C 148 9.81 34.01 -18.17
N ASN C 149 10.07 33.32 -17.07
CA ASN C 149 10.37 31.87 -17.14
C ASN C 149 9.41 31.16 -16.20
N GLY C 150 8.12 31.32 -16.44
CA GLY C 150 7.12 30.70 -15.58
C GLY C 150 6.42 29.52 -16.22
N TRP C 151 5.40 29.04 -15.53
CA TRP C 151 4.60 27.90 -16.02
C TRP C 151 3.30 27.96 -15.24
N GLY C 152 2.40 27.05 -15.52
CA GLY C 152 1.13 26.97 -14.80
C GLY C 152 0.36 25.80 -15.33
N HIS C 153 -0.78 25.53 -14.73
CA HIS C 153 -1.61 24.44 -15.21
C HIS C 153 -3.00 24.71 -14.67
N ILE C 154 -3.96 23.98 -15.22
CA ILE C 154 -5.33 24.13 -14.77
C ILE C 154 -5.47 23.34 -13.48
N VAL C 155 -6.21 23.88 -12.55
CA VAL C 155 -6.44 23.21 -11.28
C VAL C 155 -7.96 23.07 -11.13
N ALA C 156 -8.38 21.98 -10.50
CA ALA C 156 -9.80 21.73 -10.42
C ALA C 156 -10.55 22.97 -9.91
N ASP C 157 -9.97 23.70 -8.99
CA ASP C 157 -10.63 24.93 -8.55
C ASP C 157 -9.63 25.83 -7.83
N GLY C 158 -10.12 26.97 -7.34
CA GLY C 158 -9.23 27.91 -6.70
C GLY C 158 -8.68 27.35 -5.41
N SER C 159 -9.57 26.85 -4.55
CA SER C 159 -9.15 26.29 -3.27
C SER C 159 -8.01 25.31 -3.43
N LEU C 160 -8.13 24.36 -4.35
CA LEU C 160 -7.02 23.43 -4.51
C LEU C 160 -5.82 24.13 -5.10
N ALA C 161 -6.03 25.20 -5.87
CA ALA C 161 -4.90 25.99 -6.37
C ALA C 161 -4.18 26.69 -5.22
N ASN C 162 -4.96 27.24 -4.26
CA ASN C 162 -4.38 27.78 -3.04
C ASN C 162 -3.60 26.70 -2.28
N LEU C 163 -4.23 25.54 -2.04
CA LEU C 163 -3.51 24.47 -1.37
C LEU C 163 -2.20 24.16 -2.07
N GLU C 164 -2.26 24.00 -3.41
CA GLU C 164 -1.03 23.72 -4.16
C GLU C 164 -0.02 24.85 -3.99
N GLY C 165 -0.48 26.09 -3.86
CA GLY C 165 0.42 27.18 -3.55
C GLY C 165 1.06 27.02 -2.18
N LEU C 166 0.23 26.71 -1.19
CA LEU C 166 0.73 26.45 0.16
C LEU C 166 1.61 25.22 0.17
N TRP C 167 1.28 24.23 -0.67
CA TRP C 167 2.20 23.13 -0.91
C TRP C 167 3.55 23.66 -1.39
N TYR C 168 3.54 24.50 -2.42
CA TYR C 168 4.78 25.03 -2.99
C TYR C 168 5.62 25.74 -1.92
N ALA C 169 5.01 26.70 -1.22
CA ALA C 169 5.75 27.46 -0.23
C ALA C 169 6.28 26.54 0.86
N ARG C 170 5.40 25.73 1.46
CA ARG C 170 5.84 24.82 2.52
C ARG C 170 7.05 24.00 2.09
N ASN C 171 7.01 23.42 0.89
CA ASN C 171 8.11 22.58 0.47
C ASN C 171 9.40 23.35 0.23
N ILE C 172 9.30 24.59 -0.27
CA ILE C 172 10.50 25.38 -0.52
C ILE C 172 11.11 25.90 0.77
N LYS C 173 10.29 26.45 1.68
CA LYS C 173 10.86 26.90 2.93
C LYS C 173 11.62 25.75 3.60
N SER C 174 11.22 24.52 3.38
CA SER C 174 11.87 23.38 4.08
C SER C 174 13.15 23.02 3.35
N LEU C 175 13.27 23.42 2.09
CA LEU C 175 14.43 22.98 1.28
C LEU C 175 15.76 23.43 1.90
N PRO C 176 15.98 24.68 2.32
CA PRO C 176 17.21 25.05 3.01
C PRO C 176 17.73 24.05 4.06
N PHE C 177 16.96 23.80 5.11
CA PHE C 177 17.35 22.83 6.16
C PHE C 177 17.75 21.51 5.50
N ALA C 178 16.93 21.05 4.56
CA ALA C 178 17.18 19.77 3.87
C ALA C 178 18.52 19.83 3.16
N MET C 179 18.93 21.02 2.75
CA MET C 179 20.19 21.15 1.99
C MET C 179 21.34 21.00 2.98
N LYS C 180 21.15 21.43 4.23
CA LYS C 180 22.19 21.26 5.28
C LYS C 180 22.29 19.79 5.70
N GLU C 181 21.55 18.90 5.05
CA GLU C 181 21.55 17.48 5.51
C GLU C 181 21.99 16.59 4.37
N VAL C 182 22.19 17.13 3.17
CA VAL C 182 22.54 16.25 2.02
C VAL C 182 23.78 16.85 1.37
N LYS C 183 23.74 18.15 1.05
CA LYS C 183 24.94 18.84 0.54
C LYS C 183 25.04 20.14 1.32
N PRO C 184 25.54 20.15 2.56
CA PRO C 184 25.57 21.34 3.39
C PRO C 184 26.50 22.40 2.80
N GLU C 185 27.26 22.05 1.78
CA GLU C 185 28.16 23.02 1.11
C GLU C 185 27.32 24.08 0.42
N LEU C 186 26.12 23.72 -0.03
CA LEU C 186 25.23 24.67 -0.72
C LEU C 186 24.89 25.79 0.24
N VAL C 187 24.66 25.44 1.49
CA VAL C 187 24.25 26.46 2.50
C VAL C 187 25.37 26.54 3.54
N ALA C 188 26.63 26.45 3.10
CA ALA C 188 27.77 26.41 4.05
C ALA C 188 27.84 27.62 4.97
N GLY C 189 27.93 27.37 6.28
CA GLY C 189 28.11 28.45 7.26
C GLY C 189 26.89 29.31 7.44
N LYS C 190 25.77 28.91 6.87
CA LYS C 190 24.53 29.68 7.09
C LYS C 190 23.87 29.23 8.39
N SER C 191 23.34 30.18 9.18
CA SER C 191 22.65 29.86 10.42
C SER C 191 21.37 29.11 10.09
N ASP C 192 20.62 28.74 11.11
CA ASP C 192 19.28 28.25 10.84
C ASP C 192 18.36 29.39 10.42
N TRP C 193 18.38 30.50 11.15
CA TRP C 193 17.54 31.63 10.79
C TRP C 193 17.93 32.18 9.43
N GLU C 194 19.20 32.05 9.06
CA GLU C 194 19.61 32.44 7.71
C GLU C 194 18.96 31.53 6.67
N LEU C 195 18.91 30.23 6.92
CA LEU C 195 18.27 29.31 5.97
C LEU C 195 16.76 29.53 5.88
N LEU C 196 16.11 29.79 7.00
CA LEU C 196 14.67 30.04 7.00
C LEU C 196 14.35 31.41 6.45
N ASN C 197 15.31 32.03 5.75
CA ASN C 197 15.01 33.32 5.15
C ASN C 197 15.74 33.53 3.83
N MET C 198 16.27 32.49 3.22
CA MET C 198 16.77 32.61 1.86
C MET C 198 15.60 32.92 0.92
N PRO C 199 15.73 33.90 0.03
CA PRO C 199 14.66 34.15 -0.95
C PRO C 199 14.45 32.95 -1.86
N THR C 200 13.19 32.76 -2.28
CA THR C 200 12.83 31.61 -3.13
C THR C 200 13.79 31.45 -4.31
N LYS C 201 14.19 32.54 -4.97
CA LYS C 201 15.05 32.40 -6.15
C LYS C 201 16.40 31.82 -5.80
N GLU C 202 16.98 32.29 -4.69
CA GLU C 202 18.27 31.74 -4.25
C GLU C 202 18.15 30.26 -3.96
N ILE C 203 17.09 29.87 -3.25
CA ILE C 203 16.87 28.46 -2.96
C ILE C 203 16.81 27.65 -4.25
N MET C 204 16.16 28.19 -5.28
CA MET C 204 16.00 27.42 -6.50
C MET C 204 17.31 27.35 -7.29
N ASP C 205 18.07 28.45 -7.32
CA ASP C 205 19.37 28.40 -7.99
C ASP C 205 20.24 27.35 -7.33
N LEU C 206 20.23 27.32 -5.99
CA LEU C 206 21.03 26.34 -5.25
C LEU C 206 20.61 24.92 -5.59
N LEU C 207 19.32 24.62 -5.49
CA LEU C 207 18.87 23.25 -5.65
C LEU C 207 19.29 22.69 -7.00
N GLU C 208 19.12 23.45 -8.07
CA GLU C 208 19.44 22.94 -9.39
C GLU C 208 20.92 22.98 -9.76
N SER C 209 21.78 23.51 -8.91
CA SER C 209 23.19 23.26 -9.11
C SER C 209 23.52 21.83 -8.67
N ALA C 210 22.85 21.37 -7.61
CA ALA C 210 22.96 20.01 -7.09
C ALA C 210 22.16 19.01 -7.95
N GLU C 211 22.51 18.94 -9.22
CA GLU C 211 21.72 18.16 -10.16
C GLU C 211 21.50 16.74 -9.66
N ASP C 212 22.58 15.95 -9.54
CA ASP C 212 22.43 14.52 -9.31
C ASP C 212 21.87 14.20 -7.93
N GLU C 213 21.78 15.17 -7.02
CA GLU C 213 21.34 14.87 -5.67
C GLU C 213 19.98 15.46 -5.39
N ILE C 214 19.31 15.94 -6.44
CA ILE C 214 18.04 16.65 -6.25
C ILE C 214 17.05 15.82 -5.44
N ASP C 215 16.89 14.55 -5.80
CA ASP C 215 15.85 13.73 -5.16
C ASP C 215 16.12 13.52 -3.68
N GLU C 216 17.38 13.27 -3.31
CA GLU C 216 17.72 13.10 -1.92
C GLU C 216 17.42 14.37 -1.14
N ILE C 217 17.81 15.54 -1.68
CA ILE C 217 17.39 16.82 -1.10
C ILE C 217 15.87 16.88 -0.98
N LYS C 218 15.16 16.58 -2.08
CA LYS C 218 13.70 16.51 -2.00
C LYS C 218 13.26 15.53 -0.94
N ALA C 219 13.91 14.36 -0.89
CA ALA C 219 13.57 13.35 0.12
C ALA C 219 13.70 13.91 1.53
N HIS C 220 14.60 14.86 1.74
CA HIS C 220 14.74 15.50 3.03
C HIS C 220 13.89 16.76 3.18
N SER C 221 13.08 17.10 2.16
CA SER C 221 12.23 18.28 2.20
C SER C 221 11.07 18.08 3.18
N ALA C 222 10.19 19.08 3.24
CA ALA C 222 8.97 18.92 4.02
C ALA C 222 8.12 17.77 3.52
N ARG C 223 8.42 17.23 2.33
CA ARG C 223 7.70 16.07 1.84
C ARG C 223 7.70 14.92 2.84
N SER C 224 8.85 14.70 3.50
CA SER C 224 9.04 13.55 4.40
C SER C 224 8.14 13.63 5.63
N GLY C 225 7.75 14.83 6.03
CA GLY C 225 6.95 15.07 7.21
C GLY C 225 7.67 15.88 8.26
N LYS C 226 8.95 16.15 8.04
CA LYS C 226 9.82 16.73 9.05
C LYS C 226 9.84 18.25 8.95
N HIS C 227 9.88 18.90 10.10
CA HIS C 227 10.06 20.35 10.20
C HIS C 227 8.84 21.15 9.76
N LEU C 228 7.63 20.67 10.03
CA LEU C 228 6.49 21.40 9.50
C LEU C 228 6.16 22.63 10.35
N GLN C 229 6.49 22.63 11.64
CA GLN C 229 6.36 23.83 12.45
C GLN C 229 7.62 24.69 12.42
N ALA C 230 8.74 24.15 11.96
CA ALA C 230 9.95 24.94 11.87
C ALA C 230 9.88 26.01 10.80
N ILE C 231 9.02 25.81 9.78
CA ILE C 231 9.07 26.67 8.60
C ILE C 231 8.25 27.94 8.74
N GLY C 232 7.46 28.09 9.78
CA GLY C 232 7.00 29.42 10.14
C GLY C 232 5.50 29.64 9.92
N LYS C 233 5.11 30.90 10.01
CA LYS C 233 3.71 31.28 10.02
C LYS C 233 3.23 31.61 8.61
N TRP C 234 1.98 31.25 8.33
CA TRP C 234 1.31 31.59 7.08
C TRP C 234 0.43 32.79 7.33
N LEU C 235 0.76 33.91 6.69
CA LEU C 235 0.10 35.19 6.92
C LEU C 235 -0.88 35.45 5.80
N VAL C 236 -2.15 35.59 6.17
CA VAL C 236 -3.20 35.73 5.16
C VAL C 236 -4.03 36.92 5.60
N PRO C 237 -4.76 37.57 4.69
CA PRO C 237 -5.61 38.66 5.10
C PRO C 237 -6.67 38.10 6.04
N GLN C 238 -7.15 38.95 7.01
CA GLN C 238 -8.15 38.47 8.00
C GLN C 238 -9.48 38.21 7.31
N THR C 239 -9.63 38.67 6.07
CA THR C 239 -10.87 38.51 5.29
C THR C 239 -10.64 37.36 4.33
N LYS C 240 -9.64 36.53 4.61
CA LYS C 240 -9.25 35.44 3.69
C LYS C 240 -10.38 34.46 3.44
N HIS C 241 -10.22 33.67 2.40
CA HIS C 241 -11.24 32.66 2.08
C HIS C 241 -10.97 31.43 2.95
N TYR C 242 -12.02 30.67 3.26
CA TYR C 242 -11.88 29.45 4.10
C TYR C 242 -10.91 28.47 3.45
N SER C 243 -10.68 28.59 2.15
CA SER C 243 -9.71 27.75 1.42
C SER C 243 -8.34 27.81 2.06
N TRP C 244 -8.00 28.94 2.67
CA TRP C 244 -6.67 29.12 3.28
C TRP C 244 -6.56 28.33 4.59
N LEU C 245 -7.56 28.41 5.47
CA LEU C 245 -7.55 27.50 6.60
C LEU C 245 -7.44 26.05 6.14
N LYS C 246 -8.42 25.61 5.34
CA LYS C 246 -8.37 24.25 4.81
C LYS C 246 -6.99 23.93 4.23
N ALA C 247 -6.36 24.91 3.60
CA ALA C 247 -5.02 24.70 3.06
C ALA C 247 -4.03 24.41 4.18
N ALA C 248 -4.05 25.22 5.25
CA ALA C 248 -3.18 24.97 6.40
C ALA C 248 -3.46 23.60 7.03
N ASP C 249 -4.70 23.41 7.49
CA ASP C 249 -5.20 22.13 7.95
C ASP C 249 -4.66 20.96 7.12
N ILE C 250 -4.96 20.94 5.81
CA ILE C 250 -4.61 19.82 4.95
C ILE C 250 -3.10 19.66 4.79
N ILE C 251 -2.39 20.77 4.56
CA ILE C 251 -0.99 20.71 4.10
C ILE C 251 -0.03 20.35 5.23
N GLY C 252 -0.48 20.40 6.49
CA GLY C 252 0.27 19.86 7.62
C GLY C 252 0.67 20.90 8.65
N ILE C 253 0.87 22.14 8.21
CA ILE C 253 1.27 23.22 9.10
C ILE C 253 0.21 23.53 10.16
N GLY C 254 -1.06 23.24 9.85
CA GLY C 254 -2.15 23.31 10.81
C GLY C 254 -2.76 24.69 10.94
N LEU C 255 -3.94 24.73 11.55
CA LEU C 255 -4.62 26.01 11.70
C LEU C 255 -3.77 26.98 12.51
N ASP C 256 -3.06 26.45 13.51
CA ASP C 256 -2.32 27.25 14.48
C ASP C 256 -1.13 27.97 13.89
N GLN C 257 -0.66 27.55 12.72
CA GLN C 257 0.45 28.20 12.03
C GLN C 257 -0.05 29.27 11.05
N VAL C 258 -1.26 29.79 11.26
CA VAL C 258 -1.89 30.77 10.39
C VAL C 258 -2.15 32.02 11.21
N ILE C 259 -1.60 33.14 10.78
CA ILE C 259 -1.77 34.41 11.48
C ILE C 259 -2.60 35.34 10.60
N PRO C 260 -3.77 35.79 11.05
CA PRO C 260 -4.53 36.79 10.27
C PRO C 260 -3.92 38.18 10.41
N VAL C 261 -3.65 38.83 9.27
CA VAL C 261 -3.20 40.21 9.22
C VAL C 261 -4.40 41.11 9.04
N PRO C 262 -4.59 42.12 9.89
CA PRO C 262 -5.80 42.96 9.82
C PRO C 262 -5.88 43.76 8.51
N VAL C 263 -7.09 44.17 8.16
CA VAL C 263 -7.34 44.90 6.93
C VAL C 263 -7.68 46.33 7.29
N ASP C 264 -7.32 47.26 6.41
CA ASP C 264 -7.60 48.66 6.66
C ASP C 264 -9.08 48.93 6.40
N HIS C 265 -9.48 50.21 6.42
CA HIS C 265 -10.87 50.57 6.15
C HIS C 265 -11.26 50.39 4.68
N ASN C 266 -10.30 50.12 3.79
CA ASN C 266 -10.56 49.70 2.42
C ASN C 266 -10.48 48.20 2.23
N TYR C 267 -10.48 47.43 3.33
CA TYR C 267 -10.48 45.97 3.29
C TYR C 267 -9.34 45.43 2.46
N ARG C 268 -8.31 46.24 2.30
CA ARG C 268 -7.02 45.82 1.80
C ARG C 268 -6.16 45.48 3.02
N MET C 269 -5.23 44.54 2.85
CA MET C 269 -4.34 44.18 3.96
C MET C 269 -3.60 45.41 4.44
N ASP C 270 -3.70 45.69 5.74
CA ASP C 270 -2.95 46.80 6.33
C ASP C 270 -1.46 46.45 6.27
N ILE C 271 -0.75 47.04 5.31
CA ILE C 271 0.63 46.65 5.05
C ILE C 271 1.53 47.04 6.22
N ASN C 272 1.17 48.07 6.97
CA ASN C 272 1.86 48.35 8.22
C ASN C 272 1.64 47.20 9.20
N GLU C 273 0.39 46.79 9.41
CA GLU C 273 0.13 45.71 10.35
C GLU C 273 0.80 44.41 9.93
N LEU C 274 1.11 44.26 8.64
CA LEU C 274 1.94 43.14 8.19
C LEU C 274 3.35 43.27 8.70
N GLU C 275 3.91 44.48 8.58
CA GLU C 275 5.26 44.75 9.08
C GLU C 275 5.34 44.51 10.58
N LYS C 276 4.33 44.99 11.33
CA LYS C 276 4.29 44.76 12.77
C LYS C 276 4.32 43.26 13.09
N ILE C 277 3.52 42.45 12.37
CA ILE C 277 3.48 41.03 12.67
C ILE C 277 4.77 40.34 12.23
N VAL C 278 5.26 40.65 11.03
CA VAL C 278 6.45 39.99 10.52
C VAL C 278 7.64 40.27 11.43
N ARG C 279 7.83 41.54 11.77
CA ARG C 279 8.95 41.89 12.63
C ARG C 279 8.80 41.24 14.00
N GLY C 280 7.60 41.34 14.58
CA GLY C 280 7.36 40.67 15.85
C GLY C 280 7.77 39.21 15.81
N LEU C 281 7.55 38.56 14.67
CA LEU C 281 7.97 37.18 14.50
C LEU C 281 9.46 37.05 14.33
N ALA C 282 10.12 38.07 13.76
CA ALA C 282 11.57 38.03 13.61
C ALA C 282 12.25 38.23 14.95
N GLU C 283 11.59 38.96 15.85
CA GLU C 283 12.09 39.07 17.21
C GLU C 283 12.21 37.69 17.81
N GLU C 284 11.29 36.80 17.46
CA GLU C 284 11.40 35.58 18.23
C GLU C 284 12.07 34.45 17.47
N GLN C 285 12.74 34.75 16.35
CA GLN C 285 13.30 33.69 15.53
C GLN C 285 12.20 32.80 14.94
N ILE C 286 11.00 33.33 14.79
CA ILE C 286 9.86 32.61 14.18
C ILE C 286 9.78 33.06 12.74
N PRO C 287 10.06 32.20 11.76
CA PRO C 287 10.07 32.61 10.35
C PRO C 287 8.67 32.86 9.80
N VAL C 288 8.65 33.43 8.60
CA VAL C 288 7.41 33.62 7.84
C VAL C 288 7.45 32.67 6.65
N LEU C 289 6.61 31.64 6.70
CA LEU C 289 6.45 30.72 5.59
C LEU C 289 6.04 31.45 4.32
N GLY C 290 5.02 32.31 4.42
CA GLY C 290 4.66 33.13 3.29
C GLY C 290 3.50 34.04 3.65
N VAL C 291 3.27 35.00 2.77
CA VAL C 291 2.15 35.94 2.86
C VAL C 291 1.26 35.73 1.64
N VAL C 292 -0.05 35.87 1.83
CA VAL C 292 -1.00 35.79 0.72
C VAL C 292 -1.58 37.18 0.52
N GLY C 293 -1.33 37.74 -0.66
CA GLY C 293 -1.99 38.97 -1.06
C GLY C 293 -3.16 38.61 -1.97
N VAL C 294 -4.33 39.16 -1.64
CA VAL C 294 -5.56 38.87 -2.35
C VAL C 294 -5.77 39.95 -3.43
N VAL C 295 -5.79 39.54 -4.69
CA VAL C 295 -6.17 40.42 -5.78
C VAL C 295 -7.62 40.10 -6.09
N GLY C 296 -8.53 40.81 -5.42
CA GLY C 296 -9.95 40.60 -5.63
C GLY C 296 -10.54 39.77 -4.53
N SER C 297 -10.67 40.38 -3.36
CA SER C 297 -11.15 39.64 -2.21
C SER C 297 -12.55 39.12 -2.50
N THR C 298 -12.87 38.00 -1.86
CA THR C 298 -14.11 37.30 -2.13
C THR C 298 -15.33 38.12 -1.74
N GLU C 299 -15.30 38.78 -0.60
CA GLU C 299 -16.49 39.39 -0.04
C GLU C 299 -16.66 40.86 -0.38
N GLU C 300 -15.59 41.54 -0.80
CA GLU C 300 -15.67 42.96 -1.10
C GLU C 300 -14.92 43.35 -2.36
N GLY C 301 -14.22 42.44 -3.03
CA GLY C 301 -13.52 42.79 -4.24
C GLY C 301 -12.37 43.75 -4.05
N ALA C 302 -11.71 43.70 -2.92
CA ALA C 302 -10.59 44.59 -2.68
C ALA C 302 -9.33 44.01 -3.31
N VAL C 303 -8.36 44.90 -3.54
CA VAL C 303 -7.09 44.52 -4.14
C VAL C 303 -6.00 44.83 -3.12
N ASP C 304 -5.45 43.78 -2.52
CA ASP C 304 -4.30 43.97 -1.65
C ASP C 304 -3.18 44.66 -2.42
N SER C 305 -2.48 45.57 -1.76
CA SER C 305 -1.39 46.29 -2.41
C SER C 305 -0.20 45.35 -2.58
N ILE C 306 -0.25 44.55 -3.66
CA ILE C 306 0.80 43.58 -3.88
C ILE C 306 2.14 44.27 -4.08
N ASP C 307 2.14 45.47 -4.67
CA ASP C 307 3.40 46.21 -4.78
C ASP C 307 3.99 46.49 -3.39
N LYS C 308 3.16 46.95 -2.45
CA LYS C 308 3.64 47.22 -1.10
C LYS C 308 4.09 45.95 -0.38
N ILE C 309 3.49 44.82 -0.71
CA ILE C 309 3.90 43.59 -0.03
C ILE C 309 5.29 43.19 -0.49
N ILE C 310 5.60 43.34 -1.76
CA ILE C 310 6.94 42.88 -2.19
C ILE C 310 7.96 43.95 -1.79
N ALA C 311 7.50 45.19 -1.62
CA ALA C 311 8.41 46.28 -1.24
C ALA C 311 8.87 46.10 0.21
N LEU C 312 7.95 45.70 1.09
CA LEU C 312 8.29 45.47 2.51
C LEU C 312 9.27 44.31 2.57
N ARG C 313 9.09 43.32 1.70
CA ARG C 313 9.99 42.17 1.64
C ARG C 313 11.40 42.65 1.28
N ASP C 314 11.48 43.61 0.37
CA ASP C 314 12.81 44.11 -0.09
C ASP C 314 13.48 44.81 1.09
N GLU C 315 12.72 45.61 1.82
CA GLU C 315 13.24 46.31 3.02
C GLU C 315 13.56 45.31 4.12
N LEU C 316 12.79 44.23 4.21
CA LEU C 316 12.98 43.25 5.32
C LEU C 316 14.16 42.33 5.01
N MET C 317 14.50 42.16 3.74
CA MET C 317 15.66 41.32 3.36
C MET C 317 16.93 42.07 3.75
N LYS C 318 16.81 43.37 3.98
CA LYS C 318 17.97 44.15 4.47
C LYS C 318 18.18 43.79 5.94
N ASP C 319 17.10 43.45 6.64
CA ASP C 319 17.18 43.05 8.06
C ASP C 319 17.13 41.53 8.18
N GLY C 320 17.42 40.80 7.11
CA GLY C 320 17.44 39.33 7.13
C GLY C 320 16.09 38.64 7.22
N ILE C 321 15.03 39.24 6.67
CA ILE C 321 13.67 38.61 6.67
C ILE C 321 13.13 38.46 5.25
N TYR C 322 12.75 37.25 4.86
CA TYR C 322 12.13 37.02 3.54
C TYR C 322 10.79 36.34 3.75
N TYR C 323 9.84 36.60 2.86
CA TYR C 323 8.57 35.88 2.94
C TYR C 323 8.12 35.52 1.53
N TYR C 324 7.66 34.29 1.37
CA TYR C 324 7.11 33.87 0.07
C TYR C 324 5.83 34.67 -0.12
N VAL C 325 5.58 35.13 -1.34
CA VAL C 325 4.27 35.79 -1.57
C VAL C 325 3.45 34.96 -2.55
N HIS C 326 2.29 34.52 -2.14
CA HIS C 326 1.37 33.83 -3.07
C HIS C 326 0.22 34.79 -3.30
N VAL C 327 -0.15 34.99 -4.56
CA VAL C 327 -1.25 35.93 -4.88
C VAL C 327 -2.56 35.16 -5.06
N ASP C 328 -3.52 35.41 -4.19
CA ASP C 328 -4.86 34.79 -4.37
C ASP C 328 -5.65 35.70 -5.29
N ALA C 329 -5.48 35.51 -6.58
CA ALA C 329 -6.28 36.27 -7.55
C ALA C 329 -7.30 35.30 -8.16
N ALA C 330 -7.81 34.37 -7.39
CA ALA C 330 -8.85 33.47 -7.93
C ALA C 330 -9.91 34.30 -8.64
N TYR C 331 -10.32 35.40 -8.04
CA TYR C 331 -11.34 36.27 -8.66
C TYR C 331 -10.74 37.26 -9.66
N GLY C 332 -9.76 38.06 -9.27
CA GLY C 332 -9.27 39.14 -10.15
C GLY C 332 -8.05 38.85 -10.97
N GLY C 333 -7.68 37.60 -11.14
CA GLY C 333 -6.43 37.32 -11.86
C GLY C 333 -6.53 37.59 -13.34
N TYR C 334 -7.70 37.35 -13.90
CA TYR C 334 -7.91 37.60 -15.35
C TYR C 334 -7.85 39.10 -15.59
N GLY C 335 -8.25 39.91 -14.62
CA GLY C 335 -8.21 41.38 -14.71
C GLY C 335 -6.90 41.93 -15.20
N ARG C 336 -5.79 41.23 -15.00
CA ARG C 336 -4.45 41.69 -15.41
C ARG C 336 -4.38 41.86 -16.92
N ALA C 337 -5.36 41.32 -17.63
CA ALA C 337 -5.36 41.39 -19.11
C ALA C 337 -5.66 42.83 -19.53
N ILE C 338 -6.39 43.56 -18.71
CA ILE C 338 -6.76 44.97 -19.01
C ILE C 338 -5.50 45.85 -19.01
N PHE C 339 -4.38 45.34 -18.52
CA PHE C 339 -3.19 46.19 -18.37
C PHE C 339 -2.11 45.77 -19.33
N LEU C 340 -2.43 44.88 -20.24
CA LEU C 340 -1.39 44.35 -21.15
C LEU C 340 -1.74 44.67 -22.60
N ASP C 341 -0.75 45.07 -23.40
CA ASP C 341 -0.97 45.33 -24.81
C ASP C 341 -0.66 44.08 -25.61
N GLU C 342 -0.80 44.15 -26.93
CA GLU C 342 -0.74 42.92 -27.72
C GLU C 342 0.67 42.33 -27.81
N ASP C 343 1.70 43.03 -27.37
CA ASP C 343 3.03 42.44 -27.26
C ASP C 343 3.29 41.91 -25.86
N ASN C 344 2.27 41.92 -25.01
CA ASN C 344 2.33 41.44 -23.63
C ASN C 344 3.11 42.37 -22.71
N ASN C 345 3.33 43.62 -23.11
CA ASN C 345 3.96 44.58 -22.22
C ASN C 345 2.89 45.22 -21.35
N PHE C 346 3.22 45.41 -20.08
CA PHE C 346 2.30 46.05 -19.17
C PHE C 346 2.16 47.51 -19.59
N ILE C 347 0.94 47.93 -19.88
CA ILE C 347 0.70 49.28 -20.40
C ILE C 347 1.04 50.29 -19.32
N PRO C 348 1.81 51.34 -19.62
CA PRO C 348 2.10 52.37 -18.62
C PRO C 348 0.81 53.01 -18.16
N TYR C 349 0.69 53.30 -16.86
CA TYR C 349 -0.61 53.76 -16.31
C TYR C 349 -1.20 54.94 -17.06
N GLU C 350 -0.37 55.87 -17.49
CA GLU C 350 -0.91 57.12 -18.08
C GLU C 350 -1.50 56.90 -19.47
N ASP C 351 -1.07 55.84 -20.17
CA ASP C 351 -1.63 55.53 -21.50
C ASP C 351 -2.87 54.66 -21.37
N LEU C 352 -3.30 54.33 -20.15
CA LEU C 352 -4.43 53.39 -19.95
C LEU C 352 -5.68 53.88 -20.67
N GLN C 353 -6.20 55.04 -20.30
CA GLN C 353 -7.48 55.51 -20.89
C GLN C 353 -7.37 55.60 -22.41
N ASP C 354 -6.18 55.84 -22.96
CA ASP C 354 -6.01 56.01 -24.43
C ASP C 354 -6.00 54.64 -25.09
N VAL C 355 -5.26 53.69 -24.54
CA VAL C 355 -5.27 52.31 -25.09
C VAL C 355 -6.66 51.69 -24.90
N HIS C 356 -7.32 51.95 -23.77
CA HIS C 356 -8.65 51.36 -23.48
C HIS C 356 -9.71 51.96 -24.38
N GLU C 357 -9.53 53.19 -24.85
CA GLU C 357 -10.49 53.78 -25.79
C GLU C 357 -10.19 53.21 -27.18
N GLU C 358 -8.91 53.08 -27.50
CA GLU C 358 -8.49 52.47 -28.78
C GLU C 358 -9.04 51.06 -28.84
N TYR C 359 -9.05 50.37 -27.72
CA TYR C 359 -9.45 48.98 -27.76
C TYR C 359 -10.89 48.72 -27.38
N GLY C 360 -11.68 49.76 -27.17
CA GLY C 360 -13.06 49.53 -26.79
C GLY C 360 -13.20 48.90 -25.41
N VAL C 361 -12.13 48.93 -24.61
CA VAL C 361 -12.18 48.38 -23.26
C VAL C 361 -13.17 49.13 -22.40
N PHE C 362 -13.21 50.44 -22.53
CA PHE C 362 -14.09 51.26 -21.71
C PHE C 362 -14.93 52.09 -22.64
N LYS C 363 -16.19 52.27 -22.28
CA LYS C 363 -17.07 52.99 -23.16
C LYS C 363 -16.94 54.49 -22.95
N GLU C 364 -16.61 54.90 -21.73
CA GLU C 364 -16.43 56.31 -21.36
C GLU C 364 -14.97 56.52 -21.02
N LYS C 365 -14.36 57.54 -21.62
CA LYS C 365 -12.94 57.81 -21.37
C LYS C 365 -12.87 58.65 -20.10
N LYS C 366 -12.77 57.97 -18.99
CA LYS C 366 -12.49 58.56 -17.68
C LYS C 366 -11.65 57.54 -16.92
N GLU C 367 -11.15 57.94 -15.74
CA GLU C 367 -10.40 56.99 -14.93
C GLU C 367 -11.33 55.89 -14.43
N HIS C 368 -10.91 54.65 -14.65
CA HIS C 368 -11.67 53.52 -14.17
C HIS C 368 -10.91 52.66 -13.18
N ILE C 369 -9.58 52.72 -13.18
CA ILE C 369 -8.74 51.87 -12.37
C ILE C 369 -7.74 52.74 -11.63
N SER C 370 -7.78 52.69 -10.30
CA SER C 370 -6.81 53.39 -9.46
C SER C 370 -5.38 53.06 -9.88
N ARG C 371 -4.47 54.01 -9.64
CA ARG C 371 -3.06 53.67 -9.78
C ARG C 371 -2.62 52.66 -8.73
N GLU C 372 -3.31 52.62 -7.58
CA GLU C 372 -2.97 51.64 -6.57
C GLU C 372 -3.26 50.24 -7.07
N VAL C 373 -4.50 50.03 -7.54
CA VAL C 373 -4.88 48.74 -8.12
C VAL C 373 -3.98 48.41 -9.29
N TYR C 374 -3.67 49.41 -10.13
CA TYR C 374 -2.70 49.22 -11.21
C TYR C 374 -1.38 48.70 -10.65
N ASP C 375 -0.83 49.40 -9.64
CA ASP C 375 0.45 49.00 -9.08
C ASP C 375 0.37 47.60 -8.48
N ALA C 376 -0.72 47.31 -7.76
CA ALA C 376 -0.92 45.97 -7.23
C ALA C 376 -0.81 44.93 -8.34
N TYR C 377 -1.51 45.16 -9.45
CA TYR C 377 -1.55 44.16 -10.50
C TYR C 377 -0.18 43.97 -11.12
N LYS C 378 0.57 45.06 -11.30
CA LYS C 378 1.90 44.95 -11.89
C LYS C 378 2.84 44.18 -10.97
N ALA C 379 2.72 44.39 -9.66
CA ALA C 379 3.61 43.75 -8.72
C ALA C 379 3.41 42.25 -8.65
N ILE C 380 2.29 41.73 -9.18
CA ILE C 380 2.07 40.29 -9.14
C ILE C 380 3.22 39.56 -9.82
N GLU C 381 3.87 40.19 -10.79
CA GLU C 381 4.93 39.50 -11.52
C GLU C 381 6.14 39.20 -10.65
N LEU C 382 6.20 39.74 -9.42
CA LEU C 382 7.29 39.44 -8.52
C LEU C 382 6.91 38.40 -7.47
N ALA C 383 5.63 38.11 -7.30
CA ALA C 383 5.23 37.09 -6.36
C ALA C 383 5.56 35.71 -6.93
N GLU C 384 5.74 34.73 -6.03
CA GLU C 384 6.23 33.42 -6.45
C GLU C 384 5.17 32.65 -7.22
N SER C 385 3.91 32.75 -6.81
CA SER C 385 2.85 31.95 -7.40
C SER C 385 1.53 32.70 -7.27
N VAL C 386 0.59 32.34 -8.12
CA VAL C 386 -0.70 33.00 -8.18
C VAL C 386 -1.79 31.97 -8.35
N THR C 387 -2.87 32.14 -7.59
CA THR C 387 -4.11 31.43 -7.81
C THR C 387 -4.97 32.28 -8.75
N ILE C 388 -5.51 31.64 -9.78
CA ILE C 388 -6.36 32.32 -10.75
C ILE C 388 -7.41 31.33 -11.24
N ASP C 389 -8.68 31.75 -11.18
CA ASP C 389 -9.80 30.90 -11.59
C ASP C 389 -10.27 31.25 -12.97
N PRO C 390 -10.10 30.39 -13.98
CA PRO C 390 -10.92 30.57 -15.19
C PRO C 390 -12.41 30.65 -14.91
N HIS C 391 -12.93 29.92 -13.92
CA HIS C 391 -14.37 29.91 -13.75
C HIS C 391 -14.81 31.05 -12.85
N1 LLP C 392 -9.90 32.82 -2.79
C2 LLP C 392 -10.53 33.82 -3.39
C2' LLP C 392 -10.09 35.22 -3.13
C3 LLP C 392 -11.60 33.56 -4.24
O3 LLP C 392 -12.21 34.62 -4.81
C4 LLP C 392 -12.01 32.23 -4.47
C4' LLP C 392 -13.11 31.90 -5.36
C5 LLP C 392 -11.30 31.20 -3.83
C6 LLP C 392 -10.27 31.55 -3.01
C5' LLP C 392 -11.65 29.75 -3.98
OP4 LLP C 392 -11.68 29.25 -5.34
P LLP C 392 -12.80 28.19 -5.74
OP1 LLP C 392 -14.10 28.84 -5.41
OP2 LLP C 392 -12.54 26.95 -4.95
OP3 LLP C 392 -12.60 27.95 -7.20
N LLP C 392 -14.03 32.11 -12.93
CA LLP C 392 -14.45 33.36 -12.26
CB LLP C 392 -13.61 33.59 -11.01
CG LLP C 392 -13.90 32.62 -9.87
CD LLP C 392 -13.59 33.17 -8.49
CE LLP C 392 -14.15 32.29 -7.41
NZ LLP C 392 -13.69 32.74 -6.10
C LLP C 392 -14.37 34.40 -13.36
O LLP C 392 -15.20 34.36 -14.26
N MET C 393 -13.36 35.24 -13.35
CA MET C 393 -13.26 36.31 -14.31
C MET C 393 -12.70 35.81 -15.64
N GLY C 394 -12.48 34.50 -15.74
CA GLY C 394 -12.22 33.91 -17.02
C GLY C 394 -13.46 33.60 -17.84
N TYR C 395 -14.65 33.70 -17.22
CA TYR C 395 -15.89 33.36 -17.90
C TYR C 395 -15.83 31.97 -18.51
N ILE C 396 -15.10 31.10 -17.84
CA ILE C 396 -14.95 29.71 -18.34
C ILE C 396 -15.81 28.84 -17.44
N PRO C 397 -16.59 27.92 -18.02
CA PRO C 397 -17.43 27.07 -17.23
C PRO C 397 -16.73 26.27 -16.12
N TYR C 398 -17.42 26.04 -15.02
CA TYR C 398 -16.87 25.19 -13.95
C TYR C 398 -16.69 23.79 -14.53
N SER C 399 -15.75 23.04 -13.97
CA SER C 399 -14.78 23.55 -12.98
C SER C 399 -13.42 23.72 -13.65
N ALA C 400 -12.88 24.91 -13.57
CA ALA C 400 -11.60 25.22 -14.20
C ALA C 400 -10.90 26.31 -13.40
N GLY C 401 -10.00 25.91 -12.50
CA GLY C 401 -9.21 26.87 -11.74
C GLY C 401 -7.79 26.87 -12.27
N GLY C 402 -6.88 27.48 -11.55
CA GLY C 402 -5.54 27.57 -12.09
C GLY C 402 -4.48 28.06 -11.14
N ILE C 403 -3.26 27.70 -11.43
CA ILE C 403 -2.13 28.15 -10.64
C ILE C 403 -1.01 28.53 -11.59
N VAL C 404 -0.33 29.62 -11.30
CA VAL C 404 0.80 30.02 -12.10
C VAL C 404 2.00 30.21 -11.15
N ILE C 405 3.16 29.76 -11.62
CA ILE C 405 4.38 29.84 -10.82
C ILE C 405 5.36 30.78 -11.50
N GLN C 406 6.09 31.54 -10.67
CA GLN C 406 7.02 32.55 -11.18
C GLN C 406 8.17 31.92 -11.94
N ASP C 407 8.61 30.74 -11.53
CA ASP C 407 9.79 30.07 -12.07
C ASP C 407 9.45 28.62 -12.47
N ILE C 408 9.52 28.31 -13.76
CA ILE C 408 9.15 26.95 -14.20
C ILE C 408 9.93 25.89 -13.42
N ARG C 409 11.17 26.19 -13.05
CA ARG C 409 11.95 25.21 -12.29
C ARG C 409 11.29 24.91 -10.96
N MET C 410 10.52 25.87 -10.45
CA MET C 410 9.87 25.80 -9.15
C MET C 410 9.00 24.54 -9.02
N ARG C 411 8.53 24.00 -10.14
CA ARG C 411 7.68 22.81 -10.08
C ARG C 411 8.47 21.58 -9.66
N ASP C 412 9.81 21.65 -9.70
CA ASP C 412 10.62 20.51 -9.26
C ASP C 412 10.54 20.26 -7.77
N VAL C 413 10.15 21.27 -6.98
CA VAL C 413 10.01 21.12 -5.55
C VAL C 413 8.86 20.19 -5.17
N ILE C 414 7.92 19.97 -6.09
CA ILE C 414 6.76 19.13 -5.81
C ILE C 414 6.69 17.93 -6.74
N SER C 415 7.55 17.86 -7.74
CA SER C 415 7.49 16.82 -8.75
C SER C 415 7.53 15.44 -8.09
N TYR C 416 7.00 14.45 -8.80
CA TYR C 416 7.19 13.05 -8.44
C TYR C 416 7.56 12.26 -9.69
N PHE C 417 8.22 11.12 -9.47
CA PHE C 417 8.48 10.14 -10.50
C PHE C 417 8.28 8.77 -9.87
N ASP C 427 8.14 22.61 -23.30
CA ASP C 427 8.73 21.28 -23.10
C ASP C 427 7.79 20.46 -22.21
N ILE C 428 6.90 19.70 -22.83
CA ILE C 428 5.65 19.22 -22.23
C ILE C 428 5.81 17.98 -21.34
N PRO C 429 5.25 18.01 -20.12
CA PRO C 429 5.30 16.83 -19.25
C PRO C 429 4.63 15.65 -19.92
N ALA C 430 5.26 14.47 -19.77
CA ALA C 430 4.68 13.23 -20.26
C ALA C 430 3.62 12.64 -19.33
N LEU C 431 3.64 13.07 -18.05
CA LEU C 431 2.71 12.65 -17.00
C LEU C 431 2.52 13.91 -16.13
N LEU C 432 1.65 14.80 -16.62
CA LEU C 432 1.40 16.07 -15.95
C LEU C 432 0.94 15.90 -14.51
N GLY C 433 0.35 14.75 -14.16
CA GLY C 433 -0.02 14.48 -12.79
C GLY C 433 1.17 14.43 -11.85
N ALA C 434 2.38 14.31 -12.39
CA ALA C 434 3.61 14.35 -11.62
C ALA C 434 4.05 15.77 -11.28
N TYR C 435 3.42 16.79 -11.85
CA TYR C 435 3.82 18.17 -11.63
C TYR C 435 2.72 18.99 -10.95
N ILE C 436 1.68 18.34 -10.44
CA ILE C 436 0.51 19.04 -9.95
C ILE C 436 0.03 18.38 -8.66
N LEU C 437 -0.83 19.08 -7.94
CA LEU C 437 -1.32 18.54 -6.69
C LEU C 437 -2.37 17.44 -6.93
N GLU C 438 -3.27 17.63 -7.89
CA GLU C 438 -4.34 16.68 -8.15
C GLU C 438 -3.88 15.57 -9.09
N GLY C 439 -4.82 14.70 -9.49
CA GLY C 439 -4.51 13.62 -10.42
C GLY C 439 -5.22 13.71 -11.76
N SER C 440 -6.22 12.86 -12.01
CA SER C 440 -6.96 12.92 -13.26
C SER C 440 -7.70 14.25 -13.43
N LYS C 441 -7.85 14.67 -14.68
CA LYS C 441 -8.29 16.00 -15.09
C LYS C 441 -8.91 15.88 -16.48
N ALA C 442 -10.02 16.57 -16.69
CA ALA C 442 -10.64 16.52 -18.01
C ALA C 442 -9.74 17.25 -19.00
N GLY C 443 -9.30 16.56 -20.03
CA GLY C 443 -8.69 17.29 -21.10
C GLY C 443 -9.65 18.34 -21.66
N ALA C 444 -10.97 18.09 -21.56
CA ALA C 444 -11.96 19.04 -22.04
C ALA C 444 -11.84 20.37 -21.32
N THR C 445 -11.43 20.34 -20.05
CA THR C 445 -11.24 21.60 -19.34
C THR C 445 -10.14 22.40 -19.98
N ALA C 446 -9.08 21.72 -20.44
CA ALA C 446 -8.00 22.42 -21.10
C ALA C 446 -8.47 23.01 -22.41
N ALA C 447 -9.13 22.19 -23.22
CA ALA C 447 -9.64 22.68 -24.48
C ALA C 447 -10.57 23.86 -24.23
N SER C 448 -11.32 23.79 -23.12
CA SER C 448 -12.26 24.83 -22.72
C SER C 448 -11.55 26.13 -22.36
N VAL C 449 -10.41 26.06 -21.67
CA VAL C 449 -9.69 27.27 -21.31
C VAL C 449 -8.92 27.79 -22.52
N TRP C 450 -8.30 26.89 -23.26
CA TRP C 450 -7.59 27.27 -24.46
C TRP C 450 -8.52 27.95 -25.47
N ALA C 451 -9.76 27.47 -25.59
CA ALA C 451 -10.68 28.13 -26.53
C ALA C 451 -10.93 29.57 -26.12
N ALA C 452 -11.15 29.84 -24.84
CA ALA C 452 -11.33 31.21 -24.41
C ALA C 452 -10.08 32.01 -24.65
N HIS C 453 -8.92 31.44 -24.33
CA HIS C 453 -7.71 32.25 -24.43
C HIS C 453 -7.43 32.64 -25.85
N HIS C 454 -7.85 31.82 -26.80
CA HIS C 454 -7.55 32.03 -28.20
C HIS C 454 -8.66 32.71 -28.98
N VAL C 455 -9.86 32.84 -28.44
CA VAL C 455 -10.81 33.80 -29.00
C VAL C 455 -10.56 35.18 -28.39
N LEU C 456 -10.37 35.24 -27.09
CA LEU C 456 -10.06 36.47 -26.38
C LEU C 456 -8.62 36.40 -25.88
N PRO C 457 -7.66 36.99 -26.57
CA PRO C 457 -6.29 36.99 -26.03
C PRO C 457 -6.23 37.66 -24.67
N LEU C 458 -5.26 37.22 -23.86
CA LEU C 458 -5.14 37.73 -22.50
C LEU C 458 -4.44 39.09 -22.51
N ASN C 459 -5.10 40.05 -23.14
CA ASN C 459 -4.61 41.43 -23.20
C ASN C 459 -5.79 42.30 -23.65
N VAL C 460 -5.50 43.57 -23.97
CA VAL C 460 -6.57 44.53 -24.24
C VAL C 460 -7.33 44.19 -25.51
N ALA C 461 -6.76 43.33 -26.35
CA ALA C 461 -7.42 42.89 -27.56
C ALA C 461 -8.46 41.79 -27.34
N GLY C 462 -8.56 41.27 -26.13
CA GLY C 462 -9.47 40.18 -25.82
C GLY C 462 -10.02 40.33 -24.42
N TYR C 463 -9.45 39.62 -23.43
CA TYR C 463 -10.05 39.64 -22.10
C TYR C 463 -10.11 41.06 -21.54
N GLY C 464 -9.15 41.91 -21.86
CA GLY C 464 -9.24 43.28 -21.42
C GLY C 464 -10.60 43.91 -21.71
N LYS C 465 -11.15 43.65 -22.88
CA LYS C 465 -12.45 44.27 -23.25
C LYS C 465 -13.56 43.68 -22.37
N LEU C 466 -13.50 42.39 -22.08
CA LEU C 466 -14.55 41.78 -21.29
C LEU C 466 -14.47 42.25 -19.85
N ILE C 467 -13.25 42.20 -19.28
CA ILE C 467 -13.02 42.71 -17.92
C ILE C 467 -13.31 44.20 -17.87
N GLY C 468 -12.96 44.94 -18.93
CA GLY C 468 -13.38 46.32 -19.01
C GLY C 468 -14.89 46.47 -18.94
N ALA C 469 -15.62 45.63 -19.68
CA ALA C 469 -17.07 45.69 -19.67
C ALA C 469 -17.65 45.42 -18.28
N SER C 470 -17.12 44.40 -17.59
CA SER C 470 -17.53 44.11 -16.23
C SER C 470 -17.35 45.32 -15.33
N ILE C 471 -16.13 45.86 -15.30
CA ILE C 471 -15.80 46.98 -14.42
C ILE C 471 -16.66 48.19 -14.74
N GLU C 472 -16.77 48.56 -16.03
CA GLU C 472 -17.60 49.70 -16.37
C GLU C 472 -19.03 49.48 -15.92
N GLY C 473 -19.52 48.23 -16.07
CA GLY C 473 -20.84 47.92 -15.55
C GLY C 473 -20.94 48.07 -14.05
N SER C 474 -19.88 47.67 -13.32
CA SER C 474 -19.91 47.87 -11.88
C SER C 474 -19.89 49.36 -11.53
N HIS C 475 -19.23 50.21 -12.32
CA HIS C 475 -19.26 51.62 -11.95
C HIS C 475 -20.63 52.23 -12.25
N HIS C 476 -21.29 51.82 -13.32
CA HIS C 476 -22.66 52.25 -13.51
C HIS C 476 -23.56 51.77 -12.39
N PHE C 477 -23.31 50.57 -11.87
CA PHE C 477 -24.08 50.12 -10.72
C PHE C 477 -23.75 51.01 -9.51
N TYR C 478 -22.46 51.23 -9.26
CA TYR C 478 -22.01 52.08 -8.17
C TYR C 478 -22.69 53.45 -8.20
N ASN C 479 -22.53 54.18 -9.28
CA ASN C 479 -23.14 55.50 -9.37
C ASN C 479 -24.67 55.42 -9.24
N PHE C 480 -25.25 54.28 -9.62
CA PHE C 480 -26.69 54.11 -9.44
C PHE C 480 -27.06 53.89 -7.98
N LEU C 481 -26.19 53.24 -7.21
CA LEU C 481 -26.49 52.95 -5.82
C LEU C 481 -26.42 54.21 -4.94
N ASN C 482 -25.39 55.04 -5.11
CA ASN C 482 -25.30 56.32 -4.40
C ASN C 482 -26.48 57.24 -4.73
N ASP C 483 -26.79 58.14 -3.79
CA ASP C 483 -28.02 58.95 -3.86
C ASP C 483 -29.17 58.25 -4.61
N LEU C 484 -29.58 57.14 -3.99
CA LEU C 484 -30.72 56.30 -4.36
C LEU C 484 -31.51 56.26 -3.06
N THR C 485 -32.72 56.80 -3.06
CA THR C 485 -33.49 56.84 -1.82
C THR C 485 -34.91 56.37 -2.08
N PHE C 486 -35.39 55.45 -1.26
CA PHE C 486 -36.77 55.00 -1.38
C PHE C 486 -37.73 55.70 -0.42
N GLU C 494 -33.02 54.64 2.14
CA GLU C 494 -31.88 55.24 1.42
C GLU C 494 -30.65 54.31 1.42
N VAL C 495 -29.90 54.33 0.32
CA VAL C 495 -28.87 53.33 0.02
C VAL C 495 -27.46 53.92 0.13
N HIS C 496 -26.52 53.07 0.59
CA HIS C 496 -25.15 53.49 0.84
C HIS C 496 -24.15 52.41 0.39
N THR C 497 -23.12 52.83 -0.35
CA THR C 497 -22.08 51.93 -0.85
C THR C 497 -20.95 51.80 0.15
N LEU C 498 -20.30 50.64 0.14
CA LEU C 498 -19.30 50.34 1.14
C LEU C 498 -18.01 51.12 0.92
N THR C 499 -17.30 50.78 -0.14
CA THR C 499 -16.09 51.48 -0.55
C THR C 499 -16.15 51.67 -2.06
N HIS C 500 -15.27 52.51 -2.59
CA HIS C 500 -15.16 52.53 -4.03
C HIS C 500 -14.61 51.17 -4.45
N PRO C 501 -15.19 50.52 -5.46
CA PRO C 501 -14.73 49.18 -5.82
C PRO C 501 -13.35 49.21 -6.45
N ASP C 502 -12.44 48.42 -5.88
CA ASP C 502 -11.14 48.23 -6.49
C ASP C 502 -11.25 47.45 -7.79
N PHE C 503 -12.37 46.76 -8.01
CA PHE C 503 -12.48 45.89 -9.16
C PHE C 503 -13.89 45.99 -9.73
N ASN C 504 -14.66 44.89 -9.66
CA ASN C 504 -16.01 44.89 -10.21
C ASN C 504 -17.05 44.49 -9.17
N MET C 505 -16.67 44.45 -7.89
CA MET C 505 -17.58 44.07 -6.83
C MET C 505 -18.02 45.32 -6.08
N VAL C 506 -19.33 45.47 -5.95
CA VAL C 506 -19.94 46.65 -5.35
C VAL C 506 -20.75 46.17 -4.17
N ASP C 507 -20.29 46.48 -2.97
CA ASP C 507 -21.02 46.20 -1.75
C ASP C 507 -21.84 47.43 -1.35
N TYR C 508 -22.97 47.19 -0.71
CA TYR C 508 -23.88 48.29 -0.41
C TYR C 508 -24.82 47.85 0.70
N VAL C 509 -25.41 48.85 1.35
CA VAL C 509 -26.34 48.62 2.49
C VAL C 509 -27.56 49.50 2.32
N PHE C 510 -28.67 49.10 2.91
CA PHE C 510 -29.90 49.93 2.91
C PHE C 510 -30.06 50.40 4.35
N LYS C 511 -30.38 51.68 4.55
CA LYS C 511 -30.49 52.24 5.92
C LYS C 511 -31.65 53.22 6.00
N GLU C 512 -32.30 53.33 7.16
CA GLU C 512 -33.33 54.37 7.33
C GLU C 512 -32.60 55.67 7.62
N LYS C 513 -33.01 56.79 7.05
CA LYS C 513 -32.25 58.05 7.20
C LYS C 513 -32.05 58.43 8.68
N GLY C 514 -32.89 57.96 9.61
CA GLY C 514 -32.75 58.40 11.00
C GLY C 514 -32.69 57.29 12.03
N ASN C 515 -32.51 56.03 11.63
CA ASN C 515 -32.33 54.96 12.65
C ASN C 515 -30.84 54.76 12.86
N ASP C 516 -30.45 54.29 14.05
CA ASP C 516 -29.02 54.15 14.39
C ASP C 516 -28.80 52.77 15.00
N ASP C 517 -29.75 51.86 14.81
CA ASP C 517 -29.55 50.47 15.30
C ASP C 517 -28.80 49.70 14.21
N LEU C 518 -27.63 49.18 14.57
CA LEU C 518 -26.82 48.43 13.57
C LEU C 518 -27.54 47.12 13.29
N VAL C 519 -28.04 46.47 14.33
CA VAL C 519 -28.79 45.19 14.16
C VAL C 519 -30.07 45.40 13.33
N ALA C 520 -30.63 46.62 13.33
CA ALA C 520 -31.84 46.92 12.52
C ALA C 520 -31.46 47.12 11.06
N MET C 521 -30.42 47.91 10.79
CA MET C 521 -29.95 48.08 9.41
C MET C 521 -29.51 46.70 8.94
N ASN C 522 -28.91 45.93 9.84
CA ASN C 522 -28.46 44.57 9.49
C ASN C 522 -29.69 43.72 9.16
N LYS C 523 -30.83 44.04 9.77
CA LYS C 523 -32.06 43.25 9.54
C LYS C 523 -32.65 43.67 8.19
N LEU C 524 -32.69 44.97 7.92
CA LEU C 524 -33.17 45.47 6.61
C LEU C 524 -32.41 44.72 5.53
N ASN C 525 -31.09 44.65 5.65
CA ASN C 525 -30.26 44.07 4.57
C ASN C 525 -30.45 42.56 4.51
N HIS C 526 -30.70 41.90 5.64
CA HIS C 526 -30.79 40.42 5.58
C HIS C 526 -32.13 40.05 4.96
N ASP C 527 -33.10 40.93 5.11
CA ASP C 527 -34.47 40.63 4.62
C ASP C 527 -34.55 41.03 3.15
N VAL C 528 -33.79 42.03 2.74
CA VAL C 528 -33.80 42.33 1.28
C VAL C 528 -33.06 41.21 0.57
N TYR C 529 -32.03 40.64 1.19
CA TYR C 529 -31.41 39.46 0.54
C TYR C 529 -32.47 38.38 0.48
N ASP C 530 -33.21 38.19 1.57
CA ASP C 530 -34.18 37.10 1.58
C ASP C 530 -35.17 37.26 0.42
N TYR C 531 -35.68 38.47 0.22
CA TYR C 531 -36.57 38.68 -0.91
C TYR C 531 -35.85 38.71 -2.24
N ALA C 532 -34.53 38.89 -2.25
CA ALA C 532 -33.76 38.91 -3.49
C ALA C 532 -32.84 37.70 -3.58
N SER C 533 -33.36 36.53 -3.22
CA SER C 533 -32.61 35.28 -3.33
C SER C 533 -33.60 34.12 -3.38
N TYR C 534 -33.06 32.90 -3.38
CA TYR C 534 -33.88 31.69 -3.42
C TYR C 534 -34.70 31.50 -2.14
N VAL C 535 -34.43 32.28 -1.10
CA VAL C 535 -35.13 32.15 0.18
C VAL C 535 -36.62 32.44 0.01
N LYS C 536 -36.96 33.65 -0.41
CA LYS C 536 -38.36 34.07 -0.49
C LYS C 536 -38.81 33.95 -1.94
N GLY C 537 -39.68 32.99 -2.21
CA GLY C 537 -40.33 32.90 -3.49
C GLY C 537 -39.63 31.92 -4.41
N ASN C 538 -40.10 31.94 -5.65
CA ASN C 538 -39.46 31.24 -6.74
C ASN C 538 -38.37 32.14 -7.32
N ILE C 539 -37.15 31.60 -7.43
CA ILE C 539 -36.01 32.35 -7.96
C ILE C 539 -36.30 32.80 -9.39
N TYR C 540 -37.15 32.06 -10.09
CA TYR C 540 -37.54 32.34 -11.47
C TYR C 540 -38.48 33.54 -11.61
N ASN C 541 -38.96 34.12 -10.50
CA ASN C 541 -39.71 35.39 -10.43
C ASN C 541 -39.06 36.53 -9.67
N ASN C 542 -37.77 36.47 -9.35
CA ASN C 542 -37.32 37.46 -8.38
C ASN C 542 -37.30 38.88 -8.96
N GLU C 543 -36.83 39.06 -10.18
CA GLU C 543 -36.69 40.39 -10.78
C GLU C 543 -35.43 41.08 -10.32
N PHE C 544 -34.85 40.64 -9.22
CA PHE C 544 -33.60 41.22 -8.73
C PHE C 544 -32.97 40.26 -7.75
N ILE C 545 -31.73 39.87 -8.00
CA ILE C 545 -31.05 38.88 -7.19
C ILE C 545 -29.71 39.45 -6.80
N THR C 546 -29.29 39.22 -5.55
CA THR C 546 -28.01 39.68 -5.02
C THR C 546 -27.47 38.62 -4.08
N SER C 547 -26.21 38.78 -3.69
CA SER C 547 -25.70 37.98 -2.59
C SER C 547 -25.50 38.89 -1.38
N HIS C 548 -25.13 38.28 -0.27
CA HIS C 548 -25.06 39.04 0.97
C HIS C 548 -24.01 38.37 1.83
N THR C 549 -23.29 39.18 2.60
CA THR C 549 -22.32 38.64 3.52
C THR C 549 -22.27 39.58 4.72
N ASP C 550 -21.70 39.07 5.81
CA ASP C 550 -21.63 39.79 7.06
C ASP C 550 -20.20 40.25 7.31
N PHE C 551 -20.03 41.53 7.66
CA PHE C 551 -18.76 42.04 8.15
C PHE C 551 -18.79 41.94 9.67
N ALA C 552 -18.20 40.87 10.20
CA ALA C 552 -18.19 40.55 11.64
C ALA C 552 -16.80 40.73 12.26
N ILE C 553 -16.78 41.34 13.44
CA ILE C 553 -15.57 41.68 14.20
C ILE C 553 -14.59 40.52 14.30
N PRO C 554 -15.06 39.29 14.50
CA PRO C 554 -14.10 38.17 14.53
C PRO C 554 -13.26 38.10 13.27
N ASP C 555 -13.78 38.58 12.13
CA ASP C 555 -13.07 38.48 10.86
C ASP C 555 -12.59 39.80 10.31
N TYR C 556 -13.37 40.84 10.52
CA TYR C 556 -13.08 42.16 9.90
C TYR C 556 -12.47 43.14 10.91
N GLY C 557 -12.54 42.84 12.20
CA GLY C 557 -12.04 43.79 13.20
C GLY C 557 -12.91 45.02 13.21
N ASN C 558 -12.31 46.19 13.29
CA ASN C 558 -13.09 47.45 13.24
C ASN C 558 -12.83 48.09 11.88
N SER C 559 -12.43 47.29 10.90
CA SER C 559 -12.29 47.84 9.52
C SER C 559 -13.57 48.48 9.02
N PRO C 560 -14.80 48.00 9.31
CA PRO C 560 -15.99 48.71 8.85
C PRO C 560 -16.44 49.87 9.72
N LEU C 561 -15.68 50.23 10.76
CA LEU C 561 -16.12 51.28 11.70
C LEU C 561 -16.20 52.63 10.97
N LYS C 562 -15.19 52.93 10.17
CA LYS C 562 -15.22 54.19 9.39
C LYS C 562 -16.49 54.20 8.56
N PHE C 563 -16.86 53.05 8.02
CA PHE C 563 -18.06 52.98 7.17
C PHE C 563 -19.31 53.16 8.04
N VAL C 564 -19.35 52.50 9.20
CA VAL C 564 -20.57 52.58 10.05
C VAL C 564 -20.76 54.02 10.54
N ASN C 565 -19.76 54.91 10.37
CA ASN C 565 -19.87 56.35 10.70
C ASN C 565 -20.99 56.60 11.73
N ASP C 571 -20.64 53.48 17.12
CA ASP C 571 -19.35 53.01 17.67
C ASP C 571 -19.63 51.99 18.77
N GLU C 572 -20.55 52.32 19.68
CA GLU C 572 -20.97 51.31 20.68
C GLU C 572 -21.80 50.31 19.91
N GLU C 573 -22.68 50.82 19.06
CA GLU C 573 -23.52 49.95 18.22
C GLU C 573 -22.62 48.94 17.54
N TRP C 574 -21.46 49.38 17.06
CA TRP C 574 -20.54 48.47 16.33
C TRP C 574 -20.21 47.27 17.20
N ASN C 575 -19.84 47.49 18.46
CA ASN C 575 -19.38 46.37 19.33
C ASN C 575 -20.58 45.57 19.84
N ARG C 576 -21.73 46.22 20.01
CA ARG C 576 -22.94 45.46 20.41
C ARG C 576 -23.35 44.52 19.29
N ALA C 577 -23.48 45.04 18.08
CA ALA C 577 -23.96 44.21 16.95
C ALA C 577 -22.88 43.20 16.60
N GLY C 578 -21.64 43.66 16.64
CA GLY C 578 -20.51 42.77 16.32
C GLY C 578 -20.38 42.58 14.84
N LYS C 579 -21.23 43.25 14.07
CA LYS C 579 -21.21 43.00 12.62
C LYS C 579 -21.99 44.03 11.83
N VAL C 580 -21.66 44.15 10.54
CA VAL C 580 -22.50 44.98 9.62
C VAL C 580 -22.86 44.05 8.47
N THR C 581 -24.14 43.92 8.20
CA THR C 581 -24.57 43.11 7.07
C THR C 581 -24.54 43.96 5.81
N VAL C 582 -23.82 43.48 4.79
CA VAL C 582 -23.68 44.16 3.52
C VAL C 582 -24.10 43.22 2.40
N LEU C 583 -24.71 43.79 1.37
CA LEU C 583 -25.02 43.08 0.13
C LEU C 583 -23.88 43.27 -0.87
N ARG C 584 -23.42 42.17 -1.46
CA ARG C 584 -22.38 42.21 -2.47
C ARG C 584 -22.96 41.89 -3.84
N ALA C 585 -22.46 42.58 -4.85
CA ALA C 585 -22.81 42.37 -6.25
C ALA C 585 -21.51 42.20 -7.02
N ALA C 586 -21.17 40.96 -7.36
CA ALA C 586 -20.00 40.71 -8.19
C ALA C 586 -20.41 40.95 -9.64
N VAL C 587 -20.36 42.21 -10.06
CA VAL C 587 -20.92 42.53 -11.36
C VAL C 587 -20.14 41.85 -12.49
N MET C 588 -20.56 40.66 -12.91
CA MET C 588 -19.87 39.99 -14.01
C MET C 588 -20.62 40.05 -15.32
N THR C 589 -21.86 40.52 -15.33
CA THR C 589 -22.53 40.72 -16.60
C THR C 589 -21.68 41.58 -17.52
N PRO C 590 -21.57 41.24 -18.79
CA PRO C 590 -20.87 42.09 -19.76
C PRO C 590 -21.73 43.13 -20.45
N TYR C 591 -23.03 43.14 -20.19
CA TYR C 591 -23.98 43.90 -20.98
C TYR C 591 -24.28 45.28 -20.43
N MET C 592 -23.77 45.60 -19.25
CA MET C 592 -24.12 46.80 -18.52
C MET C 592 -23.03 47.87 -18.56
N ASN C 593 -22.01 47.69 -19.40
CA ASN C 593 -20.96 48.70 -19.51
C ASN C 593 -21.39 49.92 -20.31
N ASP C 594 -22.39 49.75 -21.16
CA ASP C 594 -22.94 50.82 -21.99
C ASP C 594 -23.99 51.56 -21.17
N LYS C 595 -23.79 52.87 -20.94
CA LYS C 595 -24.67 53.57 -20.02
C LYS C 595 -26.13 53.51 -20.47
N GLU C 596 -26.39 53.66 -21.76
CA GLU C 596 -27.78 53.62 -22.23
C GLU C 596 -28.43 52.29 -21.90
N GLU C 597 -27.67 51.21 -22.00
CA GLU C 597 -28.24 49.89 -21.72
C GLU C 597 -28.40 49.67 -20.24
N PHE C 598 -27.48 50.21 -19.42
CA PHE C 598 -27.68 50.20 -17.98
C PHE C 598 -28.95 50.95 -17.61
N ASP C 599 -29.20 52.09 -18.26
CA ASP C 599 -30.38 52.86 -17.91
C ASP C 599 -31.67 52.09 -18.21
N VAL C 600 -31.59 51.09 -19.08
CA VAL C 600 -32.76 50.26 -19.34
C VAL C 600 -33.08 49.43 -18.11
N TYR C 601 -32.06 48.92 -17.45
CA TYR C 601 -32.30 48.05 -16.31
C TYR C 601 -32.32 48.81 -14.99
N ALA C 602 -31.95 50.09 -15.00
CA ALA C 602 -32.00 50.89 -13.77
C ALA C 602 -33.41 50.96 -13.19
N PRO C 603 -34.43 51.37 -13.94
CA PRO C 603 -35.80 51.35 -13.39
C PRO C 603 -36.31 49.99 -13.00
N LYS C 604 -35.79 48.90 -13.58
CA LYS C 604 -36.25 47.57 -13.20
C LYS C 604 -35.62 47.06 -11.90
N ILE C 605 -34.44 47.55 -11.53
CA ILE C 605 -33.90 47.33 -10.19
C ILE C 605 -34.56 48.28 -9.21
N GLN C 606 -34.64 49.55 -9.62
CA GLN C 606 -35.28 50.57 -8.81
C GLN C 606 -36.73 50.16 -8.51
N ALA C 607 -37.45 49.67 -9.52
CA ALA C 607 -38.84 49.24 -9.30
C ALA C 607 -38.87 47.98 -8.46
N ALA C 608 -37.97 47.04 -8.72
CA ALA C 608 -37.95 45.82 -7.94
C ALA C 608 -37.56 46.09 -6.49
N LEU C 609 -36.71 47.11 -6.26
CA LEU C 609 -36.33 47.43 -4.90
C LEU C 609 -37.42 48.16 -4.13
N GLN C 610 -38.23 49.02 -4.77
CA GLN C 610 -39.30 49.63 -4.00
C GLN C 610 -40.29 48.57 -3.52
N GLU C 611 -40.75 47.72 -4.43
CA GLU C 611 -41.41 46.51 -3.95
C GLU C 611 -40.37 45.69 -3.21
N LYS C 612 -40.81 44.61 -2.58
CA LYS C 612 -39.85 43.83 -1.81
C LYS C 612 -39.43 44.59 -0.55
N LEU C 613 -39.13 45.89 -0.69
CA LEU C 613 -38.98 46.76 0.47
C LEU C 613 -40.35 47.00 1.09
N GLU C 614 -41.31 47.41 0.25
CA GLU C 614 -42.71 47.51 0.63
C GLU C 614 -43.24 46.21 1.23
N GLN C 615 -42.60 45.08 0.89
CA GLN C 615 -43.02 43.71 1.19
C GLN C 615 -44.44 43.67 1.81
C GKU D . 22.63 -44.09 15.92
OH GKU D . 27.48 -46.51 21.60
CZ GKU D . 26.46 -46.00 20.76
CE1 GKU D . 26.20 -44.63 20.75
CD1 GKU D . 25.19 -44.14 19.95
CE2 GKU D . 25.73 -46.87 19.96
CD2 GKU D . 24.74 -46.37 19.15
CG GKU D . 24.47 -45.01 19.16
CB GKU D . 23.40 -44.43 18.25
CA GKU D . 23.70 -44.80 16.78
N GKU D . 25.03 -44.48 16.25
C10 GKU D . 25.49 -45.55 15.31
H3 GKU D . 21.66 -44.19 16.38
H2 GKU D . 22.61 -44.54 14.93
H1 GKU D . 22.89 -43.03 15.83
H4 GKU D . 27.11 -46.75 22.42
H5 GKU D . 26.77 -43.95 21.38
H6 GKU D . 24.98 -43.08 19.94
H7 GKU D . 25.94 -47.94 19.97
H8 GKU D . 24.16 -47.04 18.51
H9 GKU D . 23.38 -43.35 18.36
H10 GKU D . 22.42 -44.82 18.53
H11 GKU D . 23.67 -45.87 16.76
H13 GKU D . 24.98 -43.62 15.74
H16 GKU D . 25.69 -46.46 15.88
H14 GKU D . 26.39 -45.23 14.81
H15 GKU D . 24.71 -45.76 14.59
C GKU E . -4.28 5.25 -13.87
OH GKU E . -6.36 7.24 -19.64
CZ GKU E . -6.05 7.32 -18.25
CE1 GKU E . -6.99 6.89 -17.31
CD1 GKU E . -6.70 6.94 -15.94
CE2 GKU E . -4.82 7.81 -17.80
CD2 GKU E . -4.55 7.88 -16.43
CG GKU E . -5.48 7.44 -15.48
CB GKU E . -5.17 7.52 -13.97
CA GKU E . -3.94 6.70 -13.50
N GKU E . -2.71 7.28 -14.07
C10 GKU E . -2.29 8.41 -13.23
H3 GKU E . -4.03 5.07 -14.91
H2 GKU E . -3.73 4.57 -13.23
H1 GKU E . -5.35 5.09 -13.74
H4 GKU E . -6.44 8.11 -20.00
H5 GKU E . -7.94 6.49 -17.65
H6 GKU E . -7.45 6.62 -15.22
H7 GKU E . -4.08 8.15 -18.52
H8 GKU E . -3.59 8.27 -16.10
H9 GKU E . -6.04 7.17 -13.43
H10 GKU E . -5.00 8.57 -13.71
H11 GKU E . -3.73 6.72 -12.43
H13 GKU E . -1.98 6.58 -14.10
H16 GKU E . -2.93 8.46 -12.36
H14 GKU E . -2.37 9.33 -13.81
H15 GKU E . -1.27 8.27 -12.91
C GKU F . -41.40 15.05 -23.56
OH GKU F . -36.65 20.57 -26.90
CZ GKU F . -37.62 19.60 -26.55
CE1 GKU F . -38.55 19.87 -25.56
CD1 GKU F . -39.52 18.93 -25.20
CE2 GKU F . -37.68 18.36 -27.18
CD2 GKU F . -38.65 17.41 -26.82
CG GKU F . -39.60 17.70 -25.83
CB GKU F . -40.65 16.65 -25.41
CA GKU F . -40.25 15.91 -24.11
N GKU F . -39.04 15.11 -24.38
C10 GKU F . -37.85 15.87 -24.03
H3 GKU F . -41.08 14.51 -22.68
H2 GKU F . -42.24 15.69 -23.31
H1 GKU F . -41.72 14.33 -24.32
H4 GKU F . -36.98 21.13 -27.60
H5 GKU F . -38.53 20.83 -25.05
H6 GKU F . -40.22 19.16 -24.41
H7 GKU F . -36.96 18.11 -27.94
H8 GKU F . -38.67 16.45 -27.32
H9 GKU F . -40.76 15.93 -26.21
H10 GKU F . -41.59 17.15 -25.24
H11 GKU F . -40.02 16.62 -23.33
H13 GKU F . -39.07 14.27 -23.83
H16 GKU F . -37.82 16.03 -22.96
H14 GKU F . -37.87 16.83 -24.55
H15 GKU F . -36.96 15.32 -24.34
C GKU G . -15.74 31.81 -2.86
OH GKU G . -22.26 30.85 -7.30
CZ GKU G . -21.01 30.82 -6.63
CE1 GKU G . -20.92 30.33 -5.32
CD1 GKU G . -19.70 30.31 -4.67
CE2 GKU G . -19.84 31.26 -7.28
CD2 GKU G . -18.62 31.23 -6.63
CG GKU G . -18.54 30.75 -5.32
CB GKU G . -17.20 30.71 -4.58
CA GKU G . -17.05 31.93 -3.64
N GKU G . -17.07 33.16 -4.43
C10 GKU G . -18.35 33.87 -4.28
H3 GKU G . -15.95 31.88 -1.79
H2 GKU G . -15.28 30.84 -3.07
H1 GKU G . -15.06 32.60 -3.16
H4 GKU G . -22.22 30.31 -8.07
H5 GKU G . -21.82 29.99 -4.81
H6 GKU G . -19.63 29.94 -3.66
H7 GKU G . -19.91 31.63 -8.30
H8 GKU G . -17.73 31.58 -7.14
H9 GKU G . -16.39 30.73 -5.30
H10 GKU G . -17.13 29.81 -4.00
H11 GKU G . -17.87 31.96 -2.94
H13 GKU G . -16.95 32.93 -5.40
H16 GKU G . -18.33 34.45 -3.36
H14 GKU G . -18.50 34.53 -5.13
H15 GKU G . -19.16 33.15 -4.24
#